data_1M4M
# 
_entry.id   1M4M 
# 
_audit_conform.dict_name       mmcif_pdbx.dic 
_audit_conform.dict_version    5.397 
_audit_conform.dict_location   http://mmcif.pdb.org/dictionaries/ascii/mmcif_pdbx.dic 
# 
loop_
_database_2.database_id 
_database_2.database_code 
_database_2.pdbx_database_accession 
_database_2.pdbx_DOI 
PDB   1M4M         pdb_00001m4m 10.2210/pdb1m4m/pdb 
RCSB  RCSB016591   ?            ?                   
WWPDB D_1000016591 ?            ?                   
# 
loop_
_pdbx_audit_revision_history.ordinal 
_pdbx_audit_revision_history.data_content_type 
_pdbx_audit_revision_history.major_revision 
_pdbx_audit_revision_history.minor_revision 
_pdbx_audit_revision_history.revision_date 
1 'Structure model' 1 0 2002-09-25 
2 'Structure model' 1 1 2008-04-28 
3 'Structure model' 1 2 2011-07-13 
4 'Structure model' 1 3 2024-10-30 
# 
_pdbx_audit_revision_details.ordinal             1 
_pdbx_audit_revision_details.revision_ordinal    1 
_pdbx_audit_revision_details.data_content_type   'Structure model' 
_pdbx_audit_revision_details.provider            repository 
_pdbx_audit_revision_details.type                'Initial release' 
_pdbx_audit_revision_details.description         ? 
_pdbx_audit_revision_details.details             ? 
# 
loop_
_pdbx_audit_revision_group.ordinal 
_pdbx_audit_revision_group.revision_ordinal 
_pdbx_audit_revision_group.data_content_type 
_pdbx_audit_revision_group.group 
1 2 'Structure model' 'Version format compliance' 
2 3 'Structure model' 'Derived calculations'      
3 3 'Structure model' 'Version format compliance' 
4 4 'Structure model' 'Data collection'           
5 4 'Structure model' 'Database references'       
6 4 'Structure model' 'Derived calculations'      
7 4 'Structure model' 'Structure summary'         
# 
loop_
_pdbx_audit_revision_category.ordinal 
_pdbx_audit_revision_category.revision_ordinal 
_pdbx_audit_revision_category.data_content_type 
_pdbx_audit_revision_category.category 
1 4 'Structure model' chem_comp_atom            
2 4 'Structure model' chem_comp_bond            
3 4 'Structure model' database_2                
4 4 'Structure model' pdbx_entry_details        
5 4 'Structure model' pdbx_modification_feature 
6 4 'Structure model' pdbx_struct_conn_angle    
7 4 'Structure model' struct_conn               
8 4 'Structure model' struct_site               
# 
loop_
_pdbx_audit_revision_item.ordinal 
_pdbx_audit_revision_item.revision_ordinal 
_pdbx_audit_revision_item.data_content_type 
_pdbx_audit_revision_item.item 
1  4 'Structure model' '_database_2.pdbx_DOI'                        
2  4 'Structure model' '_database_2.pdbx_database_accession'         
3  4 'Structure model' '_pdbx_struct_conn_angle.ptnr1_auth_comp_id'  
4  4 'Structure model' '_pdbx_struct_conn_angle.ptnr1_auth_seq_id'   
5  4 'Structure model' '_pdbx_struct_conn_angle.ptnr1_label_atom_id' 
6  4 'Structure model' '_pdbx_struct_conn_angle.ptnr1_label_comp_id' 
7  4 'Structure model' '_pdbx_struct_conn_angle.ptnr1_label_seq_id'  
8  4 'Structure model' '_pdbx_struct_conn_angle.ptnr1_symmetry'      
9  4 'Structure model' '_pdbx_struct_conn_angle.ptnr2_auth_seq_id'   
10 4 'Structure model' '_pdbx_struct_conn_angle.ptnr2_label_asym_id' 
11 4 'Structure model' '_pdbx_struct_conn_angle.ptnr3_auth_comp_id'  
12 4 'Structure model' '_pdbx_struct_conn_angle.ptnr3_auth_seq_id'   
13 4 'Structure model' '_pdbx_struct_conn_angle.ptnr3_label_atom_id' 
14 4 'Structure model' '_pdbx_struct_conn_angle.ptnr3_label_comp_id' 
15 4 'Structure model' '_pdbx_struct_conn_angle.ptnr3_label_seq_id'  
16 4 'Structure model' '_pdbx_struct_conn_angle.ptnr3_symmetry'      
17 4 'Structure model' '_pdbx_struct_conn_angle.value'               
18 4 'Structure model' '_struct_conn.pdbx_dist_value'                
19 4 'Structure model' '_struct_conn.ptnr1_auth_comp_id'             
20 4 'Structure model' '_struct_conn.ptnr1_auth_seq_id'              
21 4 'Structure model' '_struct_conn.ptnr1_label_asym_id'            
22 4 'Structure model' '_struct_conn.ptnr1_label_atom_id'            
23 4 'Structure model' '_struct_conn.ptnr1_label_comp_id'            
24 4 'Structure model' '_struct_conn.ptnr1_label_seq_id'             
25 4 'Structure model' '_struct_conn.ptnr1_symmetry'                 
26 4 'Structure model' '_struct_conn.ptnr2_auth_comp_id'             
27 4 'Structure model' '_struct_conn.ptnr2_auth_seq_id'              
28 4 'Structure model' '_struct_conn.ptnr2_label_asym_id'            
29 4 'Structure model' '_struct_conn.ptnr2_label_atom_id'            
30 4 'Structure model' '_struct_conn.ptnr2_label_comp_id'            
31 4 'Structure model' '_struct_conn.ptnr2_label_seq_id'             
32 4 'Structure model' '_struct_conn.ptnr2_symmetry'                 
33 4 'Structure model' '_struct_site.pdbx_auth_asym_id'              
34 4 'Structure model' '_struct_site.pdbx_auth_comp_id'              
35 4 'Structure model' '_struct_site.pdbx_auth_seq_id'               
# 
_pdbx_database_status.status_code                     REL 
_pdbx_database_status.entry_id                        1M4M 
_pdbx_database_status.recvd_initial_deposition_date   2002-07-03 
_pdbx_database_status.deposit_site                    RCSB 
_pdbx_database_status.process_site                    RCSB 
_pdbx_database_status.SG_entry                        . 
_pdbx_database_status.pdb_format_compatible           Y 
_pdbx_database_status.status_code_mr                  ? 
_pdbx_database_status.status_code_sf                  ? 
_pdbx_database_status.status_code_cs                  ? 
_pdbx_database_status.status_code_nmr_data            ? 
_pdbx_database_status.methods_development_category    ? 
# 
loop_
_audit_author.name 
_audit_author.pdbx_ordinal 
'Muchmore, S.W.'  1  
'Chen, J.'        2  
'Jakob, C.'       3  
'Zakula, D.'      4  
'Matayoshi, E.D.' 5  
'Wu, W.'          6  
'Zhang, H.'       7  
'Li, F.'          8  
'Ng, S.C.'        9  
'Altieri, D.C.'   10 
# 
_citation.id                        primary 
_citation.title                     'CRYSTAL STRUCTURE AND MUTAGENIC ANALYSIS OF THE INHIBITOR-OF-APOPTOSIS PROTEIN SURVIVIN' 
_citation.journal_abbrev            MOL.CELL 
_citation.journal_volume            6 
_citation.page_first                173 
_citation.page_last                 182 
_citation.year                      2000 
_citation.journal_id_ASTM           MOCEFL 
_citation.country                   US 
_citation.journal_id_ISSN           1097-2765 
_citation.journal_id_CSD            2168 
_citation.book_publisher            ? 
_citation.pdbx_database_id_PubMed   10949038 
_citation.pdbx_database_id_DOI      '10.1016/S1097-2765(00)00018-6' 
# 
loop_
_citation_author.citation_id 
_citation_author.name 
_citation_author.ordinal 
_citation_author.identifier_ORCID 
primary 'Muchmore, S.W.'  1  ? 
primary 'Chen, J.'        2  ? 
primary 'Jakob, C.'       3  ? 
primary 'Zakula, D.'      4  ? 
primary 'Matayoshi, E.D.' 5  ? 
primary 'Wu, W.'          6  ? 
primary 'Zhang, H.'       7  ? 
primary 'Li, F.'          8  ? 
primary 'Ng, S.C.'        9  ? 
primary 'Altieri, D.C.'   10 ? 
# 
loop_
_entity.id 
_entity.type 
_entity.src_method 
_entity.pdbx_description 
_entity.formula_weight 
_entity.pdbx_number_of_molecules 
_entity.pdbx_ec 
_entity.pdbx_mutation 
_entity.pdbx_fragment 
_entity.details 
1 polymer     man 'BACULOVIRAL IAP REPEAT-CONTAINING PROTEIN 5' 16319.548 1 ? ? ? ? 
2 non-polymer syn 'ZINC ION'                                    65.409    2 ? ? ? ? 
# 
_entity_name_com.entity_id   1 
_entity_name_com.name        'Apoptosis inhibitor survivin, Apoptosis inhibitor 4, TIAP' 
# 
_entity_poly.entity_id                      1 
_entity_poly.type                           'polypeptide(L)' 
_entity_poly.nstd_linkage                   no 
_entity_poly.nstd_monomer                   no 
_entity_poly.pdbx_seq_one_letter_code       
;MGAPALPQIWQLYLKNYRIATFKNWPFLEDCACTPERMAEAGFIHCPTENEPDLAQCFFCFKELEGWEPDDNPIEEHRKH
SPGCAFLTVKKQMEELTVSEFLKLDRQRAKNKIAKETNNKQKEFEETAKTTRQSIEQLAA
;
_entity_poly.pdbx_seq_one_letter_code_can   
;MGAPALPQIWQLYLKNYRIATFKNWPFLEDCACTPERMAEAGFIHCPTENEPDLAQCFFCFKELEGWEPDDNPIEEHRKH
SPGCAFLTVKKQMEELTVSEFLKLDRQRAKNKIAKETNNKQKEFEETAKTTRQSIEQLAA
;
_entity_poly.pdbx_strand_id                 A 
_entity_poly.pdbx_target_identifier         ? 
# 
_pdbx_entity_nonpoly.entity_id   2 
_pdbx_entity_nonpoly.name        'ZINC ION' 
_pdbx_entity_nonpoly.comp_id     ZN 
# 
loop_
_entity_poly_seq.entity_id 
_entity_poly_seq.num 
_entity_poly_seq.mon_id 
_entity_poly_seq.hetero 
1 1   MET n 
1 2   GLY n 
1 3   ALA n 
1 4   PRO n 
1 5   ALA n 
1 6   LEU n 
1 7   PRO n 
1 8   GLN n 
1 9   ILE n 
1 10  TRP n 
1 11  GLN n 
1 12  LEU n 
1 13  TYR n 
1 14  LEU n 
1 15  LYS n 
1 16  ASN n 
1 17  TYR n 
1 18  ARG n 
1 19  ILE n 
1 20  ALA n 
1 21  THR n 
1 22  PHE n 
1 23  LYS n 
1 24  ASN n 
1 25  TRP n 
1 26  PRO n 
1 27  PHE n 
1 28  LEU n 
1 29  GLU n 
1 30  ASP n 
1 31  CYS n 
1 32  ALA n 
1 33  CYS n 
1 34  THR n 
1 35  PRO n 
1 36  GLU n 
1 37  ARG n 
1 38  MET n 
1 39  ALA n 
1 40  GLU n 
1 41  ALA n 
1 42  GLY n 
1 43  PHE n 
1 44  ILE n 
1 45  HIS n 
1 46  CYS n 
1 47  PRO n 
1 48  THR n 
1 49  GLU n 
1 50  ASN n 
1 51  GLU n 
1 52  PRO n 
1 53  ASP n 
1 54  LEU n 
1 55  ALA n 
1 56  GLN n 
1 57  CYS n 
1 58  PHE n 
1 59  PHE n 
1 60  CYS n 
1 61  PHE n 
1 62  LYS n 
1 63  GLU n 
1 64  LEU n 
1 65  GLU n 
1 66  GLY n 
1 67  TRP n 
1 68  GLU n 
1 69  PRO n 
1 70  ASP n 
1 71  ASP n 
1 72  ASN n 
1 73  PRO n 
1 74  ILE n 
1 75  GLU n 
1 76  GLU n 
1 77  HIS n 
1 78  ARG n 
1 79  LYS n 
1 80  HIS n 
1 81  SER n 
1 82  PRO n 
1 83  GLY n 
1 84  CYS n 
1 85  ALA n 
1 86  PHE n 
1 87  LEU n 
1 88  THR n 
1 89  VAL n 
1 90  LYS n 
1 91  LYS n 
1 92  GLN n 
1 93  MET n 
1 94  GLU n 
1 95  GLU n 
1 96  LEU n 
1 97  THR n 
1 98  VAL n 
1 99  SER n 
1 100 GLU n 
1 101 PHE n 
1 102 LEU n 
1 103 LYS n 
1 104 LEU n 
1 105 ASP n 
1 106 ARG n 
1 107 GLN n 
1 108 ARG n 
1 109 ALA n 
1 110 LYS n 
1 111 ASN n 
1 112 LYS n 
1 113 ILE n 
1 114 ALA n 
1 115 LYS n 
1 116 GLU n 
1 117 THR n 
1 118 ASN n 
1 119 ASN n 
1 120 LYS n 
1 121 GLN n 
1 122 LYS n 
1 123 GLU n 
1 124 PHE n 
1 125 GLU n 
1 126 GLU n 
1 127 THR n 
1 128 ALA n 
1 129 LYS n 
1 130 THR n 
1 131 THR n 
1 132 ARG n 
1 133 GLN n 
1 134 SER n 
1 135 ILE n 
1 136 GLU n 
1 137 GLN n 
1 138 LEU n 
1 139 ALA n 
1 140 ALA n 
# 
_entity_src_gen.entity_id                          1 
_entity_src_gen.pdbx_src_id                        1 
_entity_src_gen.pdbx_alt_source_flag               sample 
_entity_src_gen.pdbx_seq_type                      ? 
_entity_src_gen.pdbx_beg_seq_num                   ? 
_entity_src_gen.pdbx_end_seq_num                   ? 
_entity_src_gen.gene_src_common_name               'house mouse' 
_entity_src_gen.gene_src_genus                     Mus 
_entity_src_gen.pdbx_gene_src_gene                 ? 
_entity_src_gen.gene_src_species                   ? 
_entity_src_gen.gene_src_strain                    ? 
_entity_src_gen.gene_src_tissue                    ? 
_entity_src_gen.gene_src_tissue_fraction           ? 
_entity_src_gen.gene_src_details                   ? 
_entity_src_gen.pdbx_gene_src_fragment             ? 
_entity_src_gen.pdbx_gene_src_scientific_name      'Mus musculus' 
_entity_src_gen.pdbx_gene_src_ncbi_taxonomy_id     10090 
_entity_src_gen.pdbx_gene_src_variant              ? 
_entity_src_gen.pdbx_gene_src_cell_line            ? 
_entity_src_gen.pdbx_gene_src_atcc                 ? 
_entity_src_gen.pdbx_gene_src_organ                ? 
_entity_src_gen.pdbx_gene_src_organelle            ? 
_entity_src_gen.pdbx_gene_src_cell                 ? 
_entity_src_gen.pdbx_gene_src_cellular_location    ? 
_entity_src_gen.host_org_common_name               ? 
_entity_src_gen.pdbx_host_org_scientific_name      'Escherichia coli' 
_entity_src_gen.pdbx_host_org_ncbi_taxonomy_id     562 
_entity_src_gen.host_org_genus                     Escherichia 
_entity_src_gen.pdbx_host_org_gene                 ? 
_entity_src_gen.pdbx_host_org_organ                ? 
_entity_src_gen.host_org_species                   ? 
_entity_src_gen.pdbx_host_org_tissue               ? 
_entity_src_gen.pdbx_host_org_tissue_fraction      ? 
_entity_src_gen.pdbx_host_org_strain               DH5alpha 
_entity_src_gen.pdbx_host_org_variant              ? 
_entity_src_gen.pdbx_host_org_cell_line            ? 
_entity_src_gen.pdbx_host_org_atcc                 ? 
_entity_src_gen.pdbx_host_org_culture_collection   ? 
_entity_src_gen.pdbx_host_org_cell                 ? 
_entity_src_gen.pdbx_host_org_organelle            ? 
_entity_src_gen.pdbx_host_org_cellular_location    ? 
_entity_src_gen.pdbx_host_org_vector_type          plasmid 
_entity_src_gen.pdbx_host_org_vector               ? 
_entity_src_gen.host_org_details                   ? 
_entity_src_gen.expression_system_id               ? 
_entity_src_gen.plasmid_name                       PGEX-4T-1 
_entity_src_gen.plasmid_details                    ? 
_entity_src_gen.pdbx_description                   ? 
# 
loop_
_chem_comp.id 
_chem_comp.type 
_chem_comp.mon_nstd_flag 
_chem_comp.name 
_chem_comp.pdbx_synonyms 
_chem_comp.formula 
_chem_comp.formula_weight 
ALA 'L-peptide linking' y ALANINE         ? 'C3 H7 N O2'     89.093  
ARG 'L-peptide linking' y ARGININE        ? 'C6 H15 N4 O2 1' 175.209 
ASN 'L-peptide linking' y ASPARAGINE      ? 'C4 H8 N2 O3'    132.118 
ASP 'L-peptide linking' y 'ASPARTIC ACID' ? 'C4 H7 N O4'     133.103 
CYS 'L-peptide linking' y CYSTEINE        ? 'C3 H7 N O2 S'   121.158 
GLN 'L-peptide linking' y GLUTAMINE       ? 'C5 H10 N2 O3'   146.144 
GLU 'L-peptide linking' y 'GLUTAMIC ACID' ? 'C5 H9 N O4'     147.129 
GLY 'peptide linking'   y GLYCINE         ? 'C2 H5 N O2'     75.067  
HIS 'L-peptide linking' y HISTIDINE       ? 'C6 H10 N3 O2 1' 156.162 
ILE 'L-peptide linking' y ISOLEUCINE      ? 'C6 H13 N O2'    131.173 
LEU 'L-peptide linking' y LEUCINE         ? 'C6 H13 N O2'    131.173 
LYS 'L-peptide linking' y LYSINE          ? 'C6 H15 N2 O2 1' 147.195 
MET 'L-peptide linking' y METHIONINE      ? 'C5 H11 N O2 S'  149.211 
PHE 'L-peptide linking' y PHENYLALANINE   ? 'C9 H11 N O2'    165.189 
PRO 'L-peptide linking' y PROLINE         ? 'C5 H9 N O2'     115.130 
SER 'L-peptide linking' y SERINE          ? 'C3 H7 N O3'     105.093 
THR 'L-peptide linking' y THREONINE       ? 'C4 H9 N O3'     119.119 
TRP 'L-peptide linking' y TRYPTOPHAN      ? 'C11 H12 N2 O2'  204.225 
TYR 'L-peptide linking' y TYROSINE        ? 'C9 H11 N O3'    181.189 
VAL 'L-peptide linking' y VALINE          ? 'C5 H11 N O2'    117.146 
ZN  non-polymer         . 'ZINC ION'      ? 'Zn 2'           65.409  
# 
loop_
_pdbx_poly_seq_scheme.asym_id 
_pdbx_poly_seq_scheme.entity_id 
_pdbx_poly_seq_scheme.seq_id 
_pdbx_poly_seq_scheme.mon_id 
_pdbx_poly_seq_scheme.ndb_seq_num 
_pdbx_poly_seq_scheme.pdb_seq_num 
_pdbx_poly_seq_scheme.auth_seq_num 
_pdbx_poly_seq_scheme.pdb_mon_id 
_pdbx_poly_seq_scheme.auth_mon_id 
_pdbx_poly_seq_scheme.pdb_strand_id 
_pdbx_poly_seq_scheme.pdb_ins_code 
_pdbx_poly_seq_scheme.hetero 
A 1 1   MET 1   1   ?   ?   ?   A . n 
A 1 2   GLY 2   2   ?   ?   ?   A . n 
A 1 3   ALA 3   3   ?   ?   ?   A . n 
A 1 4   PRO 4   4   ?   ?   ?   A . n 
A 1 5   ALA 5   5   ?   ?   ?   A . n 
A 1 6   LEU 6   6   ?   ?   ?   A . n 
A 1 7   PRO 7   7   7   PRO PRO A . n 
A 1 8   GLN 8   8   8   GLN GLN A . n 
A 1 9   ILE 9   9   9   ILE ILE A . n 
A 1 10  TRP 10  10  10  TRP TRP A . n 
A 1 11  GLN 11  11  11  GLN GLN A . n 
A 1 12  LEU 12  12  12  LEU LEU A . n 
A 1 13  TYR 13  13  13  TYR TYR A . n 
A 1 14  LEU 14  14  14  LEU LEU A . n 
A 1 15  LYS 15  15  15  LYS LYS A . n 
A 1 16  ASN 16  16  16  ASN ASN A . n 
A 1 17  TYR 17  17  17  TYR TYR A . n 
A 1 18  ARG 18  18  18  ARG ARG A . n 
A 1 19  ILE 19  19  19  ILE ILE A . n 
A 1 20  ALA 20  20  20  ALA ALA A . n 
A 1 21  THR 21  21  21  THR THR A . n 
A 1 22  PHE 22  22  22  PHE PHE A . n 
A 1 23  LYS 23  23  23  LYS LYS A . n 
A 1 24  ASN 24  24  24  ASN ASN A . n 
A 1 25  TRP 25  25  25  TRP TRP A . n 
A 1 26  PRO 26  26  26  PRO PRO A . n 
A 1 27  PHE 27  27  27  PHE PHE A . n 
A 1 28  LEU 28  28  28  LEU LEU A . n 
A 1 29  GLU 29  29  29  GLU GLU A . n 
A 1 30  ASP 30  30  30  ASP ASP A . n 
A 1 31  CYS 31  31  31  CYS CYS A . n 
A 1 32  ALA 32  32  32  ALA ALA A . n 
A 1 33  CYS 33  33  33  CYS CYS A . n 
A 1 34  THR 34  34  34  THR THR A . n 
A 1 35  PRO 35  35  35  PRO PRO A . n 
A 1 36  GLU 36  36  36  GLU GLU A . n 
A 1 37  ARG 37  37  37  ARG ARG A . n 
A 1 38  MET 38  38  38  MET MET A . n 
A 1 39  ALA 39  39  39  ALA ALA A . n 
A 1 40  GLU 40  40  40  GLU GLU A . n 
A 1 41  ALA 41  41  41  ALA ALA A . n 
A 1 42  GLY 42  42  42  GLY GLY A . n 
A 1 43  PHE 43  43  43  PHE PHE A . n 
A 1 44  ILE 44  44  44  ILE ILE A . n 
A 1 45  HIS 45  45  45  HIS HIS A . n 
A 1 46  CYS 46  46  46  CYS CYS A . n 
A 1 47  PRO 47  47  47  PRO PRO A . n 
A 1 48  THR 48  48  48  THR THR A . n 
A 1 49  GLU 49  49  49  GLU GLU A . n 
A 1 50  ASN 50  50  50  ASN ASN A . n 
A 1 51  GLU 51  51  51  GLU GLU A . n 
A 1 52  PRO 52  52  52  PRO PRO A . n 
A 1 53  ASP 53  53  53  ASP ASP A . n 
A 1 54  LEU 54  54  54  LEU LEU A . n 
A 1 55  ALA 55  55  55  ALA ALA A . n 
A 1 56  GLN 56  56  56  GLN GLN A . n 
A 1 57  CYS 57  57  57  CYS CYS A . n 
A 1 58  PHE 58  58  58  PHE PHE A . n 
A 1 59  PHE 59  59  59  PHE PHE A . n 
A 1 60  CYS 60  60  60  CYS CYS A . n 
A 1 61  PHE 61  61  61  PHE PHE A . n 
A 1 62  LYS 62  62  62  LYS LYS A . n 
A 1 63  GLU 63  63  63  GLU GLU A . n 
A 1 64  LEU 64  64  64  LEU LEU A . n 
A 1 65  GLU 65  65  65  GLU GLU A . n 
A 1 66  GLY 66  66  66  GLY GLY A . n 
A 1 67  TRP 67  67  67  TRP TRP A . n 
A 1 68  GLU 68  68  68  GLU GLU A . n 
A 1 69  PRO 69  69  69  PRO PRO A . n 
A 1 70  ASP 70  70  70  ASP ASP A . n 
A 1 71  ASP 71  71  71  ASP ASP A . n 
A 1 72  ASN 72  72  72  ASN ASN A . n 
A 1 73  PRO 73  73  73  PRO PRO A . n 
A 1 74  ILE 74  74  74  ILE ILE A . n 
A 1 75  GLU 75  75  75  GLU GLU A . n 
A 1 76  GLU 76  76  76  GLU GLU A . n 
A 1 77  HIS 77  77  77  HIS HIS A . n 
A 1 78  ARG 78  78  78  ARG ARG A . n 
A 1 79  LYS 79  79  79  LYS LYS A . n 
A 1 80  HIS 80  80  80  HIS HIS A . n 
A 1 81  SER 81  81  81  SER SER A . n 
A 1 82  PRO 82  82  82  PRO PRO A . n 
A 1 83  GLY 83  83  83  GLY GLY A . n 
A 1 84  CYS 84  84  84  CYS CYS A . n 
A 1 85  ALA 85  85  85  ALA ALA A . n 
A 1 86  PHE 86  86  86  PHE PHE A . n 
A 1 87  LEU 87  87  87  LEU LEU A . n 
A 1 88  THR 88  88  88  THR THR A . n 
A 1 89  VAL 89  89  89  VAL VAL A . n 
A 1 90  LYS 90  90  90  LYS LYS A . n 
A 1 91  LYS 91  91  91  LYS LYS A . n 
A 1 92  GLN 92  92  92  GLN GLN A . n 
A 1 93  MET 93  93  93  MET MET A . n 
A 1 94  GLU 94  94  94  GLU GLU A . n 
A 1 95  GLU 95  95  95  GLU GLU A . n 
A 1 96  LEU 96  96  96  LEU LEU A . n 
A 1 97  THR 97  97  97  THR THR A . n 
A 1 98  VAL 98  98  98  VAL VAL A . n 
A 1 99  SER 99  99  99  SER SER A . n 
A 1 100 GLU 100 100 100 GLU GLU A . n 
A 1 101 PHE 101 101 101 PHE PHE A . n 
A 1 102 LEU 102 102 102 LEU LEU A . n 
A 1 103 LYS 103 103 103 LYS LYS A . n 
A 1 104 LEU 104 104 104 LEU LEU A . n 
A 1 105 ASP 105 105 105 ASP ASP A . n 
A 1 106 ARG 106 106 106 ARG ARG A . n 
A 1 107 GLN 107 107 107 GLN GLN A . n 
A 1 108 ARG 108 108 108 ARG ARG A . n 
A 1 109 ALA 109 109 109 ALA ALA A . n 
A 1 110 LYS 110 110 110 LYS LYS A . n 
A 1 111 ASN 111 111 111 ASN ASN A . n 
A 1 112 LYS 112 112 112 LYS LYS A . n 
A 1 113 ILE 113 113 113 ILE ILE A . n 
A 1 114 ALA 114 114 114 ALA ALA A . n 
A 1 115 LYS 115 115 115 LYS LYS A . n 
A 1 116 GLU 116 116 116 GLU GLU A . n 
A 1 117 THR 117 117 117 THR THR A . n 
A 1 118 ASN 118 118 118 ASN ASN A . n 
A 1 119 ASN 119 119 ?   ?   ?   A . n 
A 1 120 LYS 120 120 ?   ?   ?   A . n 
A 1 121 GLN 121 121 ?   ?   ?   A . n 
A 1 122 LYS 122 122 ?   ?   ?   A . n 
A 1 123 GLU 123 123 ?   ?   ?   A . n 
A 1 124 PHE 124 124 ?   ?   ?   A . n 
A 1 125 GLU 125 125 ?   ?   ?   A . n 
A 1 126 GLU 126 126 ?   ?   ?   A . n 
A 1 127 THR 127 127 ?   ?   ?   A . n 
A 1 128 ALA 128 128 ?   ?   ?   A . n 
A 1 129 LYS 129 129 ?   ?   ?   A . n 
A 1 130 THR 130 130 ?   ?   ?   A . n 
A 1 131 THR 131 131 ?   ?   ?   A . n 
A 1 132 ARG 132 132 ?   ?   ?   A . n 
A 1 133 GLN 133 133 ?   ?   ?   A . n 
A 1 134 SER 134 134 ?   ?   ?   A . n 
A 1 135 ILE 135 135 ?   ?   ?   A . n 
A 1 136 GLU 136 136 ?   ?   ?   A . n 
A 1 137 GLN 137 137 ?   ?   ?   A . n 
A 1 138 LEU 138 138 ?   ?   ?   A . n 
A 1 139 ALA 139 139 ?   ?   ?   A . n 
A 1 140 ALA 140 140 ?   ?   ?   A . n 
# 
loop_
_pdbx_nonpoly_scheme.asym_id 
_pdbx_nonpoly_scheme.entity_id 
_pdbx_nonpoly_scheme.mon_id 
_pdbx_nonpoly_scheme.ndb_seq_num 
_pdbx_nonpoly_scheme.pdb_seq_num 
_pdbx_nonpoly_scheme.auth_seq_num 
_pdbx_nonpoly_scheme.pdb_mon_id 
_pdbx_nonpoly_scheme.auth_mon_id 
_pdbx_nonpoly_scheme.pdb_strand_id 
_pdbx_nonpoly_scheme.pdb_ins_code 
B 2 ZN 1 501 501 ZN ZN2 A . 
C 2 ZN 1 502 502 ZN ZN2 A . 
# 
loop_
_software.name 
_software.classification 
_software.version 
_software.citation_id 
_software.pdbx_ordinal 
HKL-2000  'data collection' . ? 1 
SCALEPACK 'data scaling'    . ? 2 
SHARP     phasing           . ? 3 
CNX       refinement        . ? 4 
HKL-2000  'data reduction'  . ? 5 
# 
_cell.entry_id           1M4M 
_cell.length_a           41.43 
_cell.length_b           41.43 
_cell.length_c           291.34 
_cell.angle_alpha        90.0 
_cell.angle_beta         90.0 
_cell.angle_gamma        120.0 
_cell.pdbx_unique_axis   ? 
_cell.Z_PDB              12 
# 
_symmetry.entry_id                         1M4M 
_symmetry.space_group_name_H-M             'P 61 2 2' 
_symmetry.pdbx_full_space_group_name_H-M   ? 
_symmetry.Int_Tables_number                178 
_symmetry.cell_setting                     ? 
# 
_exptl.entry_id          1M4M 
_exptl.method            'X-RAY DIFFRACTION' 
_exptl.crystals_number   2 
# 
_exptl_crystal.id                    1 
_exptl_crystal.density_meas          ? 
_exptl_crystal.density_percent_sol   44.35 
_exptl_crystal.density_Matthews      2.21 
_exptl_crystal.description           ? 
# 
_exptl_crystal_grow.crystal_id      1 
_exptl_crystal_grow.method          'VAPOR DIFFUSION, HANGING DROP' 
_exptl_crystal_grow.temp            277 
_exptl_crystal_grow.temp_details    ? 
_exptl_crystal_grow.pH              7.5 
_exptl_crystal_grow.pdbx_details    
'Isopropanol, cacodylate potassium chloride, magnesium chloride, pH 7.5, VAPOR DIFFUSION, HANGING DROP, temperature 277K' 
_exptl_crystal_grow.pdbx_pH_range   ? 
# 
loop_
_diffrn.id 
_diffrn.ambient_temp 
_diffrn.ambient_temp_details 
_diffrn.crystal_id 
1   100 ? 1 
2   ?   ? 1 
1,2 ?   ? 1 
# 
_diffrn_detector.diffrn_id              1 
_diffrn_detector.detector               CCD 
_diffrn_detector.type                   'MAR CCD 165 mm' 
_diffrn_detector.pdbx_collection_date   2002-03-20 
_diffrn_detector.details                ? 
# 
loop_
_diffrn_radiation.diffrn_id 
_diffrn_radiation.wavelength_id 
_diffrn_radiation.pdbx_monochromatic_or_laue_m_l 
_diffrn_radiation.monochromator 
_diffrn_radiation.pdbx_diffrn_protocol 
_diffrn_radiation.pdbx_scattering_type 
1 1 M 'Si 111' MAD                 x-ray 
2 1 M 'Si 111' 'SINGLE WAVELENGTH' x-ray 
# 
loop_
_diffrn_radiation_wavelength.id 
_diffrn_radiation_wavelength.wavelength 
_diffrn_radiation_wavelength.wt 
1 1.2822 1.0 
2 1.2831 1.0 
3 1.2716 1.0 
4 1.200  1.0 
# 
loop_
_diffrn_source.diffrn_id 
_diffrn_source.source 
_diffrn_source.type 
_diffrn_source.pdbx_synchrotron_site 
_diffrn_source.pdbx_synchrotron_beamline 
_diffrn_source.pdbx_wavelength 
_diffrn_source.pdbx_wavelength_list 
1 SYNCHROTRON 'APS BEAMLINE 17-ID' APS 17-ID ? '1.2822, 1.2831, 1.2716' 
2 SYNCHROTRON 'APS BEAMLINE 17-ID' APS 17-ID ? 1.200                    
# 
_reflns.entry_id                     1M4M 
_reflns.observed_criterion_sigma_F   ? 
_reflns.observed_criterion_sigma_I   -3.0 
_reflns.d_resolution_high            2.7 
_reflns.d_resolution_low             50 
_reflns.number_all                   ? 
_reflns.number_obs                   4576 
_reflns.percent_possible_obs         97.2 
_reflns.pdbx_Rmerge_I_obs            0.043 
_reflns.pdbx_Rsym_value              ? 
_reflns.pdbx_netI_over_sigmaI        ? 
_reflns.B_iso_Wilson_estimate        ? 
_reflns.pdbx_redundancy              ? 
_reflns.R_free_details               ? 
_reflns.limit_h_max                  ? 
_reflns.limit_h_min                  ? 
_reflns.limit_k_max                  ? 
_reflns.limit_k_min                  ? 
_reflns.limit_l_max                  ? 
_reflns.limit_l_min                  ? 
_reflns.observed_criterion_F_max     ? 
_reflns.observed_criterion_F_min     ? 
_reflns.pdbx_ordinal                 1 
_reflns.pdbx_diffrn_id               1,2 
# 
_reflns_shell.d_res_high             2.7 
_reflns_shell.d_res_low              ? 
_reflns_shell.percent_possible_all   81. 
_reflns_shell.Rmerge_I_obs           ? 
_reflns_shell.pdbx_Rsym_value        ? 
_reflns_shell.meanI_over_sigI_obs    ? 
_reflns_shell.pdbx_redundancy        ? 
_reflns_shell.percent_possible_obs   ? 
_reflns_shell.number_unique_all      ? 
_reflns_shell.pdbx_ordinal           1 
_reflns_shell.pdbx_diffrn_id         1,2 
# 
_refine.entry_id                                 1M4M 
_refine.ls_d_res_high                            2.80 
_refine.ls_d_res_low                             50.00 
_refine.pdbx_ls_sigma_F                          2 
_refine.pdbx_ls_sigma_I                          ? 
_refine.ls_number_reflns_all                     ? 
_refine.ls_number_reflns_obs                     3891 
_refine.ls_number_reflns_R_free                  388 
_refine.ls_percent_reflns_obs                    94.1 
_refine.ls_R_factor_all                          ? 
_refine.ls_R_factor_obs                          ? 
_refine.ls_R_factor_R_work                       0.243 
_refine.ls_R_factor_R_free                       0.312 
_refine.ls_redundancy_reflns_obs                 ? 
_refine.pdbx_data_cutoff_high_absF               ? 
_refine.pdbx_data_cutoff_low_absF                ? 
_refine.ls_number_parameters                     ? 
_refine.ls_number_restraints                     ? 
_refine.ls_percent_reflns_R_free                 ? 
_refine.ls_R_factor_R_free_error                 ? 
_refine.ls_R_factor_R_free_error_details         ? 
_refine.pdbx_method_to_determine_struct          'AB INITIO PHASING' 
_refine.pdbx_starting_model                      ? 
_refine.pdbx_ls_cross_valid_method               ? 
_refine.pdbx_R_Free_selection_details            Random 
_refine.pdbx_stereochem_target_val_spec_case     ? 
_refine.pdbx_stereochemistry_target_values       'Engh & Huber' 
_refine.solvent_model_details                    ? 
_refine.solvent_model_param_bsol                 ? 
_refine.solvent_model_param_ksol                 ? 
_refine.occupancy_max                            ? 
_refine.occupancy_min                            ? 
_refine.pdbx_isotropic_thermal_model             ? 
_refine.B_iso_mean                               ? 
_refine.aniso_B[1][1]                            ? 
_refine.aniso_B[1][2]                            ? 
_refine.aniso_B[1][3]                            ? 
_refine.aniso_B[2][2]                            ? 
_refine.aniso_B[2][3]                            ? 
_refine.aniso_B[3][3]                            ? 
_refine.details                                  ? 
_refine.B_iso_min                                ? 
_refine.B_iso_max                                ? 
_refine.correlation_coeff_Fo_to_Fc               ? 
_refine.correlation_coeff_Fo_to_Fc_free          ? 
_refine.pdbx_solvent_vdw_probe_radii             ? 
_refine.pdbx_solvent_ion_probe_radii             ? 
_refine.pdbx_solvent_shrinkage_radii             ? 
_refine.overall_SU_R_Cruickshank_DPI             ? 
_refine.overall_SU_R_free                        ? 
_refine.overall_SU_B                             ? 
_refine.overall_SU_ML                            ? 
_refine.pdbx_overall_ESU_R                       ? 
_refine.pdbx_overall_ESU_R_Free                  ? 
_refine.pdbx_data_cutoff_high_rms_absF           ? 
_refine.pdbx_refine_id                           'X-RAY DIFFRACTION' 
_refine.pdbx_diffrn_id                           1 
_refine.pdbx_TLS_residual_ADP_flag               ? 
_refine.pdbx_overall_phase_error                 ? 
_refine.pdbx_overall_SU_R_free_Cruickshank_DPI   ? 
_refine.pdbx_overall_SU_R_Blow_DPI               ? 
_refine.pdbx_overall_SU_R_free_Blow_DPI          ? 
# 
_refine_hist.pdbx_refine_id                   'X-RAY DIFFRACTION' 
_refine_hist.cycle_id                         LAST 
_refine_hist.pdbx_number_atoms_protein        928 
_refine_hist.pdbx_number_atoms_nucleic_acid   0 
_refine_hist.pdbx_number_atoms_ligand         2 
_refine_hist.number_atoms_solvent             0 
_refine_hist.number_atoms_total               930 
_refine_hist.d_res_high                       2.80 
_refine_hist.d_res_low                        50.00 
# 
loop_
_refine_ls_restr.type 
_refine_ls_restr.dev_ideal 
_refine_ls_restr.dev_ideal_target 
_refine_ls_restr.weight 
_refine_ls_restr.number 
_refine_ls_restr.pdbx_refine_id 
_refine_ls_restr.pdbx_restraint_function 
c_bond_d    0.011 ? ? ? 'X-RAY DIFFRACTION' ? 
c_angle_deg 1.54  ? ? ? 'X-RAY DIFFRACTION' ? 
# 
_struct.entry_id                  1M4M 
_struct.title                     'Mouse Survivin' 
_struct.pdbx_model_details        ? 
_struct.pdbx_CASP_flag            ? 
_struct.pdbx_model_type_details   ? 
# 
_struct_keywords.entry_id        1M4M 
_struct_keywords.pdbx_keywords   APOPTOSIS 
_struct_keywords.text            'Zn Finger Baculovirus IAP repeat, APOPTOSIS' 
# 
loop_
_struct_asym.id 
_struct_asym.pdbx_blank_PDB_chainid_flag 
_struct_asym.pdbx_modified 
_struct_asym.entity_id 
_struct_asym.details 
A N N 1 ? 
B N N 2 ? 
C N N 2 ? 
# 
_struct_ref.id                         1 
_struct_ref.db_name                    UNP 
_struct_ref.db_code                    BIRC5_MOUSE 
_struct_ref.entity_id                  1 
_struct_ref.pdbx_seq_one_letter_code   
;MGAPALPQIWQLYLKNYRIATFKNWPFLEDCACTPERMAEAGFIHCPTENEPDLAQCFFCFKELEGWEPDDNPIEEHRKH
SPGCAFLTVKKQMEELTVSEFLKLDRQRAKNKIAKETNNKQKEFEETAKTTRQSIEQLAA
;
_struct_ref.pdbx_align_begin           1 
_struct_ref.pdbx_db_accession          O70201 
_struct_ref.pdbx_db_isoform            ? 
# 
_struct_ref_seq.align_id                      1 
_struct_ref_seq.ref_id                        1 
_struct_ref_seq.pdbx_PDB_id_code              1M4M 
_struct_ref_seq.pdbx_strand_id                A 
_struct_ref_seq.seq_align_beg                 1 
_struct_ref_seq.pdbx_seq_align_beg_ins_code   ? 
_struct_ref_seq.seq_align_end                 140 
_struct_ref_seq.pdbx_seq_align_end_ins_code   ? 
_struct_ref_seq.pdbx_db_accession             O70201 
_struct_ref_seq.db_align_beg                  1 
_struct_ref_seq.pdbx_db_align_beg_ins_code    ? 
_struct_ref_seq.db_align_end                  140 
_struct_ref_seq.pdbx_db_align_end_ins_code    ? 
_struct_ref_seq.pdbx_auth_seq_align_beg       1 
_struct_ref_seq.pdbx_auth_seq_align_end       140 
# 
loop_
_pdbx_struct_assembly.id 
_pdbx_struct_assembly.details 
_pdbx_struct_assembly.method_details 
_pdbx_struct_assembly.oligomeric_details 
_pdbx_struct_assembly.oligomeric_count 
1 author_defined_assembly   ?    monomeric 1 
2 software_defined_assembly PISA dimeric   2 
3 software_defined_assembly PQS  dimeric   2 
# 
loop_
_pdbx_struct_assembly_prop.biol_id 
_pdbx_struct_assembly_prop.type 
_pdbx_struct_assembly_prop.value 
_pdbx_struct_assembly_prop.details 
2 'ABSA (A^2)' 1050  ? 
2 MORE         -55   ? 
2 'SSA (A^2)'  13500 ? 
# 
loop_
_pdbx_struct_assembly_gen.assembly_id 
_pdbx_struct_assembly_gen.oper_expression 
_pdbx_struct_assembly_gen.asym_id_list 
1 1   A,B,C 
2 1,2 A,B,C 
3 1,3 A,B,C 
# 
loop_
_pdbx_struct_oper_list.id 
_pdbx_struct_oper_list.type 
_pdbx_struct_oper_list.name 
_pdbx_struct_oper_list.symmetry_operation 
_pdbx_struct_oper_list.matrix[1][1] 
_pdbx_struct_oper_list.matrix[1][2] 
_pdbx_struct_oper_list.matrix[1][3] 
_pdbx_struct_oper_list.vector[1] 
_pdbx_struct_oper_list.matrix[2][1] 
_pdbx_struct_oper_list.matrix[2][2] 
_pdbx_struct_oper_list.matrix[2][3] 
_pdbx_struct_oper_list.vector[2] 
_pdbx_struct_oper_list.matrix[3][1] 
_pdbx_struct_oper_list.matrix[3][2] 
_pdbx_struct_oper_list.matrix[3][3] 
_pdbx_struct_oper_list.vector[3] 
1 'identity operation'         1_555  x,y,z        1.0000000000  0.0000000000  0.0000000000  0.0000000000 0.0000000000  1.0000000000  0.0000000000 0.0000000000  0.0000000000  0.0000000000 1.0000000000  0.0000000000   
2 'crystal symmetry operation' 8_555  x-y,-y,-z    -0.6022722685 -0.5201274772 -0.6055869236 4.9582853582 -0.5201274772 -0.3198045520 0.7919548321 21.4700840955 -0.6055869236 0.7919548321 -0.0779231795 -15.1838369169 
3 'crystal symmetry operation' 12_555 x,x-y,-z+1/6 0.3802781280  -0.5267387169 -0.7602202770 9.2161447199 -0.5267387169 -0.7989871242 0.2901135975 -8.9972226356 -0.7602202770 0.2901135975 -0.5812910038 22.9670649645 
# 
_struct_biol.id                    1 
_struct_biol.pdbx_parent_biol_id   ? 
_struct_biol.details               ? 
# 
loop_
_struct_conf.conf_type_id 
_struct_conf.id 
_struct_conf.pdbx_PDB_helix_id 
_struct_conf.beg_label_comp_id 
_struct_conf.beg_label_asym_id 
_struct_conf.beg_label_seq_id 
_struct_conf.pdbx_beg_PDB_ins_code 
_struct_conf.end_label_comp_id 
_struct_conf.end_label_asym_id 
_struct_conf.end_label_seq_id 
_struct_conf.pdbx_end_PDB_ins_code 
_struct_conf.beg_auth_comp_id 
_struct_conf.beg_auth_asym_id 
_struct_conf.beg_auth_seq_id 
_struct_conf.end_auth_comp_id 
_struct_conf.end_auth_asym_id 
_struct_conf.end_auth_seq_id 
_struct_conf.pdbx_PDB_helix_class 
_struct_conf.details 
_struct_conf.pdbx_PDB_helix_length 
HELX_P HELX_P1 1 TRP A 10 ? TYR A 13  ? TRP A 10 TYR A 13  5 ? 4  
HELX_P HELX_P2 2 LEU A 14 ? THR A 21  ? LEU A 14 THR A 21  1 ? 8  
HELX_P HELX_P3 3 THR A 34 ? ALA A 41  ? THR A 34 ALA A 41  1 ? 8  
HELX_P HELX_P4 4 ASN A 72 ? HIS A 80  ? ASN A 72 HIS A 80  1 ? 9  
HELX_P HELX_P5 5 CYS A 84 ? VAL A 89  ? CYS A 84 VAL A 89  1 ? 6  
HELX_P HELX_P6 6 GLN A 92 ? LEU A 96  ? GLN A 92 LEU A 96  5 ? 5  
HELX_P HELX_P7 7 THR A 97 ? THR A 117 ? THR A 97 THR A 117 1 ? 21 
# 
_struct_conf_type.id          HELX_P 
_struct_conf_type.criteria    ? 
_struct_conf_type.reference   ? 
# 
loop_
_struct_conn.id 
_struct_conn.conn_type_id 
_struct_conn.pdbx_leaving_atom_flag 
_struct_conn.pdbx_PDB_id 
_struct_conn.ptnr1_label_asym_id 
_struct_conn.ptnr1_label_comp_id 
_struct_conn.ptnr1_label_seq_id 
_struct_conn.ptnr1_label_atom_id 
_struct_conn.pdbx_ptnr1_label_alt_id 
_struct_conn.pdbx_ptnr1_PDB_ins_code 
_struct_conn.pdbx_ptnr1_standard_comp_id 
_struct_conn.ptnr1_symmetry 
_struct_conn.ptnr2_label_asym_id 
_struct_conn.ptnr2_label_comp_id 
_struct_conn.ptnr2_label_seq_id 
_struct_conn.ptnr2_label_atom_id 
_struct_conn.pdbx_ptnr2_label_alt_id 
_struct_conn.pdbx_ptnr2_PDB_ins_code 
_struct_conn.ptnr1_auth_asym_id 
_struct_conn.ptnr1_auth_comp_id 
_struct_conn.ptnr1_auth_seq_id 
_struct_conn.ptnr2_auth_asym_id 
_struct_conn.ptnr2_auth_comp_id 
_struct_conn.ptnr2_auth_seq_id 
_struct_conn.ptnr2_symmetry 
_struct_conn.pdbx_ptnr3_label_atom_id 
_struct_conn.pdbx_ptnr3_label_seq_id 
_struct_conn.pdbx_ptnr3_label_comp_id 
_struct_conn.pdbx_ptnr3_label_asym_id 
_struct_conn.pdbx_ptnr3_label_alt_id 
_struct_conn.pdbx_ptnr3_PDB_ins_code 
_struct_conn.details 
_struct_conn.pdbx_dist_value 
_struct_conn.pdbx_value_order 
_struct_conn.pdbx_role 
disulf1 disulf ? ? A CYS 60 SG  ? ? ? 1_555 A CYS 84 SG ? ? A CYS 60 A CYS 84  1_555 ? ? ? ? ? ? ? 2.542 ? ? 
metalc1 metalc ? ? A CYS 57 SG  ? ? ? 1_555 C ZN  .  ZN ? ? A CYS 57 A ZN  502 1_555 ? ? ? ? ? ? ? 2.303 ? ? 
metalc2 metalc ? ? A CYS 60 SG  ? ? ? 1_555 C ZN  .  ZN ? ? A CYS 60 A ZN  502 1_555 ? ? ? ? ? ? ? 2.312 ? ? 
metalc3 metalc ? ? A GLU 76 OE2 ? ? ? 1_555 B ZN  .  ZN ? ? A GLU 76 A ZN  501 1_555 ? ? ? ? ? ? ? 2.241 ? ? 
metalc4 metalc ? ? A GLU 76 OE2 ? ? ? 8_555 B ZN  .  ZN ? ? A GLU 76 A ZN  501 1_555 ? ? ? ? ? ? ? 2.241 ? ? 
metalc5 metalc ? ? A HIS 77 NE2 ? ? ? 1_555 C ZN  .  ZN ? ? A HIS 77 A ZN  502 1_555 ? ? ? ? ? ? ? 2.106 ? ? 
metalc6 metalc ? ? A HIS 80 NE2 ? ? ? 1_555 B ZN  .  ZN ? ? A HIS 80 A ZN  501 1_555 ? ? ? ? ? ? ? 1.838 ? ? 
metalc7 metalc ? ? A HIS 80 NE2 ? ? ? 8_555 B ZN  .  ZN ? ? A HIS 80 A ZN  501 1_555 ? ? ? ? ? ? ? 1.838 ? ? 
metalc8 metalc ? ? A CYS 84 SG  ? ? ? 1_555 C ZN  .  ZN ? ? A CYS 84 A ZN  502 1_555 ? ? ? ? ? ? ? 2.282 ? ? 
# 
loop_
_struct_conn_type.id 
_struct_conn_type.criteria 
_struct_conn_type.reference 
disulf ? ? 
metalc ? ? 
# 
loop_
_pdbx_struct_conn_angle.id 
_pdbx_struct_conn_angle.ptnr1_label_atom_id 
_pdbx_struct_conn_angle.ptnr1_label_alt_id 
_pdbx_struct_conn_angle.ptnr1_label_asym_id 
_pdbx_struct_conn_angle.ptnr1_label_comp_id 
_pdbx_struct_conn_angle.ptnr1_label_seq_id 
_pdbx_struct_conn_angle.ptnr1_auth_atom_id 
_pdbx_struct_conn_angle.ptnr1_auth_asym_id 
_pdbx_struct_conn_angle.ptnr1_auth_comp_id 
_pdbx_struct_conn_angle.ptnr1_auth_seq_id 
_pdbx_struct_conn_angle.ptnr1_PDB_ins_code 
_pdbx_struct_conn_angle.ptnr1_symmetry 
_pdbx_struct_conn_angle.ptnr2_label_atom_id 
_pdbx_struct_conn_angle.ptnr2_label_alt_id 
_pdbx_struct_conn_angle.ptnr2_label_asym_id 
_pdbx_struct_conn_angle.ptnr2_label_comp_id 
_pdbx_struct_conn_angle.ptnr2_label_seq_id 
_pdbx_struct_conn_angle.ptnr2_auth_atom_id 
_pdbx_struct_conn_angle.ptnr2_auth_asym_id 
_pdbx_struct_conn_angle.ptnr2_auth_comp_id 
_pdbx_struct_conn_angle.ptnr2_auth_seq_id 
_pdbx_struct_conn_angle.ptnr2_PDB_ins_code 
_pdbx_struct_conn_angle.ptnr2_symmetry 
_pdbx_struct_conn_angle.ptnr3_label_atom_id 
_pdbx_struct_conn_angle.ptnr3_label_alt_id 
_pdbx_struct_conn_angle.ptnr3_label_asym_id 
_pdbx_struct_conn_angle.ptnr3_label_comp_id 
_pdbx_struct_conn_angle.ptnr3_label_seq_id 
_pdbx_struct_conn_angle.ptnr3_auth_atom_id 
_pdbx_struct_conn_angle.ptnr3_auth_asym_id 
_pdbx_struct_conn_angle.ptnr3_auth_comp_id 
_pdbx_struct_conn_angle.ptnr3_auth_seq_id 
_pdbx_struct_conn_angle.ptnr3_PDB_ins_code 
_pdbx_struct_conn_angle.ptnr3_symmetry 
_pdbx_struct_conn_angle.value 
_pdbx_struct_conn_angle.value_esd 
1  SG  ? A CYS 57 ? A CYS 57 ? 1_555 ZN ? C ZN . ? A ZN 502 ? 1_555 SG  ? A CYS 60 ? A CYS 60 ? 1_555 120.0 ? 
2  SG  ? A CYS 57 ? A CYS 57 ? 1_555 ZN ? C ZN . ? A ZN 502 ? 1_555 NE2 ? A HIS 77 ? A HIS 77 ? 1_555 108.7 ? 
3  SG  ? A CYS 60 ? A CYS 60 ? 1_555 ZN ? C ZN . ? A ZN 502 ? 1_555 NE2 ? A HIS 77 ? A HIS 77 ? 1_555 129.7 ? 
4  SG  ? A CYS 57 ? A CYS 57 ? 1_555 ZN ? C ZN . ? A ZN 502 ? 1_555 SG  ? A CYS 84 ? A CYS 84 ? 1_555 109.3 ? 
5  SG  ? A CYS 60 ? A CYS 60 ? 1_555 ZN ? C ZN . ? A ZN 502 ? 1_555 SG  ? A CYS 84 ? A CYS 84 ? 1_555 67.2  ? 
6  NE2 ? A HIS 77 ? A HIS 77 ? 1_555 ZN ? C ZN . ? A ZN 502 ? 1_555 SG  ? A CYS 84 ? A CYS 84 ? 1_555 109.0 ? 
7  OE2 ? A GLU 76 ? A GLU 76 ? 1_555 ZN ? B ZN . ? A ZN 501 ? 1_555 OE2 ? A GLU 76 ? A GLU 76 ? 8_555 103.3 ? 
8  OE2 ? A GLU 76 ? A GLU 76 ? 1_555 ZN ? B ZN . ? A ZN 501 ? 1_555 NE2 ? A HIS 80 ? A HIS 80 ? 1_555 98.2  ? 
9  OE2 ? A GLU 76 ? A GLU 76 ? 8_555 ZN ? B ZN . ? A ZN 501 ? 1_555 NE2 ? A HIS 80 ? A HIS 80 ? 1_555 120.1 ? 
10 OE2 ? A GLU 76 ? A GLU 76 ? 1_555 ZN ? B ZN . ? A ZN 501 ? 1_555 NE2 ? A HIS 80 ? A HIS 80 ? 8_555 120.1 ? 
11 OE2 ? A GLU 76 ? A GLU 76 ? 8_555 ZN ? B ZN . ? A ZN 501 ? 1_555 NE2 ? A HIS 80 ? A HIS 80 ? 8_555 98.2  ? 
12 NE2 ? A HIS 80 ? A HIS 80 ? 1_555 ZN ? B ZN . ? A ZN 501 ? 1_555 NE2 ? A HIS 80 ? A HIS 80 ? 8_555 117.5 ? 
# 
_pdbx_modification_feature.ordinal                            1 
_pdbx_modification_feature.label_comp_id                      CYS 
_pdbx_modification_feature.label_asym_id                      A 
_pdbx_modification_feature.label_seq_id                       60 
_pdbx_modification_feature.label_alt_id                       ? 
_pdbx_modification_feature.modified_residue_label_comp_id     CYS 
_pdbx_modification_feature.modified_residue_label_asym_id     A 
_pdbx_modification_feature.modified_residue_label_seq_id      84 
_pdbx_modification_feature.modified_residue_label_alt_id      ? 
_pdbx_modification_feature.auth_comp_id                       CYS 
_pdbx_modification_feature.auth_asym_id                       A 
_pdbx_modification_feature.auth_seq_id                        60 
_pdbx_modification_feature.PDB_ins_code                       ? 
_pdbx_modification_feature.symmetry                           1_555 
_pdbx_modification_feature.modified_residue_auth_comp_id      CYS 
_pdbx_modification_feature.modified_residue_auth_asym_id      A 
_pdbx_modification_feature.modified_residue_auth_seq_id       84 
_pdbx_modification_feature.modified_residue_PDB_ins_code      ? 
_pdbx_modification_feature.modified_residue_symmetry          1_555 
_pdbx_modification_feature.comp_id_linking_atom               SG 
_pdbx_modification_feature.modified_residue_id_linking_atom   SG 
_pdbx_modification_feature.modified_residue_id                . 
_pdbx_modification_feature.ref_pcm_id                         . 
_pdbx_modification_feature.ref_comp_id                        . 
_pdbx_modification_feature.type                               None 
_pdbx_modification_feature.category                           'Disulfide bridge' 
# 
_struct_sheet.id               A 
_struct_sheet.type             ? 
_struct_sheet.number_strands   3 
_struct_sheet.details          ? 
# 
loop_
_struct_sheet_order.sheet_id 
_struct_sheet_order.range_id_1 
_struct_sheet_order.range_id_2 
_struct_sheet_order.offset 
_struct_sheet_order.sense 
A 1 2 ? anti-parallel 
A 2 3 ? anti-parallel 
# 
loop_
_struct_sheet_range.sheet_id 
_struct_sheet_range.id 
_struct_sheet_range.beg_label_comp_id 
_struct_sheet_range.beg_label_asym_id 
_struct_sheet_range.beg_label_seq_id 
_struct_sheet_range.pdbx_beg_PDB_ins_code 
_struct_sheet_range.end_label_comp_id 
_struct_sheet_range.end_label_asym_id 
_struct_sheet_range.end_label_seq_id 
_struct_sheet_range.pdbx_end_PDB_ins_code 
_struct_sheet_range.beg_auth_comp_id 
_struct_sheet_range.beg_auth_asym_id 
_struct_sheet_range.beg_auth_seq_id 
_struct_sheet_range.end_auth_comp_id 
_struct_sheet_range.end_auth_asym_id 
_struct_sheet_range.end_auth_seq_id 
A 1 PHE A 43 ? HIS A 45 ? PHE A 43 HIS A 45 
A 2 ALA A 55 ? CYS A 57 ? ALA A 55 CYS A 57 
A 3 GLU A 63 ? LEU A 64 ? GLU A 63 LEU A 64 
# 
loop_
_pdbx_struct_sheet_hbond.sheet_id 
_pdbx_struct_sheet_hbond.range_id_1 
_pdbx_struct_sheet_hbond.range_id_2 
_pdbx_struct_sheet_hbond.range_1_label_atom_id 
_pdbx_struct_sheet_hbond.range_1_label_comp_id 
_pdbx_struct_sheet_hbond.range_1_label_asym_id 
_pdbx_struct_sheet_hbond.range_1_label_seq_id 
_pdbx_struct_sheet_hbond.range_1_PDB_ins_code 
_pdbx_struct_sheet_hbond.range_1_auth_atom_id 
_pdbx_struct_sheet_hbond.range_1_auth_comp_id 
_pdbx_struct_sheet_hbond.range_1_auth_asym_id 
_pdbx_struct_sheet_hbond.range_1_auth_seq_id 
_pdbx_struct_sheet_hbond.range_2_label_atom_id 
_pdbx_struct_sheet_hbond.range_2_label_comp_id 
_pdbx_struct_sheet_hbond.range_2_label_asym_id 
_pdbx_struct_sheet_hbond.range_2_label_seq_id 
_pdbx_struct_sheet_hbond.range_2_PDB_ins_code 
_pdbx_struct_sheet_hbond.range_2_auth_atom_id 
_pdbx_struct_sheet_hbond.range_2_auth_comp_id 
_pdbx_struct_sheet_hbond.range_2_auth_asym_id 
_pdbx_struct_sheet_hbond.range_2_auth_seq_id 
A 1 2 N ILE A 44 ? N ILE A 44 O GLN A 56 ? O GLN A 56 
A 2 3 N ALA A 55 ? N ALA A 55 O LEU A 64 ? O LEU A 64 
# 
loop_
_struct_site.id 
_struct_site.pdbx_evidence_code 
_struct_site.pdbx_auth_asym_id 
_struct_site.pdbx_auth_comp_id 
_struct_site.pdbx_auth_seq_id 
_struct_site.pdbx_auth_ins_code 
_struct_site.pdbx_num_residues 
_struct_site.details 
AC1 Software A ZN 501 ? 4 'BINDING SITE FOR RESIDUE ZN A 501' 
AC2 Software A ZN 502 ? 4 'BINDING SITE FOR RESIDUE ZN A 502' 
# 
loop_
_struct_site_gen.id 
_struct_site_gen.site_id 
_struct_site_gen.pdbx_num_res 
_struct_site_gen.label_comp_id 
_struct_site_gen.label_asym_id 
_struct_site_gen.label_seq_id 
_struct_site_gen.pdbx_auth_ins_code 
_struct_site_gen.auth_comp_id 
_struct_site_gen.auth_asym_id 
_struct_site_gen.auth_seq_id 
_struct_site_gen.label_atom_id 
_struct_site_gen.label_alt_id 
_struct_site_gen.symmetry 
_struct_site_gen.details 
1 AC1 4 GLU A 76 ? GLU A 76 . ? 8_555 ? 
2 AC1 4 GLU A 76 ? GLU A 76 . ? 1_555 ? 
3 AC1 4 HIS A 80 ? HIS A 80 . ? 1_555 ? 
4 AC1 4 HIS A 80 ? HIS A 80 . ? 8_555 ? 
5 AC2 4 CYS A 57 ? CYS A 57 . ? 1_555 ? 
6 AC2 4 CYS A 60 ? CYS A 60 . ? 1_555 ? 
7 AC2 4 HIS A 77 ? HIS A 77 . ? 1_555 ? 
8 AC2 4 CYS A 84 ? CYS A 84 . ? 1_555 ? 
# 
_pdbx_entry_details.entry_id                   1M4M 
_pdbx_entry_details.compound_details           ? 
_pdbx_entry_details.source_details             ? 
_pdbx_entry_details.nonpolymer_details         ? 
_pdbx_entry_details.sequence_details           ? 
_pdbx_entry_details.has_ligand_of_interest     ? 
_pdbx_entry_details.has_protein_modification   Y 
# 
loop_
_pdbx_validate_torsion.id 
_pdbx_validate_torsion.PDB_model_num 
_pdbx_validate_torsion.auth_comp_id 
_pdbx_validate_torsion.auth_asym_id 
_pdbx_validate_torsion.auth_seq_id 
_pdbx_validate_torsion.PDB_ins_code 
_pdbx_validate_torsion.label_alt_id 
_pdbx_validate_torsion.phi 
_pdbx_validate_torsion.psi 
1  1 GLN A 8  ? ? 37.27   -167.78 
2  1 TRP A 10 ? ? 179.06  43.39   
3  1 ASN A 16 ? ? -36.62  -39.80  
4  1 ASN A 24 ? ? 82.95   9.13    
5  1 PRO A 26 ? ? -64.94  -173.11 
6  1 PHE A 27 ? ? 63.02   74.75   
7  1 GLU A 29 ? ? 76.40   143.88  
8  1 ASP A 30 ? ? 49.70   83.63   
9  1 CYS A 31 ? ? 173.48  146.98  
10 1 CYS A 33 ? ? -108.30 47.12   
11 1 GLU A 51 ? ? -118.53 72.36   
12 1 PRO A 69 ? ? -23.18  -47.26  
13 1 ASP A 70 ? ? -101.82 59.73   
14 1 SER A 81 ? ? -170.57 51.36   
15 1 VAL A 89 ? ? -56.32  89.21   
16 1 MET A 93 ? ? -33.83  -38.83  
# 
_pdbx_struct_special_symmetry.id              1 
_pdbx_struct_special_symmetry.PDB_model_num   1 
_pdbx_struct_special_symmetry.auth_asym_id    A 
_pdbx_struct_special_symmetry.auth_comp_id    ZN 
_pdbx_struct_special_symmetry.auth_seq_id     501 
_pdbx_struct_special_symmetry.PDB_ins_code    ? 
_pdbx_struct_special_symmetry.label_asym_id   B 
_pdbx_struct_special_symmetry.label_comp_id   ZN 
_pdbx_struct_special_symmetry.label_seq_id    . 
# 
loop_
_pdbx_unobs_or_zero_occ_residues.id 
_pdbx_unobs_or_zero_occ_residues.PDB_model_num 
_pdbx_unobs_or_zero_occ_residues.polymer_flag 
_pdbx_unobs_or_zero_occ_residues.occupancy_flag 
_pdbx_unobs_or_zero_occ_residues.auth_asym_id 
_pdbx_unobs_or_zero_occ_residues.auth_comp_id 
_pdbx_unobs_or_zero_occ_residues.auth_seq_id 
_pdbx_unobs_or_zero_occ_residues.PDB_ins_code 
_pdbx_unobs_or_zero_occ_residues.label_asym_id 
_pdbx_unobs_or_zero_occ_residues.label_comp_id 
_pdbx_unobs_or_zero_occ_residues.label_seq_id 
1  1 Y 1 A MET 1   ? A MET 1   
2  1 Y 1 A GLY 2   ? A GLY 2   
3  1 Y 1 A ALA 3   ? A ALA 3   
4  1 Y 1 A PRO 4   ? A PRO 4   
5  1 Y 1 A ALA 5   ? A ALA 5   
6  1 Y 1 A LEU 6   ? A LEU 6   
7  1 Y 1 A ASN 119 ? A ASN 119 
8  1 Y 1 A LYS 120 ? A LYS 120 
9  1 Y 1 A GLN 121 ? A GLN 121 
10 1 Y 1 A LYS 122 ? A LYS 122 
11 1 Y 1 A GLU 123 ? A GLU 123 
12 1 Y 1 A PHE 124 ? A PHE 124 
13 1 Y 1 A GLU 125 ? A GLU 125 
14 1 Y 1 A GLU 126 ? A GLU 126 
15 1 Y 1 A THR 127 ? A THR 127 
16 1 Y 1 A ALA 128 ? A ALA 128 
17 1 Y 1 A LYS 129 ? A LYS 129 
18 1 Y 1 A THR 130 ? A THR 130 
19 1 Y 1 A THR 131 ? A THR 131 
20 1 Y 1 A ARG 132 ? A ARG 132 
21 1 Y 1 A GLN 133 ? A GLN 133 
22 1 Y 1 A SER 134 ? A SER 134 
23 1 Y 1 A ILE 135 ? A ILE 135 
24 1 Y 1 A GLU 136 ? A GLU 136 
25 1 Y 1 A GLN 137 ? A GLN 137 
26 1 Y 1 A LEU 138 ? A LEU 138 
27 1 Y 1 A ALA 139 ? A ALA 139 
28 1 Y 1 A ALA 140 ? A ALA 140 
# 
loop_
_chem_comp_atom.comp_id 
_chem_comp_atom.atom_id 
_chem_comp_atom.type_symbol 
_chem_comp_atom.pdbx_aromatic_flag 
_chem_comp_atom.pdbx_stereo_config 
_chem_comp_atom.pdbx_ordinal 
ALA N    N  N N 1   
ALA CA   C  N S 2   
ALA C    C  N N 3   
ALA O    O  N N 4   
ALA CB   C  N N 5   
ALA OXT  O  N N 6   
ALA H    H  N N 7   
ALA H2   H  N N 8   
ALA HA   H  N N 9   
ALA HB1  H  N N 10  
ALA HB2  H  N N 11  
ALA HB3  H  N N 12  
ALA HXT  H  N N 13  
ARG N    N  N N 14  
ARG CA   C  N S 15  
ARG C    C  N N 16  
ARG O    O  N N 17  
ARG CB   C  N N 18  
ARG CG   C  N N 19  
ARG CD   C  N N 20  
ARG NE   N  N N 21  
ARG CZ   C  N N 22  
ARG NH1  N  N N 23  
ARG NH2  N  N N 24  
ARG OXT  O  N N 25  
ARG H    H  N N 26  
ARG H2   H  N N 27  
ARG HA   H  N N 28  
ARG HB2  H  N N 29  
ARG HB3  H  N N 30  
ARG HG2  H  N N 31  
ARG HG3  H  N N 32  
ARG HD2  H  N N 33  
ARG HD3  H  N N 34  
ARG HE   H  N N 35  
ARG HH11 H  N N 36  
ARG HH12 H  N N 37  
ARG HH21 H  N N 38  
ARG HH22 H  N N 39  
ARG HXT  H  N N 40  
ASN N    N  N N 41  
ASN CA   C  N S 42  
ASN C    C  N N 43  
ASN O    O  N N 44  
ASN CB   C  N N 45  
ASN CG   C  N N 46  
ASN OD1  O  N N 47  
ASN ND2  N  N N 48  
ASN OXT  O  N N 49  
ASN H    H  N N 50  
ASN H2   H  N N 51  
ASN HA   H  N N 52  
ASN HB2  H  N N 53  
ASN HB3  H  N N 54  
ASN HD21 H  N N 55  
ASN HD22 H  N N 56  
ASN HXT  H  N N 57  
ASP N    N  N N 58  
ASP CA   C  N S 59  
ASP C    C  N N 60  
ASP O    O  N N 61  
ASP CB   C  N N 62  
ASP CG   C  N N 63  
ASP OD1  O  N N 64  
ASP OD2  O  N N 65  
ASP OXT  O  N N 66  
ASP H    H  N N 67  
ASP H2   H  N N 68  
ASP HA   H  N N 69  
ASP HB2  H  N N 70  
ASP HB3  H  N N 71  
ASP HD2  H  N N 72  
ASP HXT  H  N N 73  
CYS N    N  N N 74  
CYS CA   C  N R 75  
CYS C    C  N N 76  
CYS O    O  N N 77  
CYS CB   C  N N 78  
CYS SG   S  N N 79  
CYS OXT  O  N N 80  
CYS H    H  N N 81  
CYS H2   H  N N 82  
CYS HA   H  N N 83  
CYS HB2  H  N N 84  
CYS HB3  H  N N 85  
CYS HG   H  N N 86  
CYS HXT  H  N N 87  
GLN N    N  N N 88  
GLN CA   C  N S 89  
GLN C    C  N N 90  
GLN O    O  N N 91  
GLN CB   C  N N 92  
GLN CG   C  N N 93  
GLN CD   C  N N 94  
GLN OE1  O  N N 95  
GLN NE2  N  N N 96  
GLN OXT  O  N N 97  
GLN H    H  N N 98  
GLN H2   H  N N 99  
GLN HA   H  N N 100 
GLN HB2  H  N N 101 
GLN HB3  H  N N 102 
GLN HG2  H  N N 103 
GLN HG3  H  N N 104 
GLN HE21 H  N N 105 
GLN HE22 H  N N 106 
GLN HXT  H  N N 107 
GLU N    N  N N 108 
GLU CA   C  N S 109 
GLU C    C  N N 110 
GLU O    O  N N 111 
GLU CB   C  N N 112 
GLU CG   C  N N 113 
GLU CD   C  N N 114 
GLU OE1  O  N N 115 
GLU OE2  O  N N 116 
GLU OXT  O  N N 117 
GLU H    H  N N 118 
GLU H2   H  N N 119 
GLU HA   H  N N 120 
GLU HB2  H  N N 121 
GLU HB3  H  N N 122 
GLU HG2  H  N N 123 
GLU HG3  H  N N 124 
GLU HE2  H  N N 125 
GLU HXT  H  N N 126 
GLY N    N  N N 127 
GLY CA   C  N N 128 
GLY C    C  N N 129 
GLY O    O  N N 130 
GLY OXT  O  N N 131 
GLY H    H  N N 132 
GLY H2   H  N N 133 
GLY HA2  H  N N 134 
GLY HA3  H  N N 135 
GLY HXT  H  N N 136 
HIS N    N  N N 137 
HIS CA   C  N S 138 
HIS C    C  N N 139 
HIS O    O  N N 140 
HIS CB   C  N N 141 
HIS CG   C  Y N 142 
HIS ND1  N  Y N 143 
HIS CD2  C  Y N 144 
HIS CE1  C  Y N 145 
HIS NE2  N  Y N 146 
HIS OXT  O  N N 147 
HIS H    H  N N 148 
HIS H2   H  N N 149 
HIS HA   H  N N 150 
HIS HB2  H  N N 151 
HIS HB3  H  N N 152 
HIS HD1  H  N N 153 
HIS HD2  H  N N 154 
HIS HE1  H  N N 155 
HIS HE2  H  N N 156 
HIS HXT  H  N N 157 
ILE N    N  N N 158 
ILE CA   C  N S 159 
ILE C    C  N N 160 
ILE O    O  N N 161 
ILE CB   C  N S 162 
ILE CG1  C  N N 163 
ILE CG2  C  N N 164 
ILE CD1  C  N N 165 
ILE OXT  O  N N 166 
ILE H    H  N N 167 
ILE H2   H  N N 168 
ILE HA   H  N N 169 
ILE HB   H  N N 170 
ILE HG12 H  N N 171 
ILE HG13 H  N N 172 
ILE HG21 H  N N 173 
ILE HG22 H  N N 174 
ILE HG23 H  N N 175 
ILE HD11 H  N N 176 
ILE HD12 H  N N 177 
ILE HD13 H  N N 178 
ILE HXT  H  N N 179 
LEU N    N  N N 180 
LEU CA   C  N S 181 
LEU C    C  N N 182 
LEU O    O  N N 183 
LEU CB   C  N N 184 
LEU CG   C  N N 185 
LEU CD1  C  N N 186 
LEU CD2  C  N N 187 
LEU OXT  O  N N 188 
LEU H    H  N N 189 
LEU H2   H  N N 190 
LEU HA   H  N N 191 
LEU HB2  H  N N 192 
LEU HB3  H  N N 193 
LEU HG   H  N N 194 
LEU HD11 H  N N 195 
LEU HD12 H  N N 196 
LEU HD13 H  N N 197 
LEU HD21 H  N N 198 
LEU HD22 H  N N 199 
LEU HD23 H  N N 200 
LEU HXT  H  N N 201 
LYS N    N  N N 202 
LYS CA   C  N S 203 
LYS C    C  N N 204 
LYS O    O  N N 205 
LYS CB   C  N N 206 
LYS CG   C  N N 207 
LYS CD   C  N N 208 
LYS CE   C  N N 209 
LYS NZ   N  N N 210 
LYS OXT  O  N N 211 
LYS H    H  N N 212 
LYS H2   H  N N 213 
LYS HA   H  N N 214 
LYS HB2  H  N N 215 
LYS HB3  H  N N 216 
LYS HG2  H  N N 217 
LYS HG3  H  N N 218 
LYS HD2  H  N N 219 
LYS HD3  H  N N 220 
LYS HE2  H  N N 221 
LYS HE3  H  N N 222 
LYS HZ1  H  N N 223 
LYS HZ2  H  N N 224 
LYS HZ3  H  N N 225 
LYS HXT  H  N N 226 
MET N    N  N N 227 
MET CA   C  N S 228 
MET C    C  N N 229 
MET O    O  N N 230 
MET CB   C  N N 231 
MET CG   C  N N 232 
MET SD   S  N N 233 
MET CE   C  N N 234 
MET OXT  O  N N 235 
MET H    H  N N 236 
MET H2   H  N N 237 
MET HA   H  N N 238 
MET HB2  H  N N 239 
MET HB3  H  N N 240 
MET HG2  H  N N 241 
MET HG3  H  N N 242 
MET HE1  H  N N 243 
MET HE2  H  N N 244 
MET HE3  H  N N 245 
MET HXT  H  N N 246 
PHE N    N  N N 247 
PHE CA   C  N S 248 
PHE C    C  N N 249 
PHE O    O  N N 250 
PHE CB   C  N N 251 
PHE CG   C  Y N 252 
PHE CD1  C  Y N 253 
PHE CD2  C  Y N 254 
PHE CE1  C  Y N 255 
PHE CE2  C  Y N 256 
PHE CZ   C  Y N 257 
PHE OXT  O  N N 258 
PHE H    H  N N 259 
PHE H2   H  N N 260 
PHE HA   H  N N 261 
PHE HB2  H  N N 262 
PHE HB3  H  N N 263 
PHE HD1  H  N N 264 
PHE HD2  H  N N 265 
PHE HE1  H  N N 266 
PHE HE2  H  N N 267 
PHE HZ   H  N N 268 
PHE HXT  H  N N 269 
PRO N    N  N N 270 
PRO CA   C  N S 271 
PRO C    C  N N 272 
PRO O    O  N N 273 
PRO CB   C  N N 274 
PRO CG   C  N N 275 
PRO CD   C  N N 276 
PRO OXT  O  N N 277 
PRO H    H  N N 278 
PRO HA   H  N N 279 
PRO HB2  H  N N 280 
PRO HB3  H  N N 281 
PRO HG2  H  N N 282 
PRO HG3  H  N N 283 
PRO HD2  H  N N 284 
PRO HD3  H  N N 285 
PRO HXT  H  N N 286 
SER N    N  N N 287 
SER CA   C  N S 288 
SER C    C  N N 289 
SER O    O  N N 290 
SER CB   C  N N 291 
SER OG   O  N N 292 
SER OXT  O  N N 293 
SER H    H  N N 294 
SER H2   H  N N 295 
SER HA   H  N N 296 
SER HB2  H  N N 297 
SER HB3  H  N N 298 
SER HG   H  N N 299 
SER HXT  H  N N 300 
THR N    N  N N 301 
THR CA   C  N S 302 
THR C    C  N N 303 
THR O    O  N N 304 
THR CB   C  N R 305 
THR OG1  O  N N 306 
THR CG2  C  N N 307 
THR OXT  O  N N 308 
THR H    H  N N 309 
THR H2   H  N N 310 
THR HA   H  N N 311 
THR HB   H  N N 312 
THR HG1  H  N N 313 
THR HG21 H  N N 314 
THR HG22 H  N N 315 
THR HG23 H  N N 316 
THR HXT  H  N N 317 
TRP N    N  N N 318 
TRP CA   C  N S 319 
TRP C    C  N N 320 
TRP O    O  N N 321 
TRP CB   C  N N 322 
TRP CG   C  Y N 323 
TRP CD1  C  Y N 324 
TRP CD2  C  Y N 325 
TRP NE1  N  Y N 326 
TRP CE2  C  Y N 327 
TRP CE3  C  Y N 328 
TRP CZ2  C  Y N 329 
TRP CZ3  C  Y N 330 
TRP CH2  C  Y N 331 
TRP OXT  O  N N 332 
TRP H    H  N N 333 
TRP H2   H  N N 334 
TRP HA   H  N N 335 
TRP HB2  H  N N 336 
TRP HB3  H  N N 337 
TRP HD1  H  N N 338 
TRP HE1  H  N N 339 
TRP HE3  H  N N 340 
TRP HZ2  H  N N 341 
TRP HZ3  H  N N 342 
TRP HH2  H  N N 343 
TRP HXT  H  N N 344 
TYR N    N  N N 345 
TYR CA   C  N S 346 
TYR C    C  N N 347 
TYR O    O  N N 348 
TYR CB   C  N N 349 
TYR CG   C  Y N 350 
TYR CD1  C  Y N 351 
TYR CD2  C  Y N 352 
TYR CE1  C  Y N 353 
TYR CE2  C  Y N 354 
TYR CZ   C  Y N 355 
TYR OH   O  N N 356 
TYR OXT  O  N N 357 
TYR H    H  N N 358 
TYR H2   H  N N 359 
TYR HA   H  N N 360 
TYR HB2  H  N N 361 
TYR HB3  H  N N 362 
TYR HD1  H  N N 363 
TYR HD2  H  N N 364 
TYR HE1  H  N N 365 
TYR HE2  H  N N 366 
TYR HH   H  N N 367 
TYR HXT  H  N N 368 
VAL N    N  N N 369 
VAL CA   C  N S 370 
VAL C    C  N N 371 
VAL O    O  N N 372 
VAL CB   C  N N 373 
VAL CG1  C  N N 374 
VAL CG2  C  N N 375 
VAL OXT  O  N N 376 
VAL H    H  N N 377 
VAL H2   H  N N 378 
VAL HA   H  N N 379 
VAL HB   H  N N 380 
VAL HG11 H  N N 381 
VAL HG12 H  N N 382 
VAL HG13 H  N N 383 
VAL HG21 H  N N 384 
VAL HG22 H  N N 385 
VAL HG23 H  N N 386 
VAL HXT  H  N N 387 
ZN  ZN   ZN N N 388 
# 
loop_
_chem_comp_bond.comp_id 
_chem_comp_bond.atom_id_1 
_chem_comp_bond.atom_id_2 
_chem_comp_bond.value_order 
_chem_comp_bond.pdbx_aromatic_flag 
_chem_comp_bond.pdbx_stereo_config 
_chem_comp_bond.pdbx_ordinal 
ALA N   CA   sing N N 1   
ALA N   H    sing N N 2   
ALA N   H2   sing N N 3   
ALA CA  C    sing N N 4   
ALA CA  CB   sing N N 5   
ALA CA  HA   sing N N 6   
ALA C   O    doub N N 7   
ALA C   OXT  sing N N 8   
ALA CB  HB1  sing N N 9   
ALA CB  HB2  sing N N 10  
ALA CB  HB3  sing N N 11  
ALA OXT HXT  sing N N 12  
ARG N   CA   sing N N 13  
ARG N   H    sing N N 14  
ARG N   H2   sing N N 15  
ARG CA  C    sing N N 16  
ARG CA  CB   sing N N 17  
ARG CA  HA   sing N N 18  
ARG C   O    doub N N 19  
ARG C   OXT  sing N N 20  
ARG CB  CG   sing N N 21  
ARG CB  HB2  sing N N 22  
ARG CB  HB3  sing N N 23  
ARG CG  CD   sing N N 24  
ARG CG  HG2  sing N N 25  
ARG CG  HG3  sing N N 26  
ARG CD  NE   sing N N 27  
ARG CD  HD2  sing N N 28  
ARG CD  HD3  sing N N 29  
ARG NE  CZ   sing N N 30  
ARG NE  HE   sing N N 31  
ARG CZ  NH1  sing N N 32  
ARG CZ  NH2  doub N N 33  
ARG NH1 HH11 sing N N 34  
ARG NH1 HH12 sing N N 35  
ARG NH2 HH21 sing N N 36  
ARG NH2 HH22 sing N N 37  
ARG OXT HXT  sing N N 38  
ASN N   CA   sing N N 39  
ASN N   H    sing N N 40  
ASN N   H2   sing N N 41  
ASN CA  C    sing N N 42  
ASN CA  CB   sing N N 43  
ASN CA  HA   sing N N 44  
ASN C   O    doub N N 45  
ASN C   OXT  sing N N 46  
ASN CB  CG   sing N N 47  
ASN CB  HB2  sing N N 48  
ASN CB  HB3  sing N N 49  
ASN CG  OD1  doub N N 50  
ASN CG  ND2  sing N N 51  
ASN ND2 HD21 sing N N 52  
ASN ND2 HD22 sing N N 53  
ASN OXT HXT  sing N N 54  
ASP N   CA   sing N N 55  
ASP N   H    sing N N 56  
ASP N   H2   sing N N 57  
ASP CA  C    sing N N 58  
ASP CA  CB   sing N N 59  
ASP CA  HA   sing N N 60  
ASP C   O    doub N N 61  
ASP C   OXT  sing N N 62  
ASP CB  CG   sing N N 63  
ASP CB  HB2  sing N N 64  
ASP CB  HB3  sing N N 65  
ASP CG  OD1  doub N N 66  
ASP CG  OD2  sing N N 67  
ASP OD2 HD2  sing N N 68  
ASP OXT HXT  sing N N 69  
CYS N   CA   sing N N 70  
CYS N   H    sing N N 71  
CYS N   H2   sing N N 72  
CYS CA  C    sing N N 73  
CYS CA  CB   sing N N 74  
CYS CA  HA   sing N N 75  
CYS C   O    doub N N 76  
CYS C   OXT  sing N N 77  
CYS CB  SG   sing N N 78  
CYS CB  HB2  sing N N 79  
CYS CB  HB3  sing N N 80  
CYS SG  HG   sing N N 81  
CYS OXT HXT  sing N N 82  
GLN N   CA   sing N N 83  
GLN N   H    sing N N 84  
GLN N   H2   sing N N 85  
GLN CA  C    sing N N 86  
GLN CA  CB   sing N N 87  
GLN CA  HA   sing N N 88  
GLN C   O    doub N N 89  
GLN C   OXT  sing N N 90  
GLN CB  CG   sing N N 91  
GLN CB  HB2  sing N N 92  
GLN CB  HB3  sing N N 93  
GLN CG  CD   sing N N 94  
GLN CG  HG2  sing N N 95  
GLN CG  HG3  sing N N 96  
GLN CD  OE1  doub N N 97  
GLN CD  NE2  sing N N 98  
GLN NE2 HE21 sing N N 99  
GLN NE2 HE22 sing N N 100 
GLN OXT HXT  sing N N 101 
GLU N   CA   sing N N 102 
GLU N   H    sing N N 103 
GLU N   H2   sing N N 104 
GLU CA  C    sing N N 105 
GLU CA  CB   sing N N 106 
GLU CA  HA   sing N N 107 
GLU C   O    doub N N 108 
GLU C   OXT  sing N N 109 
GLU CB  CG   sing N N 110 
GLU CB  HB2  sing N N 111 
GLU CB  HB3  sing N N 112 
GLU CG  CD   sing N N 113 
GLU CG  HG2  sing N N 114 
GLU CG  HG3  sing N N 115 
GLU CD  OE1  doub N N 116 
GLU CD  OE2  sing N N 117 
GLU OE2 HE2  sing N N 118 
GLU OXT HXT  sing N N 119 
GLY N   CA   sing N N 120 
GLY N   H    sing N N 121 
GLY N   H2   sing N N 122 
GLY CA  C    sing N N 123 
GLY CA  HA2  sing N N 124 
GLY CA  HA3  sing N N 125 
GLY C   O    doub N N 126 
GLY C   OXT  sing N N 127 
GLY OXT HXT  sing N N 128 
HIS N   CA   sing N N 129 
HIS N   H    sing N N 130 
HIS N   H2   sing N N 131 
HIS CA  C    sing N N 132 
HIS CA  CB   sing N N 133 
HIS CA  HA   sing N N 134 
HIS C   O    doub N N 135 
HIS C   OXT  sing N N 136 
HIS CB  CG   sing N N 137 
HIS CB  HB2  sing N N 138 
HIS CB  HB3  sing N N 139 
HIS CG  ND1  sing Y N 140 
HIS CG  CD2  doub Y N 141 
HIS ND1 CE1  doub Y N 142 
HIS ND1 HD1  sing N N 143 
HIS CD2 NE2  sing Y N 144 
HIS CD2 HD2  sing N N 145 
HIS CE1 NE2  sing Y N 146 
HIS CE1 HE1  sing N N 147 
HIS NE2 HE2  sing N N 148 
HIS OXT HXT  sing N N 149 
ILE N   CA   sing N N 150 
ILE N   H    sing N N 151 
ILE N   H2   sing N N 152 
ILE CA  C    sing N N 153 
ILE CA  CB   sing N N 154 
ILE CA  HA   sing N N 155 
ILE C   O    doub N N 156 
ILE C   OXT  sing N N 157 
ILE CB  CG1  sing N N 158 
ILE CB  CG2  sing N N 159 
ILE CB  HB   sing N N 160 
ILE CG1 CD1  sing N N 161 
ILE CG1 HG12 sing N N 162 
ILE CG1 HG13 sing N N 163 
ILE CG2 HG21 sing N N 164 
ILE CG2 HG22 sing N N 165 
ILE CG2 HG23 sing N N 166 
ILE CD1 HD11 sing N N 167 
ILE CD1 HD12 sing N N 168 
ILE CD1 HD13 sing N N 169 
ILE OXT HXT  sing N N 170 
LEU N   CA   sing N N 171 
LEU N   H    sing N N 172 
LEU N   H2   sing N N 173 
LEU CA  C    sing N N 174 
LEU CA  CB   sing N N 175 
LEU CA  HA   sing N N 176 
LEU C   O    doub N N 177 
LEU C   OXT  sing N N 178 
LEU CB  CG   sing N N 179 
LEU CB  HB2  sing N N 180 
LEU CB  HB3  sing N N 181 
LEU CG  CD1  sing N N 182 
LEU CG  CD2  sing N N 183 
LEU CG  HG   sing N N 184 
LEU CD1 HD11 sing N N 185 
LEU CD1 HD12 sing N N 186 
LEU CD1 HD13 sing N N 187 
LEU CD2 HD21 sing N N 188 
LEU CD2 HD22 sing N N 189 
LEU CD2 HD23 sing N N 190 
LEU OXT HXT  sing N N 191 
LYS N   CA   sing N N 192 
LYS N   H    sing N N 193 
LYS N   H2   sing N N 194 
LYS CA  C    sing N N 195 
LYS CA  CB   sing N N 196 
LYS CA  HA   sing N N 197 
LYS C   O    doub N N 198 
LYS C   OXT  sing N N 199 
LYS CB  CG   sing N N 200 
LYS CB  HB2  sing N N 201 
LYS CB  HB3  sing N N 202 
LYS CG  CD   sing N N 203 
LYS CG  HG2  sing N N 204 
LYS CG  HG3  sing N N 205 
LYS CD  CE   sing N N 206 
LYS CD  HD2  sing N N 207 
LYS CD  HD3  sing N N 208 
LYS CE  NZ   sing N N 209 
LYS CE  HE2  sing N N 210 
LYS CE  HE3  sing N N 211 
LYS NZ  HZ1  sing N N 212 
LYS NZ  HZ2  sing N N 213 
LYS NZ  HZ3  sing N N 214 
LYS OXT HXT  sing N N 215 
MET N   CA   sing N N 216 
MET N   H    sing N N 217 
MET N   H2   sing N N 218 
MET CA  C    sing N N 219 
MET CA  CB   sing N N 220 
MET CA  HA   sing N N 221 
MET C   O    doub N N 222 
MET C   OXT  sing N N 223 
MET CB  CG   sing N N 224 
MET CB  HB2  sing N N 225 
MET CB  HB3  sing N N 226 
MET CG  SD   sing N N 227 
MET CG  HG2  sing N N 228 
MET CG  HG3  sing N N 229 
MET SD  CE   sing N N 230 
MET CE  HE1  sing N N 231 
MET CE  HE2  sing N N 232 
MET CE  HE3  sing N N 233 
MET OXT HXT  sing N N 234 
PHE N   CA   sing N N 235 
PHE N   H    sing N N 236 
PHE N   H2   sing N N 237 
PHE CA  C    sing N N 238 
PHE CA  CB   sing N N 239 
PHE CA  HA   sing N N 240 
PHE C   O    doub N N 241 
PHE C   OXT  sing N N 242 
PHE CB  CG   sing N N 243 
PHE CB  HB2  sing N N 244 
PHE CB  HB3  sing N N 245 
PHE CG  CD1  doub Y N 246 
PHE CG  CD2  sing Y N 247 
PHE CD1 CE1  sing Y N 248 
PHE CD1 HD1  sing N N 249 
PHE CD2 CE2  doub Y N 250 
PHE CD2 HD2  sing N N 251 
PHE CE1 CZ   doub Y N 252 
PHE CE1 HE1  sing N N 253 
PHE CE2 CZ   sing Y N 254 
PHE CE2 HE2  sing N N 255 
PHE CZ  HZ   sing N N 256 
PHE OXT HXT  sing N N 257 
PRO N   CA   sing N N 258 
PRO N   CD   sing N N 259 
PRO N   H    sing N N 260 
PRO CA  C    sing N N 261 
PRO CA  CB   sing N N 262 
PRO CA  HA   sing N N 263 
PRO C   O    doub N N 264 
PRO C   OXT  sing N N 265 
PRO CB  CG   sing N N 266 
PRO CB  HB2  sing N N 267 
PRO CB  HB3  sing N N 268 
PRO CG  CD   sing N N 269 
PRO CG  HG2  sing N N 270 
PRO CG  HG3  sing N N 271 
PRO CD  HD2  sing N N 272 
PRO CD  HD3  sing N N 273 
PRO OXT HXT  sing N N 274 
SER N   CA   sing N N 275 
SER N   H    sing N N 276 
SER N   H2   sing N N 277 
SER CA  C    sing N N 278 
SER CA  CB   sing N N 279 
SER CA  HA   sing N N 280 
SER C   O    doub N N 281 
SER C   OXT  sing N N 282 
SER CB  OG   sing N N 283 
SER CB  HB2  sing N N 284 
SER CB  HB3  sing N N 285 
SER OG  HG   sing N N 286 
SER OXT HXT  sing N N 287 
THR N   CA   sing N N 288 
THR N   H    sing N N 289 
THR N   H2   sing N N 290 
THR CA  C    sing N N 291 
THR CA  CB   sing N N 292 
THR CA  HA   sing N N 293 
THR C   O    doub N N 294 
THR C   OXT  sing N N 295 
THR CB  OG1  sing N N 296 
THR CB  CG2  sing N N 297 
THR CB  HB   sing N N 298 
THR OG1 HG1  sing N N 299 
THR CG2 HG21 sing N N 300 
THR CG2 HG22 sing N N 301 
THR CG2 HG23 sing N N 302 
THR OXT HXT  sing N N 303 
TRP N   CA   sing N N 304 
TRP N   H    sing N N 305 
TRP N   H2   sing N N 306 
TRP CA  C    sing N N 307 
TRP CA  CB   sing N N 308 
TRP CA  HA   sing N N 309 
TRP C   O    doub N N 310 
TRP C   OXT  sing N N 311 
TRP CB  CG   sing N N 312 
TRP CB  HB2  sing N N 313 
TRP CB  HB3  sing N N 314 
TRP CG  CD1  doub Y N 315 
TRP CG  CD2  sing Y N 316 
TRP CD1 NE1  sing Y N 317 
TRP CD1 HD1  sing N N 318 
TRP CD2 CE2  doub Y N 319 
TRP CD2 CE3  sing Y N 320 
TRP NE1 CE2  sing Y N 321 
TRP NE1 HE1  sing N N 322 
TRP CE2 CZ2  sing Y N 323 
TRP CE3 CZ3  doub Y N 324 
TRP CE3 HE3  sing N N 325 
TRP CZ2 CH2  doub Y N 326 
TRP CZ2 HZ2  sing N N 327 
TRP CZ3 CH2  sing Y N 328 
TRP CZ3 HZ3  sing N N 329 
TRP CH2 HH2  sing N N 330 
TRP OXT HXT  sing N N 331 
TYR N   CA   sing N N 332 
TYR N   H    sing N N 333 
TYR N   H2   sing N N 334 
TYR CA  C    sing N N 335 
TYR CA  CB   sing N N 336 
TYR CA  HA   sing N N 337 
TYR C   O    doub N N 338 
TYR C   OXT  sing N N 339 
TYR CB  CG   sing N N 340 
TYR CB  HB2  sing N N 341 
TYR CB  HB3  sing N N 342 
TYR CG  CD1  doub Y N 343 
TYR CG  CD2  sing Y N 344 
TYR CD1 CE1  sing Y N 345 
TYR CD1 HD1  sing N N 346 
TYR CD2 CE2  doub Y N 347 
TYR CD2 HD2  sing N N 348 
TYR CE1 CZ   doub Y N 349 
TYR CE1 HE1  sing N N 350 
TYR CE2 CZ   sing Y N 351 
TYR CE2 HE2  sing N N 352 
TYR CZ  OH   sing N N 353 
TYR OH  HH   sing N N 354 
TYR OXT HXT  sing N N 355 
VAL N   CA   sing N N 356 
VAL N   H    sing N N 357 
VAL N   H2   sing N N 358 
VAL CA  C    sing N N 359 
VAL CA  CB   sing N N 360 
VAL CA  HA   sing N N 361 
VAL C   O    doub N N 362 
VAL C   OXT  sing N N 363 
VAL CB  CG1  sing N N 364 
VAL CB  CG2  sing N N 365 
VAL CB  HB   sing N N 366 
VAL CG1 HG11 sing N N 367 
VAL CG1 HG12 sing N N 368 
VAL CG1 HG13 sing N N 369 
VAL CG2 HG21 sing N N 370 
VAL CG2 HG22 sing N N 371 
VAL CG2 HG23 sing N N 372 
VAL OXT HXT  sing N N 373 
# 
_atom_sites.entry_id                    1M4M 
_atom_sites.fract_transf_matrix[1][1]   -0.02315417 
_atom_sites.fract_transf_matrix[1][2]   0.00883569 
_atom_sites.fract_transf_matrix[1][3]   0.01275233 
_atom_sites.fract_transf_matrix[2][1]   -0.02478007 
_atom_sites.fract_transf_matrix[2][2]   -0.01048063 
_atom_sites.fract_transf_matrix[2][3]   -0.00727304 
_atom_sites.fract_transf_matrix[3][1]   0.00035400 
_atom_sites.fract_transf_matrix[3][2]   -0.00247127 
_atom_sites.fract_transf_matrix[3][3]   0.00235502 
_atom_sites.fract_transf_vector[1]      -0.063665 
_atom_sites.fract_transf_vector[2]      0.118727 
_atom_sites.fract_transf_vector[3]      0.043531 
# 
loop_
_atom_type.symbol 
C  
N  
O  
S  
ZN 
# 
loop_
_atom_site.group_PDB 
_atom_site.id 
_atom_site.type_symbol 
_atom_site.label_atom_id 
_atom_site.label_alt_id 
_atom_site.label_comp_id 
_atom_site.label_asym_id 
_atom_site.label_entity_id 
_atom_site.label_seq_id 
_atom_site.pdbx_PDB_ins_code 
_atom_site.Cartn_x 
_atom_site.Cartn_y 
_atom_site.Cartn_z 
_atom_site.occupancy 
_atom_site.B_iso_or_equiv 
_atom_site.pdbx_formal_charge 
_atom_site.auth_seq_id 
_atom_site.auth_comp_id 
_atom_site.auth_asym_id 
_atom_site.auth_atom_id 
_atom_site.pdbx_PDB_model_num 
ATOM   1   N  N   . PRO A 1 7   ? 0.427   -19.454 2.517   1.00 60.00 ? 7   PRO A N   1 
ATOM   2   C  CA  . PRO A 1 7   ? 1.469   -18.397 2.517   1.00 60.00 ? 7   PRO A CA  1 
ATOM   3   C  C   . PRO A 1 7   ? 1.819   -17.799 1.138   1.00 60.00 ? 7   PRO A C   1 
ATOM   4   O  O   . PRO A 1 7   ? 1.356   -16.707 0.804   1.00 59.98 ? 7   PRO A O   1 
ATOM   5   C  CB  . PRO A 1 7   ? 2.706   -18.981 3.207   1.00 60.00 ? 7   PRO A CB  1 
ATOM   6   C  CG  . PRO A 1 7   ? 2.308   -20.486 3.442   1.00 60.00 ? 7   PRO A CG  1 
ATOM   7   C  CD  . PRO A 1 7   ? 0.783   -20.517 3.474   1.00 60.00 ? 7   PRO A CD  1 
ATOM   8   N  N   . GLN A 1 8   ? 2.616   -18.523 0.351   1.00 60.00 ? 8   GLN A N   1 
ATOM   9   C  CA  . GLN A 1 8   ? 3.077   -18.118 -0.994  1.00 60.00 ? 8   GLN A CA  1 
ATOM   10  C  C   . GLN A 1 8   ? 3.425   -16.655 -1.301  1.00 60.00 ? 8   GLN A C   1 
ATOM   11  O  O   . GLN A 1 8   ? 3.555   -15.814 -0.412  1.00 60.00 ? 8   GLN A O   1 
ATOM   12  C  CB  . GLN A 1 8   ? 2.116   -18.617 -2.084  1.00 58.54 ? 8   GLN A CB  1 
ATOM   13  C  CG  . GLN A 1 8   ? 0.697   -18.131 -1.971  1.00 58.98 ? 8   GLN A CG  1 
ATOM   14  C  CD  . GLN A 1 8   ? -0.033  -18.799 -0.832  1.00 60.00 ? 8   GLN A CD  1 
ATOM   15  O  OE1 . GLN A 1 8   ? -0.021  -20.024 -0.714  1.00 60.00 ? 8   GLN A OE1 1 
ATOM   16  N  NE2 . GLN A 1 8   ? -0.673  -18.001 0.017   1.00 60.00 ? 8   GLN A NE2 1 
ATOM   17  N  N   . ILE A 1 9   ? 3.577   -16.384 -2.595  1.00 60.00 ? 9   ILE A N   1 
ATOM   18  C  CA  . ILE A 1 9   ? 3.958   -15.072 -3.109  1.00 60.00 ? 9   ILE A CA  1 
ATOM   19  C  C   . ILE A 1 9   ? 2.874   -13.996 -3.211  1.00 60.00 ? 9   ILE A C   1 
ATOM   20  O  O   . ILE A 1 9   ? 2.489   -13.583 -4.305  1.00 59.31 ? 9   ILE A O   1 
ATOM   21  C  CB  . ILE A 1 9   ? 4.628   -15.214 -4.495  1.00 60.00 ? 9   ILE A CB  1 
ATOM   22  C  CG1 . ILE A 1 9   ? 3.632   -15.770 -5.525  1.00 60.00 ? 9   ILE A CG1 1 
ATOM   23  C  CG2 . ILE A 1 9   ? 5.841   -16.125 -4.383  1.00 59.38 ? 9   ILE A CG2 1 
ATOM   24  C  CD1 . ILE A 1 9   ? 3.081   -17.162 -5.218  1.00 60.00 ? 9   ILE A CD1 1 
ATOM   25  N  N   . TRP A 1 10  ? 2.384   -13.557 -2.058  1.00 57.53 ? 10  TRP A N   1 
ATOM   26  C  CA  . TRP A 1 10  ? 1.400   -12.494 -1.976  1.00 54.82 ? 10  TRP A CA  1 
ATOM   27  C  C   . TRP A 1 10  ? 1.034   -12.250 -0.521  1.00 53.55 ? 10  TRP A C   1 
ATOM   28  O  O   . TRP A 1 10  ? -0.124  -12.061 -0.139  1.00 50.64 ? 10  TRP A O   1 
ATOM   29  C  CB  . TRP A 1 10  ? 0.174   -12.742 -2.882  1.00 54.46 ? 10  TRP A CB  1 
ATOM   30  C  CG  . TRP A 1 10  ? -0.749  -13.853 -2.542  1.00 56.51 ? 10  TRP A CG  1 
ATOM   31  C  CD1 . TRP A 1 10  ? -0.833  -14.523 -1.365  1.00 58.95 ? 10  TRP A CD1 1 
ATOM   32  C  CD2 . TRP A 1 10  ? -1.794  -14.377 -3.379  1.00 57.04 ? 10  TRP A CD2 1 
ATOM   33  N  NE1 . TRP A 1 10  ? -1.868  -15.433 -1.407  1.00 60.00 ? 10  TRP A NE1 1 
ATOM   34  C  CE2 . TRP A 1 10  ? -2.474  -15.363 -2.634  1.00 58.28 ? 10  TRP A CE2 1 
ATOM   35  C  CE3 . TRP A 1 10  ? -2.223  -14.103 -4.688  1.00 53.73 ? 10  TRP A CE3 1 
ATOM   36  C  CZ2 . TRP A 1 10  ? -3.560  -16.083 -3.149  1.00 56.45 ? 10  TRP A CZ2 1 
ATOM   37  C  CZ3 . TRP A 1 10  ? -3.301  -14.816 -5.199  1.00 52.98 ? 10  TRP A CZ3 1 
ATOM   38  C  CH2 . TRP A 1 10  ? -3.958  -15.794 -4.430  1.00 56.89 ? 10  TRP A CH2 1 
ATOM   39  N  N   . GLN A 1 11  ? 2.095   -12.242 0.275   1.00 52.70 ? 11  GLN A N   1 
ATOM   40  C  CA  . GLN A 1 11  ? 2.040   -11.992 1.706   1.00 54.09 ? 11  GLN A CA  1 
ATOM   41  C  C   . GLN A 1 11  ? 1.764   -10.507 1.909   1.00 52.91 ? 11  GLN A C   1 
ATOM   42  O  O   . GLN A 1 11  ? 1.457   -10.052 3.024   1.00 50.99 ? 11  GLN A O   1 
ATOM   43  C  CB  . GLN A 1 11  ? 3.389   -12.360 2.315   1.00 56.40 ? 11  GLN A CB  1 
ATOM   44  C  CG  . GLN A 1 11  ? 4.540   -12.139 1.352   1.00 57.63 ? 11  GLN A CG  1 
ATOM   45  C  CD  . GLN A 1 11  ? 5.641   -13.162 1.522   1.00 60.00 ? 11  GLN A CD  1 
ATOM   46  O  OE1 . GLN A 1 11  ? 6.284   -13.223 2.565   1.00 60.00 ? 11  GLN A OE1 1 
ATOM   47  N  NE2 . GLN A 1 11  ? 5.862   -13.978 0.493   1.00 60.00 ? 11  GLN A NE2 1 
ATOM   48  N  N   . LEU A 1 12  ? 1.888   -9.756  0.812   1.00 51.03 ? 12  LEU A N   1 
ATOM   49  C  CA  . LEU A 1 12  ? 1.653   -8.321  0.837   1.00 49.65 ? 12  LEU A CA  1 
ATOM   50  C  C   . LEU A 1 12  ? 0.196   -8.006  1.079   1.00 48.13 ? 12  LEU A C   1 
ATOM   51  O  O   . LEU A 1 12  ? -0.175  -6.852  1.262   1.00 48.23 ? 12  LEU A O   1 
ATOM   52  C  CB  . LEU A 1 12  ? 2.120   -7.667  -0.458  1.00 48.46 ? 12  LEU A CB  1 
ATOM   53  C  CG  . LEU A 1 12  ? 3.636   -7.531  -0.536  1.00 48.34 ? 12  LEU A CG  1 
ATOM   54  C  CD1 . LEU A 1 12  ? 4.008   -6.744  -1.768  1.00 45.98 ? 12  LEU A CD1 1 
ATOM   55  C  CD2 . LEU A 1 12  ? 4.144   -6.836  0.713   1.00 47.05 ? 12  LEU A CD2 1 
ATOM   56  N  N   . TYR A 1 13  ? -0.639  -9.035  1.065   1.00 46.33 ? 13  TYR A N   1 
ATOM   57  C  CA  . TYR A 1 13  ? -2.040  -8.815  1.350   1.00 44.06 ? 13  TYR A CA  1 
ATOM   58  C  C   . TYR A 1 13  ? -2.133  -8.683  2.860   1.00 44.24 ? 13  TYR A C   1 
ATOM   59  O  O   . TYR A 1 13  ? -3.151  -8.224  3.395   1.00 43.57 ? 13  TYR A O   1 
ATOM   60  C  CB  . TYR A 1 13  ? -2.864  -9.990  0.865   1.00 41.32 ? 13  TYR A CB  1 
ATOM   61  C  CG  . TYR A 1 13  ? -3.341  -9.829  -0.552  1.00 38.98 ? 13  TYR A CG  1 
ATOM   62  C  CD1 . TYR A 1 13  ? -4.419  -9.000  -0.854  1.00 36.51 ? 13  TYR A CD1 1 
ATOM   63  C  CD2 . TYR A 1 13  ? -2.714  -10.506 -1.597  1.00 40.70 ? 13  TYR A CD2 1 
ATOM   64  C  CE1 . TYR A 1 13  ? -4.865  -8.857  -2.164  1.00 35.95 ? 13  TYR A CE1 1 
ATOM   65  C  CE2 . TYR A 1 13  ? -3.149  -10.368 -2.910  1.00 36.44 ? 13  TYR A CE2 1 
ATOM   66  C  CZ  . TYR A 1 13  ? -4.223  -9.547  -3.183  1.00 36.95 ? 13  TYR A CZ  1 
ATOM   67  O  OH  . TYR A 1 13  ? -4.653  -9.427  -4.480  1.00 38.03 ? 13  TYR A OH  1 
ATOM   68  N  N   . LEU A 1 14  ? -1.041  -9.067  3.532   1.00 45.12 ? 14  LEU A N   1 
ATOM   69  C  CA  . LEU A 1 14  ? -0.943  -9.029  4.993   1.00 45.96 ? 14  LEU A CA  1 
ATOM   70  C  C   . LEU A 1 14  ? -0.134  -7.851  5.530   1.00 47.68 ? 14  LEU A C   1 
ATOM   71  O  O   . LEU A 1 14  ? 1.053   -7.713  5.223   1.00 43.85 ? 14  LEU A O   1 
ATOM   72  C  CB  . LEU A 1 14  ? -0.319  -10.334 5.503   1.00 44.08 ? 14  LEU A CB  1 
ATOM   73  C  CG  . LEU A 1 14  ? -1.030  -11.610 5.044   1.00 43.22 ? 14  LEU A CG  1 
ATOM   74  C  CD1 . LEU A 1 14  ? -0.177  -12.822 5.378   1.00 43.02 ? 14  LEU A CD1 1 
ATOM   75  C  CD2 . LEU A 1 14  ? -2.390  -11.700 5.709   1.00 41.88 ? 14  LEU A CD2 1 
ATOM   76  N  N   . LYS A 1 15  ? -0.780  -7.034  6.362   1.00 51.51 ? 15  LYS A N   1 
ATOM   77  C  CA  . LYS A 1 15  ? -0.141  -5.866  6.965   1.00 53.51 ? 15  LYS A CA  1 
ATOM   78  C  C   . LYS A 1 15  ? 1.290   -6.144  7.367   1.00 55.16 ? 15  LYS A C   1 
ATOM   79  O  O   . LYS A 1 15  ? 2.235   -5.605  6.788   1.00 57.97 ? 15  LYS A O   1 
ATOM   80  C  CB  . LYS A 1 15  ? -0.872  -5.409  8.231   1.00 54.22 ? 15  LYS A CB  1 
ATOM   81  C  CG  . LYS A 1 15  ? -2.190  -4.724  8.043   1.00 55.31 ? 15  LYS A CG  1 
ATOM   82  C  CD  . LYS A 1 15  ? -2.508  -3.897  9.282   1.00 57.59 ? 15  LYS A CD  1 
ATOM   83  C  CE  . LYS A 1 15  ? -3.992  -3.519  9.351   1.00 60.00 ? 15  LYS A CE  1 
ATOM   84  N  NZ  . LYS A 1 15  ? -4.283  -2.602  10.496  1.00 60.00 ? 15  LYS A NZ  1 
ATOM   85  N  N   . ASN A 1 16  ? 1.428   -6.977  8.390   1.00 55.68 ? 16  ASN A N   1 
ATOM   86  C  CA  . ASN A 1 16  ? 2.721   -7.338  8.936   1.00 56.59 ? 16  ASN A CA  1 
ATOM   87  C  C   . ASN A 1 16  ? 3.813   -7.476  7.888   1.00 57.50 ? 16  ASN A C   1 
ATOM   88  O  O   . ASN A 1 16  ? 4.948   -7.048  8.114   1.00 58.71 ? 16  ASN A O   1 
ATOM   89  C  CB  . ASN A 1 16  ? 2.570   -8.619  9.743   1.00 58.39 ? 16  ASN A CB  1 
ATOM   90  C  CG  . ASN A 1 16  ? 1.492   -8.496  10.803  1.00 60.00 ? 16  ASN A CG  1 
ATOM   91  O  OD1 . ASN A 1 16  ? 1.602   -7.686  11.728  1.00 60.00 ? 16  ASN A OD1 1 
ATOM   92  N  ND2 . ASN A 1 16  ? 0.431   -9.288  10.666  1.00 60.00 ? 16  ASN A ND2 1 
ATOM   93  N  N   . TYR A 1 17  ? 3.492   -8.051  6.736   1.00 56.86 ? 17  TYR A N   1 
ATOM   94  C  CA  . TYR A 1 17  ? 4.525   -8.178  5.726   1.00 56.10 ? 17  TYR A CA  1 
ATOM   95  C  C   . TYR A 1 17  ? 4.853   -6.827  5.102   1.00 55.16 ? 17  TYR A C   1 
ATOM   96  O  O   . TYR A 1 17  ? 6.023   -6.522  4.831   1.00 53.62 ? 17  TYR A O   1 
ATOM   97  C  CB  . TYR A 1 17  ? 4.127   -9.219  4.680   1.00 56.69 ? 17  TYR A CB  1 
ATOM   98  C  CG  . TYR A 1 17  ? 4.741   -10.544 5.029   1.00 60.00 ? 17  TYR A CG  1 
ATOM   99  C  CD1 . TYR A 1 17  ? 6.075   -10.823 4.699   1.00 60.00 ? 17  TYR A CD1 1 
ATOM   100 C  CD2 . TYR A 1 17  ? 4.048   -11.470 5.811   1.00 60.00 ? 17  TYR A CD2 1 
ATOM   101 C  CE1 . TYR A 1 17  ? 6.706   -11.991 5.151   1.00 60.00 ? 17  TYR A CE1 1 
ATOM   102 C  CE2 . TYR A 1 17  ? 4.667   -12.640 6.271   1.00 60.00 ? 17  TYR A CE2 1 
ATOM   103 C  CZ  . TYR A 1 17  ? 5.994   -12.893 5.940   1.00 60.00 ? 17  TYR A CZ  1 
ATOM   104 O  OH  . TYR A 1 17  ? 6.605   -14.038 6.404   1.00 59.88 ? 17  TYR A OH  1 
ATOM   105 N  N   . ARG A 1 18  ? 3.829   -6.006  4.893   1.00 54.22 ? 18  ARG A N   1 
ATOM   106 C  CA  . ARG A 1 18  ? 4.056   -4.688  4.329   1.00 52.72 ? 18  ARG A CA  1 
ATOM   107 C  C   . ARG A 1 18  ? 4.817   -3.869  5.358   1.00 51.84 ? 18  ARG A C   1 
ATOM   108 O  O   . ARG A 1 18  ? 5.788   -3.185  5.027   1.00 53.17 ? 18  ARG A O   1 
ATOM   109 C  CB  . ARG A 1 18  ? 2.733   -4.008  3.966   1.00 54.12 ? 18  ARG A CB  1 
ATOM   110 C  CG  . ARG A 1 18  ? 1.982   -4.702  2.836   1.00 53.59 ? 18  ARG A CG  1 
ATOM   111 C  CD  . ARG A 1 18  ? 1.005   -3.754  2.181   1.00 55.12 ? 18  ARG A CD  1 
ATOM   112 N  NE  . ARG A 1 18  ? -0.020  -3.308  3.117   1.00 54.90 ? 18  ARG A NE  1 
ATOM   113 C  CZ  . ARG A 1 18  ? -1.047  -4.054  3.507   1.00 56.40 ? 18  ARG A CZ  1 
ATOM   114 N  NH1 . ARG A 1 18  ? -1.182  -5.283  3.043   1.00 56.36 ? 18  ARG A NH1 1 
ATOM   115 N  NH2 . ARG A 1 18  ? -1.954  -3.562  4.340   1.00 58.11 ? 18  ARG A NH2 1 
ATOM   116 N  N   . ILE A 1 19  ? 4.386   -3.950  6.614   1.00 50.18 ? 19  ILE A N   1 
ATOM   117 C  CA  . ILE A 1 19  ? 5.069   -3.220  7.674   1.00 48.62 ? 19  ILE A CA  1 
ATOM   118 C  C   . ILE A 1 19  ? 6.558   -3.512  7.617   1.00 46.33 ? 19  ILE A C   1 
ATOM   119 O  O   . ILE A 1 19  ? 7.370   -2.612  7.710   1.00 44.74 ? 19  ILE A O   1 
ATOM   120 C  CB  . ILE A 1 19  ? 4.577   -3.619  9.066   1.00 49.53 ? 19  ILE A CB  1 
ATOM   121 C  CG1 . ILE A 1 19  ? 3.125   -3.182  9.257   1.00 50.37 ? 19  ILE A CG1 1 
ATOM   122 C  CG2 . ILE A 1 19  ? 5.463   -2.982  10.121  1.00 50.95 ? 19  ILE A CG2 1 
ATOM   123 C  CD1 . ILE A 1 19  ? 2.582   -3.427  10.656  1.00 45.52 ? 19  ILE A CD1 1 
ATOM   124 N  N   . ALA A 1 20  ? 6.907   -4.779  7.453   1.00 48.28 ? 20  ALA A N   1 
ATOM   125 C  CA  . ALA A 1 20  ? 8.304   -5.178  7.397   1.00 49.87 ? 20  ALA A CA  1 
ATOM   126 C  C   . ALA A 1 20  ? 9.103   -4.361  6.397   1.00 50.59 ? 20  ALA A C   1 
ATOM   127 O  O   . ALA A 1 20  ? 10.241  -3.987  6.678   1.00 55.48 ? 20  ALA A O   1 
ATOM   128 C  CB  . ALA A 1 20  ? 8.413   -6.655  7.059   1.00 51.52 ? 20  ALA A CB  1 
ATOM   129 N  N   . THR A 1 21  ? 8.509   -4.086  5.236   1.00 49.99 ? 21  THR A N   1 
ATOM   130 C  CA  . THR A 1 21  ? 9.167   -3.328  4.164   1.00 49.73 ? 21  THR A CA  1 
ATOM   131 C  C   . THR A 1 21  ? 9.760   -2.000  4.626   1.00 49.17 ? 21  THR A C   1 
ATOM   132 O  O   . THR A 1 21  ? 10.649  -1.450  3.979   1.00 48.16 ? 21  THR A O   1 
ATOM   133 C  CB  . THR A 1 21  ? 8.180   -3.028  3.024   1.00 50.65 ? 21  THR A CB  1 
ATOM   134 O  OG1 . THR A 1 21  ? 7.304   -4.148  2.858   1.00 55.93 ? 21  THR A OG1 1 
ATOM   135 C  CG2 . THR A 1 21  ? 8.922   -2.795  1.713   1.00 49.91 ? 21  THR A CG2 1 
ATOM   136 N  N   . PHE A 1 22  ? 9.268   -1.497  5.751   1.00 50.62 ? 22  PHE A N   1 
ATOM   137 C  CA  . PHE A 1 22  ? 9.729   -0.232  6.295   1.00 51.60 ? 22  PHE A CA  1 
ATOM   138 C  C   . PHE A 1 22  ? 10.970  -0.351  7.163   1.00 54.38 ? 22  PHE A C   1 
ATOM   139 O  O   . PHE A 1 22  ? 10.997  -1.055  8.173   1.00 56.82 ? 22  PHE A O   1 
ATOM   140 C  CB  . PHE A 1 22  ? 8.594   0.428   7.065   1.00 52.64 ? 22  PHE A CB  1 
ATOM   141 C  CG  . PHE A 1 22  ? 7.416   0.762   6.203   1.00 51.94 ? 22  PHE A CG  1 
ATOM   142 C  CD1 . PHE A 1 22  ? 6.653   -0.244  5.630   1.00 52.85 ? 22  PHE A CD1 1 
ATOM   143 C  CD2 . PHE A 1 22  ? 7.093   2.081   5.928   1.00 52.55 ? 22  PHE A CD2 1 
ATOM   144 C  CE1 . PHE A 1 22  ? 5.593   0.057   4.798   1.00 53.05 ? 22  PHE A CE1 1 
ATOM   145 C  CE2 . PHE A 1 22  ? 6.035   2.388   5.098   1.00 53.24 ? 22  PHE A CE2 1 
ATOM   146 C  CZ  . PHE A 1 22  ? 5.285   1.374   4.533   1.00 51.97 ? 22  PHE A CZ  1 
ATOM   147 N  N   . LYS A 1 23  ? 12.008  0.350   6.744   1.00 54.73 ? 23  LYS A N   1 
ATOM   148 C  CA  . LYS A 1 23  ? 13.272  0.343   7.440   1.00 56.16 ? 23  LYS A CA  1 
ATOM   149 C  C   . LYS A 1 23  ? 13.925  1.614   6.956   1.00 56.95 ? 23  LYS A C   1 
ATOM   150 O  O   . LYS A 1 23  ? 14.081  1.815   5.748   1.00 57.50 ? 23  LYS A O   1 
ATOM   151 C  CB  . LYS A 1 23  ? 14.090  -0.885  7.034   1.00 58.10 ? 23  LYS A CB  1 
ATOM   152 C  CG  . LYS A 1 23  ? 15.455  -0.997  7.701   1.00 59.52 ? 23  LYS A CG  1 
ATOM   153 C  CD  . LYS A 1 23  ? 16.125  -2.330  7.368   1.00 60.00 ? 23  LYS A CD  1 
ATOM   154 C  CE  . LYS A 1 23  ? 17.538  -2.424  7.935   1.00 60.00 ? 23  LYS A CE  1 
ATOM   155 N  NZ  . LYS A 1 23  ? 18.491  -1.517  7.239   1.00 59.52 ? 23  LYS A NZ  1 
ATOM   156 N  N   . ASN A 1 24  ? 14.285  2.475   7.901   1.00 57.03 ? 24  ASN A N   1 
ATOM   157 C  CA  . ASN A 1 24  ? 14.894  3.764   7.596   1.00 57.63 ? 24  ASN A CA  1 
ATOM   158 C  C   . ASN A 1 24  ? 13.758  4.729   7.274   1.00 55.98 ? 24  ASN A C   1 
ATOM   159 O  O   . ASN A 1 24  ? 13.982  5.843   6.807   1.00 57.22 ? 24  ASN A O   1 
ATOM   160 C  CB  . ASN A 1 24  ? 15.855  3.652   6.402   1.00 60.00 ? 24  ASN A CB  1 
ATOM   161 C  CG  . ASN A 1 24  ? 17.112  2.859   6.730   1.00 60.00 ? 24  ASN A CG  1 
ATOM   162 O  OD1 . ASN A 1 24  ? 17.948  3.303   7.518   1.00 60.00 ? 24  ASN A OD1 1 
ATOM   163 N  ND2 . ASN A 1 24  ? 17.248  1.680   6.125   1.00 59.94 ? 24  ASN A ND2 1 
ATOM   164 N  N   . TRP A 1 25  ? 12.531  4.287   7.514   1.00 52.73 ? 25  TRP A N   1 
ATOM   165 C  CA  . TRP A 1 25  ? 11.392  5.143   7.268   1.00 51.27 ? 25  TRP A CA  1 
ATOM   166 C  C   . TRP A 1 25  ? 11.421  6.220   8.333   1.00 51.82 ? 25  TRP A C   1 
ATOM   167 O  O   . TRP A 1 25  ? 11.324  5.921   9.513   1.00 51.48 ? 25  TRP A O   1 
ATOM   168 C  CB  . TRP A 1 25  ? 10.076  4.357   7.381   1.00 46.49 ? 25  TRP A CB  1 
ATOM   169 C  CG  . TRP A 1 25  ? 8.836   5.224   7.190   1.00 41.82 ? 25  TRP A CG  1 
ATOM   170 C  CD1 . TRP A 1 25  ? 8.026   5.743   8.169   1.00 40.39 ? 25  TRP A CD1 1 
ATOM   171 C  CD2 . TRP A 1 25  ? 8.299   5.691   5.944   1.00 41.27 ? 25  TRP A CD2 1 
ATOM   172 N  NE1 . TRP A 1 25  ? 7.022   6.501   7.609   1.00 37.42 ? 25  TRP A NE1 1 
ATOM   173 C  CE2 . TRP A 1 25  ? 7.165   6.482   6.245   1.00 39.13 ? 25  TRP A CE2 1 
ATOM   174 C  CE3 . TRP A 1 25  ? 8.663   5.515   4.601   1.00 39.30 ? 25  TRP A CE3 1 
ATOM   175 C  CZ2 . TRP A 1 25  ? 6.395   7.095   5.250   1.00 39.36 ? 25  TRP A CZ2 1 
ATOM   176 C  CZ3 . TRP A 1 25  ? 7.899   6.118   3.618   1.00 36.70 ? 25  TRP A CZ3 1 
ATOM   177 C  CH2 . TRP A 1 25  ? 6.777   6.900   3.945   1.00 37.73 ? 25  TRP A CH2 1 
ATOM   178 N  N   . PRO A 1 26  ? 11.584  7.490   7.939   1.00 53.50 ? 26  PRO A N   1 
ATOM   179 C  CA  . PRO A 1 26  ? 11.598  8.519   8.981   1.00 55.02 ? 26  PRO A CA  1 
ATOM   180 C  C   . PRO A 1 26  ? 10.216  8.531   9.613   1.00 56.93 ? 26  PRO A C   1 
ATOM   181 O  O   . PRO A 1 26  ? 9.392   7.688   9.293   1.00 60.00 ? 26  PRO A O   1 
ATOM   182 C  CB  . PRO A 1 26  ? 11.903  9.792   8.203   1.00 55.47 ? 26  PRO A CB  1 
ATOM   183 C  CG  . PRO A 1 26  ? 11.294  9.517   6.867   1.00 55.47 ? 26  PRO A CG  1 
ATOM   184 C  CD  . PRO A 1 26  ? 11.703  8.089   6.602   1.00 54.39 ? 26  PRO A CD  1 
ATOM   185 N  N   . PHE A 1 27  ? 9.942   9.481   10.493  1.00 57.90 ? 27  PHE A N   1 
ATOM   186 C  CA  . PHE A 1 27  ? 8.635   9.523   11.155  1.00 57.94 ? 27  PHE A CA  1 
ATOM   187 C  C   . PHE A 1 27  ? 8.451   8.265   11.994  1.00 58.78 ? 27  PHE A C   1 
ATOM   188 O  O   . PHE A 1 27  ? 7.711   7.360   11.608  1.00 58.70 ? 27  PHE A O   1 
ATOM   189 C  CB  . PHE A 1 27  ? 7.482   9.572   10.145  1.00 56.53 ? 27  PHE A CB  1 
ATOM   190 C  CG  . PHE A 1 27  ? 7.579   10.681  9.155   1.00 54.60 ? 27  PHE A CG  1 
ATOM   191 C  CD1 . PHE A 1 27  ? 6.757   10.679  8.035   1.00 53.52 ? 27  PHE A CD1 1 
ATOM   192 C  CD2 . PHE A 1 27  ? 8.514   11.701  9.307   1.00 50.32 ? 27  PHE A CD2 1 
ATOM   193 C  CE1 . PHE A 1 27  ? 6.869   11.667  7.082   1.00 53.97 ? 27  PHE A CE1 1 
ATOM   194 C  CE2 . PHE A 1 27  ? 8.633   12.693  8.357   1.00 49.79 ? 27  PHE A CE2 1 
ATOM   195 C  CZ  . PHE A 1 27  ? 7.814   12.678  7.242   1.00 52.77 ? 27  PHE A CZ  1 
ATOM   196 N  N   . LEU A 1 28  ? 9.129   8.193   13.135  1.00 60.00 ? 28  LEU A N   1 
ATOM   197 C  CA  . LEU A 1 28  ? 8.967   7.018   13.964  1.00 59.47 ? 28  LEU A CA  1 
ATOM   198 C  C   . LEU A 1 28  ? 8.060   7.222   15.160  1.00 59.84 ? 28  LEU A C   1 
ATOM   199 O  O   . LEU A 1 28  ? 8.451   7.775   16.184  1.00 60.00 ? 28  LEU A O   1 
ATOM   200 C  CB  . LEU A 1 28  ? 10.320  6.465   14.399  1.00 58.64 ? 28  LEU A CB  1 
ATOM   201 C  CG  . LEU A 1 28  ? 10.846  5.482   13.344  1.00 59.48 ? 28  LEU A CG  1 
ATOM   202 C  CD1 . LEU A 1 28  ? 12.238  4.970   13.714  1.00 58.99 ? 28  LEU A CD1 1 
ATOM   203 C  CD2 . LEU A 1 28  ? 9.858   4.325   13.213  1.00 59.56 ? 28  LEU A CD2 1 
ATOM   204 N  N   . GLU A 1 29  ? 6.812   6.809   14.962  1.00 60.00 ? 29  GLU A N   1 
ATOM   205 C  CA  . GLU A 1 29  ? 5.759   6.827   15.975  1.00 60.00 ? 29  GLU A CA  1 
ATOM   206 C  C   . GLU A 1 29  ? 5.041   8.095   16.384  1.00 59.27 ? 29  GLU A C   1 
ATOM   207 O  O   . GLU A 1 29  ? 5.629   9.164   16.491  1.00 57.03 ? 29  GLU A O   1 
ATOM   208 C  CB  . GLU A 1 29  ? 6.267   6.119   17.224  1.00 60.00 ? 29  GLU A CB  1 
ATOM   209 C  CG  . GLU A 1 29  ? 6.256   4.602   17.107  1.00 60.00 ? 29  GLU A CG  1 
ATOM   210 C  CD  . GLU A 1 29  ? 6.491   4.120   15.685  1.00 60.00 ? 29  GLU A CD  1 
ATOM   211 O  OE1 . GLU A 1 29  ? 7.611   4.297   15.151  1.00 60.00 ? 29  GLU A OE1 1 
ATOM   212 O  OE2 . GLU A 1 29  ? 5.538   3.567   15.098  1.00 60.00 ? 29  GLU A OE2 1 
ATOM   213 N  N   . ASP A 1 30  ? 3.753   7.912   16.656  1.00 59.38 ? 30  ASP A N   1 
ATOM   214 C  CA  . ASP A 1 30  ? 2.853   8.978   17.053  1.00 60.00 ? 30  ASP A CA  1 
ATOM   215 C  C   . ASP A 1 30  ? 2.951   10.161  16.114  1.00 60.00 ? 30  ASP A C   1 
ATOM   216 O  O   . ASP A 1 30  ? 3.665   11.128  16.357  1.00 60.00 ? 30  ASP A O   1 
ATOM   217 C  CB  . ASP A 1 30  ? 3.103   9.414   18.495  1.00 60.00 ? 30  ASP A CB  1 
ATOM   218 C  CG  . ASP A 1 30  ? 1.898   9.160   19.384  1.00 60.00 ? 30  ASP A CG  1 
ATOM   219 O  OD1 . ASP A 1 30  ? 0.777   9.553   18.986  1.00 60.00 ? 30  ASP A OD1 1 
ATOM   220 O  OD2 . ASP A 1 30  ? 2.073   8.565   20.469  1.00 60.00 ? 30  ASP A OD2 1 
ATOM   221 N  N   . CYS A 1 31  ? 2.210   10.030  15.026  1.00 59.49 ? 31  CYS A N   1 
ATOM   222 C  CA  . CYS A 1 31  ? 2.109   10.989  13.943  1.00 58.55 ? 31  CYS A CA  1 
ATOM   223 C  C   . CYS A 1 31  ? 1.271   10.151  13.008  1.00 58.39 ? 31  CYS A C   1 
ATOM   224 O  O   . CYS A 1 31  ? 1.407   8.925   12.997  1.00 59.06 ? 31  CYS A O   1 
ATOM   225 C  CB  . CYS A 1 31  ? 3.475   11.268  13.310  1.00 57.18 ? 31  CYS A CB  1 
ATOM   226 S  SG  . CYS A 1 31  ? 4.216   9.885   12.393  1.00 60.00 ? 31  CYS A SG  1 
ATOM   227 N  N   . ALA A 1 32  ? 0.405   10.785  12.233  1.00 57.51 ? 32  ALA A N   1 
ATOM   228 C  CA  . ALA A 1 32  ? -0.462  10.037  11.336  1.00 56.29 ? 32  ALA A CA  1 
ATOM   229 C  C   . ALA A 1 32  ? 0.260   9.166   10.313  1.00 55.55 ? 32  ALA A C   1 
ATOM   230 O  O   . ALA A 1 32  ? -0.352  8.282   9.724   1.00 57.27 ? 32  ALA A O   1 
ATOM   231 C  CB  . ALA A 1 32  ? -1.409  10.995  10.624  1.00 57.17 ? 32  ALA A CB  1 
ATOM   232 N  N   . CYS A 1 33  ? 1.558   9.386   10.130  1.00 53.09 ? 33  CYS A N   1 
ATOM   233 C  CA  . CYS A 1 33  ? 2.313   8.643   9.129   1.00 50.33 ? 33  CYS A CA  1 
ATOM   234 C  C   . CYS A 1 33  ? 3.290   7.612   9.673   1.00 50.34 ? 33  CYS A C   1 
ATOM   235 O  O   . CYS A 1 33  ? 4.451   7.536   9.248   1.00 48.69 ? 33  CYS A O   1 
ATOM   236 C  CB  . CYS A 1 33  ? 3.053   9.636   8.211   1.00 52.01 ? 33  CYS A CB  1 
ATOM   237 S  SG  . CYS A 1 33  ? 3.284   9.069   6.508   1.00 47.76 ? 33  CYS A SG  1 
ATOM   238 N  N   . THR A 1 34  ? 2.827   6.806   10.612  1.00 51.87 ? 34  THR A N   1 
ATOM   239 C  CA  . THR A 1 34  ? 3.695   5.787   11.165  1.00 52.65 ? 34  THR A CA  1 
ATOM   240 C  C   . THR A 1 34  ? 3.730   4.650   10.163  1.00 53.25 ? 34  THR A C   1 
ATOM   241 O  O   . THR A 1 34  ? 2.805   4.475   9.370   1.00 54.65 ? 34  THR A O   1 
ATOM   242 C  CB  . THR A 1 34  ? 3.157   5.272   12.483  1.00 51.59 ? 34  THR A CB  1 
ATOM   243 O  OG1 . THR A 1 34  ? 1.922   4.593   12.250  1.00 53.62 ? 34  THR A OG1 1 
ATOM   244 C  CG2 . THR A 1 34  ? 2.916   6.432   13.435  1.00 51.94 ? 34  THR A CG2 1 
ATOM   245 N  N   . PRO A 1 35  ? 4.810   3.870   10.168  1.00 53.43 ? 35  PRO A N   1 
ATOM   246 C  CA  . PRO A 1 35  ? 4.892   2.757   9.223   1.00 52.60 ? 35  PRO A CA  1 
ATOM   247 C  C   . PRO A 1 35  ? 3.668   1.853   9.317   1.00 50.92 ? 35  PRO A C   1 
ATOM   248 O  O   . PRO A 1 35  ? 3.326   1.177   8.354   1.00 52.36 ? 35  PRO A O   1 
ATOM   249 C  CB  . PRO A 1 35  ? 6.175   2.050   9.640   1.00 51.45 ? 35  PRO A CB  1 
ATOM   250 C  CG  . PRO A 1 35  ? 7.023   3.185   10.102  1.00 52.28 ? 35  PRO A CG  1 
ATOM   251 C  CD  . PRO A 1 35  ? 6.061   4.014   10.928  1.00 52.84 ? 35  PRO A CD  1 
ATOM   252 N  N   . GLU A 1 36  ? 3.008   1.847   10.475  1.00 48.36 ? 36  GLU A N   1 
ATOM   253 C  CA  . GLU A 1 36  ? 1.826   1.014   10.647  1.00 49.52 ? 36  GLU A CA  1 
ATOM   254 C  C   . GLU A 1 36  ? 0.621   1.630   9.940   1.00 48.41 ? 36  GLU A C   1 
ATOM   255 O  O   . GLU A 1 36  ? -0.220  0.918   9.394   1.00 46.96 ? 36  GLU A O   1 
ATOM   256 C  CB  . GLU A 1 36  ? 1.522   0.797   12.141  1.00 52.52 ? 36  GLU A CB  1 
ATOM   257 C  CG  . GLU A 1 36  ? 0.514   1.756   12.770  1.00 56.47 ? 36  GLU A CG  1 
ATOM   258 C  CD  . GLU A 1 36  ? -0.932  1.395   12.452  1.00 60.00 ? 36  GLU A CD  1 
ATOM   259 O  OE1 . GLU A 1 36  ? -1.838  2.142   12.878  1.00 60.00 ? 36  GLU A OE1 1 
ATOM   260 O  OE2 . GLU A 1 36  ? -1.168  0.365   11.780  1.00 60.00 ? 36  GLU A OE2 1 
ATOM   261 N  N   . ARG A 1 37  ? 0.533   2.954   9.953   1.00 48.08 ? 37  ARG A N   1 
ATOM   262 C  CA  . ARG A 1 37  ? -0.581  3.623   9.296   1.00 47.85 ? 37  ARG A CA  1 
ATOM   263 C  C   . ARG A 1 37  ? -0.367  3.558   7.802   1.00 47.00 ? 37  ARG A C   1 
ATOM   264 O  O   . ARG A 1 37  ? -1.315  3.360   7.042   1.00 47.40 ? 37  ARG A O   1 
ATOM   265 C  CB  . ARG A 1 37  ? -0.692  5.068   9.763   1.00 47.07 ? 37  ARG A CB  1 
ATOM   266 C  CG  . ARG A 1 37  ? -0.861  5.173   11.264  1.00 51.38 ? 37  ARG A CG  1 
ATOM   267 C  CD  . ARG A 1 37  ? -1.894  6.209   11.659  1.00 53.68 ? 37  ARG A CD  1 
ATOM   268 N  NE  . ARG A 1 37  ? -3.232  5.871   11.181  1.00 55.24 ? 37  ARG A NE  1 
ATOM   269 C  CZ  . ARG A 1 37  ? -3.939  4.816   11.579  1.00 57.94 ? 37  ARG A CZ  1 
ATOM   270 N  NH1 . ARG A 1 37  ? -3.443  3.975   12.475  1.00 57.03 ? 37  ARG A NH1 1 
ATOM   271 N  NH2 . ARG A 1 37  ? -5.152  4.602   11.075  1.00 57.62 ? 37  ARG A NH2 1 
ATOM   272 N  N   . MET A 1 38  ? 0.884   3.702   7.379   1.00 46.16 ? 38  MET A N   1 
ATOM   273 C  CA  . MET A 1 38  ? 1.188   3.634   5.963   1.00 45.13 ? 38  MET A CA  1 
ATOM   274 C  C   . MET A 1 38  ? 0.804   2.258   5.439   1.00 44.91 ? 38  MET A C   1 
ATOM   275 O  O   . MET A 1 38  ? -0.086  2.137   4.596   1.00 44.52 ? 38  MET A O   1 
ATOM   276 C  CB  . MET A 1 38  ? 2.676   3.899   5.707   1.00 45.49 ? 38  MET A CB  1 
ATOM   277 C  CG  . MET A 1 38  ? 3.092   5.382   5.769   1.00 46.60 ? 38  MET A CG  1 
ATOM   278 S  SD  . MET A 1 38  ? 2.601   6.410   4.338   1.00 42.69 ? 38  MET A SD  1 
ATOM   279 C  CE  . MET A 1 38  ? 3.574   5.638   3.053   1.00 40.44 ? 38  MET A CE  1 
ATOM   280 N  N   . ALA A 1 39  ? 1.469   1.219   5.937   1.00 44.21 ? 39  ALA A N   1 
ATOM   281 C  CA  . ALA A 1 39  ? 1.177   -0.144  5.500   1.00 44.41 ? 39  ALA A CA  1 
ATOM   282 C  C   . ALA A 1 39  ? -0.323  -0.425  5.619   1.00 43.41 ? 39  ALA A C   1 
ATOM   283 O  O   . ALA A 1 39  ? -0.896  -1.211  4.855   1.00 42.88 ? 39  ALA A O   1 
ATOM   284 C  CB  . ALA A 1 39  ? 1.974   -1.148  6.334   1.00 46.63 ? 39  ALA A CB  1 
ATOM   285 N  N   . GLU A 1 40  ? -0.963  0.225   6.577   1.00 42.97 ? 40  GLU A N   1 
ATOM   286 C  CA  . GLU A 1 40  ? -2.393  0.040   6.758   1.00 42.83 ? 40  GLU A CA  1 
ATOM   287 C  C   . GLU A 1 40  ? -3.116  0.529   5.493   1.00 42.99 ? 40  GLU A C   1 
ATOM   288 O  O   . GLU A 1 40  ? -4.096  -0.070  5.045   1.00 42.73 ? 40  GLU A O   1 
ATOM   289 C  CB  . GLU A 1 40  ? -2.864  0.828   7.978   1.00 44.90 ? 40  GLU A CB  1 
ATOM   290 C  CG  . GLU A 1 40  ? -3.671  0.008   8.950   1.00 51.41 ? 40  GLU A CG  1 
ATOM   291 C  CD  . GLU A 1 40  ? -5.158  0.207   8.784   1.00 55.74 ? 40  GLU A CD  1 
ATOM   292 O  OE1 . GLU A 1 40  ? -5.645  1.317   9.092   1.00 59.18 ? 40  GLU A OE1 1 
ATOM   293 O  OE2 . GLU A 1 40  ? -5.843  -0.742  8.347   1.00 55.35 ? 40  GLU A OE2 1 
ATOM   294 N  N   . ALA A 1 41  ? -2.605  1.608   4.910   1.00 40.15 ? 41  ALA A N   1 
ATOM   295 C  CA  . ALA A 1 41  ? -3.195  2.192   3.716   1.00 36.38 ? 41  ALA A CA  1 
ATOM   296 C  C   . ALA A 1 41  ? -2.886  1.404   2.442   1.00 35.36 ? 41  ALA A C   1 
ATOM   297 O  O   . ALA A 1 41  ? -3.441  1.686   1.385   1.00 34.33 ? 41  ALA A O   1 
ATOM   298 C  CB  . ALA A 1 41  ? -2.734  3.630   3.581   1.00 34.23 ? 41  ALA A CB  1 
ATOM   299 N  N   . GLY A 1 42  ? -1.994  0.422   2.552   1.00 35.35 ? 42  GLY A N   1 
ATOM   300 C  CA  . GLY A 1 42  ? -1.642  -0.410  1.414   1.00 34.44 ? 42  GLY A CA  1 
ATOM   301 C  C   . GLY A 1 42  ? -0.274  -0.166  0.808   1.00 34.85 ? 42  GLY A C   1 
ATOM   302 O  O   . GLY A 1 42  ? 0.021   -0.688  -0.269  1.00 33.57 ? 42  GLY A O   1 
ATOM   303 N  N   . PHE A 1 43  ? 0.573   0.601   1.491   1.00 36.23 ? 43  PHE A N   1 
ATOM   304 C  CA  . PHE A 1 43  ? 1.905   0.905   0.969   1.00 36.55 ? 43  PHE A CA  1 
ATOM   305 C  C   . PHE A 1 43  ? 3.042   0.037   1.482   1.00 38.50 ? 43  PHE A C   1 
ATOM   306 O  O   . PHE A 1 43  ? 2.976   -0.512  2.576   1.00 37.33 ? 43  PHE A O   1 
ATOM   307 C  CB  . PHE A 1 43  ? 2.304   2.344   1.285   1.00 36.92 ? 43  PHE A CB  1 
ATOM   308 C  CG  . PHE A 1 43  ? 1.368   3.378   0.754   1.00 35.67 ? 43  PHE A CG  1 
ATOM   309 C  CD1 . PHE A 1 43  ? 0.276   3.795   1.505   1.00 31.98 ? 43  PHE A CD1 1 
ATOM   310 C  CD2 . PHE A 1 43  ? 1.587   3.948   -0.497  1.00 29.74 ? 43  PHE A CD2 1 
ATOM   311 C  CE1 . PHE A 1 43  ? -0.582  4.766   1.024   1.00 31.76 ? 43  PHE A CE1 1 
ATOM   312 C  CE2 . PHE A 1 43  ? 0.734   4.917   -0.988  1.00 28.09 ? 43  PHE A CE2 1 
ATOM   313 C  CZ  . PHE A 1 43  ? -0.353  5.328   -0.226  1.00 29.91 ? 43  PHE A CZ  1 
ATOM   314 N  N   . ILE A 1 44  ? 4.097   -0.046  0.677   1.00 40.48 ? 44  ILE A N   1 
ATOM   315 C  CA  . ILE A 1 44  ? 5.310   -0.766  1.022   1.00 46.12 ? 44  ILE A CA  1 
ATOM   316 C  C   . ILE A 1 44  ? 6.407   0.300   0.910   1.00 49.28 ? 44  ILE A C   1 
ATOM   317 O  O   . ILE A 1 44  ? 6.201   1.341   0.296   1.00 49.89 ? 44  ILE A O   1 
ATOM   318 C  CB  . ILE A 1 44  ? 5.630   -1.907  0.041   1.00 44.76 ? 44  ILE A CB  1 
ATOM   319 C  CG1 . ILE A 1 44  ? 5.768   -1.361  -1.377  1.00 47.85 ? 44  ILE A CG1 1 
ATOM   320 C  CG2 . ILE A 1 44  ? 4.556   -2.958  0.117   1.00 43.98 ? 44  ILE A CG2 1 
ATOM   321 C  CD1 . ILE A 1 44  ? 6.331   -2.375  -2.374  1.00 50.35 ? 44  ILE A CD1 1 
ATOM   322 N  N   . HIS A 1 45  ? 7.570   0.046   1.495   1.00 52.00 ? 45  HIS A N   1 
ATOM   323 C  CA  . HIS A 1 45  ? 8.663   1.009   1.464   1.00 54.27 ? 45  HIS A CA  1 
ATOM   324 C  C   . HIS A 1 45  ? 9.737   0.578   0.470   1.00 56.78 ? 45  HIS A C   1 
ATOM   325 O  O   . HIS A 1 45  ? 10.357  -0.471  0.630   1.00 59.94 ? 45  HIS A O   1 
ATOM   326 C  CB  . HIS A 1 45  ? 9.265   1.127   2.865   1.00 56.91 ? 45  HIS A CB  1 
ATOM   327 C  CG  . HIS A 1 45  ? 10.177  2.296   3.039   1.00 58.93 ? 45  HIS A CG  1 
ATOM   328 N  ND1 . HIS A 1 45  ? 10.944  2.472   4.168   1.00 60.00 ? 45  HIS A ND1 1 
ATOM   329 C  CD2 . HIS A 1 45  ? 10.416  3.370   2.250   1.00 57.96 ? 45  HIS A CD2 1 
ATOM   330 C  CE1 . HIS A 1 45  ? 11.616  3.604   4.072   1.00 60.00 ? 45  HIS A CE1 1 
ATOM   331 N  NE2 . HIS A 1 45  ? 11.311  4.168   2.916   1.00 60.00 ? 45  HIS A NE2 1 
ATOM   332 N  N   . CYS A 1 46  ? 9.967   1.374   -0.563  1.00 56.93 ? 46  CYS A N   1 
ATOM   333 C  CA  . CYS A 1 46  ? 10.990  1.018   -1.540  1.00 58.11 ? 46  CYS A CA  1 
ATOM   334 C  C   . CYS A 1 46  ? 11.755  2.261   -1.937  1.00 58.71 ? 46  CYS A C   1 
ATOM   335 O  O   . CYS A 1 46  ? 11.551  2.805   -3.016  1.00 57.31 ? 46  CYS A O   1 
ATOM   336 C  CB  . CYS A 1 46  ? 10.344  0.374   -2.762  1.00 58.79 ? 46  CYS A CB  1 
ATOM   337 S  SG  . CYS A 1 46  ? 8.753   1.110   -3.178  1.00 58.95 ? 46  CYS A SG  1 
ATOM   338 N  N   . PRO A 1 47  ? 12.664  2.720   -1.063  1.00 59.97 ? 47  PRO A N   1 
ATOM   339 C  CA  . PRO A 1 47  ? 13.479  3.915   -1.297  1.00 60.00 ? 47  PRO A CA  1 
ATOM   340 C  C   . PRO A 1 47  ? 14.601  3.735   -2.318  1.00 59.92 ? 47  PRO A C   1 
ATOM   341 O  O   . PRO A 1 47  ? 14.854  2.624   -2.787  1.00 60.00 ? 47  PRO A O   1 
ATOM   342 C  CB  . PRO A 1 47  ? 14.014  4.228   0.092   1.00 59.99 ? 47  PRO A CB  1 
ATOM   343 C  CG  . PRO A 1 47  ? 14.232  2.859   0.663   1.00 58.44 ? 47  PRO A CG  1 
ATOM   344 C  CD  . PRO A 1 47  ? 12.977  2.120   0.250   1.00 58.92 ? 47  PRO A CD  1 
ATOM   345 N  N   . THR A 1 48  ? 15.249  4.846   -2.669  1.00 59.93 ? 48  THR A N   1 
ATOM   346 C  CA  . THR A 1 48  ? 16.379  4.851   -3.610  1.00 60.00 ? 48  THR A CA  1 
ATOM   347 C  C   . THR A 1 48  ? 17.253  6.053   -3.292  1.00 60.00 ? 48  THR A C   1 
ATOM   348 O  O   . THR A 1 48  ? 16.920  6.866   -2.422  1.00 60.00 ? 48  THR A O   1 
ATOM   349 C  CB  . THR A 1 48  ? 15.944  4.977   -5.100  1.00 60.00 ? 48  THR A CB  1 
ATOM   350 O  OG1 . THR A 1 48  ? 15.460  6.301   -5.353  1.00 58.50 ? 48  THR A OG1 1 
ATOM   351 C  CG2 . THR A 1 48  ? 14.863  3.959   -5.439  1.00 58.16 ? 48  THR A CG2 1 
ATOM   352 N  N   . GLU A 1 49  ? 18.371  6.165   -3.997  1.00 59.39 ? 49  GLU A N   1 
ATOM   353 C  CA  . GLU A 1 49  ? 19.274  7.285   -3.784  1.00 60.00 ? 49  GLU A CA  1 
ATOM   354 C  C   . GLU A 1 49  ? 18.483  8.584   -3.756  1.00 60.00 ? 49  GLU A C   1 
ATOM   355 O  O   . GLU A 1 49  ? 18.504  9.327   -2.767  1.00 60.00 ? 49  GLU A O   1 
ATOM   356 C  CB  . GLU A 1 49  ? 20.306  7.362   -4.913  1.00 60.00 ? 49  GLU A CB  1 
ATOM   357 C  CG  . GLU A 1 49  ? 21.485  6.423   -4.745  1.00 60.00 ? 49  GLU A CG  1 
ATOM   358 C  CD  . GLU A 1 49  ? 22.227  6.678   -3.449  1.00 60.00 ? 49  GLU A CD  1 
ATOM   359 O  OE1 . GLU A 1 49  ? 22.888  7.737   -3.319  1.00 59.61 ? 49  GLU A OE1 1 
ATOM   360 O  OE2 . GLU A 1 49  ? 22.146  5.810   -2.556  1.00 60.00 ? 49  GLU A OE2 1 
ATOM   361 N  N   . ASN A 1 50  ? 17.773  8.835   -4.850  1.00 58.65 ? 50  ASN A N   1 
ATOM   362 C  CA  . ASN A 1 50  ? 16.987  10.047  -4.999  1.00 59.68 ? 50  ASN A CA  1 
ATOM   363 C  C   . ASN A 1 50  ? 15.593  9.954   -4.389  1.00 60.00 ? 50  ASN A C   1 
ATOM   364 O  O   . ASN A 1 50  ? 14.954  10.982  -4.131  1.00 60.00 ? 50  ASN A O   1 
ATOM   365 C  CB  . ASN A 1 50  ? 16.855  10.402  -6.482  1.00 59.66 ? 50  ASN A CB  1 
ATOM   366 C  CG  . ASN A 1 50  ? 18.191  10.407  -7.204  1.00 60.00 ? 50  ASN A CG  1 
ATOM   367 O  OD1 . ASN A 1 50  ? 19.118  11.125  -6.819  1.00 60.00 ? 50  ASN A OD1 1 
ATOM   368 N  ND2 . ASN A 1 50  ? 18.295  9.606   -8.264  1.00 60.00 ? 50  ASN A ND2 1 
ATOM   369 N  N   . GLU A 1 51  ? 15.112  8.736   -4.156  1.00 59.32 ? 51  GLU A N   1 
ATOM   370 C  CA  . GLU A 1 51  ? 13.777  8.578   -3.594  1.00 58.60 ? 51  GLU A CA  1 
ATOM   371 C  C   . GLU A 1 51  ? 13.791  7.874   -2.237  1.00 56.77 ? 51  GLU A C   1 
ATOM   372 O  O   . GLU A 1 51  ? 13.375  6.728   -2.115  1.00 56.32 ? 51  GLU A O   1 
ATOM   373 C  CB  . GLU A 1 51  ? 12.893  7.813   -4.583  1.00 60.00 ? 51  GLU A CB  1 
ATOM   374 C  CG  . GLU A 1 51  ? 12.970  8.319   -6.035  1.00 60.00 ? 51  GLU A CG  1 
ATOM   375 C  CD  . GLU A 1 51  ? 12.623  9.794   -6.183  1.00 60.00 ? 51  GLU A CD  1 
ATOM   376 O  OE1 . GLU A 1 51  ? 11.464  10.178  -5.907  1.00 60.00 ? 51  GLU A OE1 1 
ATOM   377 O  OE2 . GLU A 1 51  ? 13.517  10.573  -6.584  1.00 60.00 ? 51  GLU A OE2 1 
ATOM   378 N  N   . PRO A 1 52  ? 14.256  8.573   -1.196  1.00 55.25 ? 52  PRO A N   1 
ATOM   379 C  CA  . PRO A 1 52  ? 14.348  8.063   0.172   1.00 53.79 ? 52  PRO A CA  1 
ATOM   380 C  C   . PRO A 1 52  ? 13.019  7.616   0.761   1.00 52.15 ? 52  PRO A C   1 
ATOM   381 O  O   . PRO A 1 52  ? 12.942  6.540   1.360   1.00 52.33 ? 52  PRO A O   1 
ATOM   382 C  CB  . PRO A 1 52  ? 14.916  9.246   0.950   1.00 52.66 ? 52  PRO A CB  1 
ATOM   383 C  CG  . PRO A 1 52  ? 15.642  10.020  -0.081  1.00 54.86 ? 52  PRO A CG  1 
ATOM   384 C  CD  . PRO A 1 52  ? 14.716  9.966   -1.249  1.00 54.03 ? 52  PRO A CD  1 
ATOM   385 N  N   . ASP A 1 53  ? 11.980  8.438   0.602   1.00 48.41 ? 53  ASP A N   1 
ATOM   386 C  CA  . ASP A 1 53  ? 10.676  8.110   1.172   1.00 47.68 ? 53  ASP A CA  1 
ATOM   387 C  C   . ASP A 1 53  ? 9.652   7.564   0.196   1.00 46.87 ? 53  ASP A C   1 
ATOM   388 O  O   . ASP A 1 53  ? 8.453   7.696   0.428   1.00 46.87 ? 53  ASP A O   1 
ATOM   389 C  CB  . ASP A 1 53  ? 10.087  9.325   1.918   1.00 46.33 ? 53  ASP A CB  1 
ATOM   390 C  CG  . ASP A 1 53  ? 9.534   10.423  0.983   1.00 47.64 ? 53  ASP A CG  1 
ATOM   391 O  OD1 . ASP A 1 53  ? 8.964   11.402  1.518   1.00 46.57 ? 53  ASP A OD1 1 
ATOM   392 O  OD2 . ASP A 1 53  ? 9.654   10.327  -0.258  1.00 45.63 ? 53  ASP A OD2 1 
ATOM   393 N  N   . LEU A 1 54  ? 10.127  6.926   -0.870  1.00 46.77 ? 54  LEU A N   1 
ATOM   394 C  CA  . LEU A 1 54  ? 9.241   6.374   -1.889  1.00 47.32 ? 54  LEU A CA  1 
ATOM   395 C  C   . LEU A 1 54  ? 8.437   5.146   -1.443  1.00 47.63 ? 54  LEU A C   1 
ATOM   396 O  O   . LEU A 1 54  ? 8.988   4.081   -1.149  1.00 47.21 ? 54  LEU A O   1 
ATOM   397 C  CB  . LEU A 1 54  ? 10.038  6.039   -3.164  1.00 46.71 ? 54  LEU A CB  1 
ATOM   398 C  CG  . LEU A 1 54  ? 9.273   5.967   -4.500  1.00 47.13 ? 54  LEU A CG  1 
ATOM   399 C  CD1 . LEU A 1 54  ? 9.240   4.552   -5.018  1.00 48.25 ? 54  LEU A CD1 1 
ATOM   400 C  CD2 . LEU A 1 54  ? 7.855   6.503   -4.331  1.00 48.40 ? 54  LEU A CD2 1 
ATOM   401 N  N   . ALA A 1 55  ? 7.120   5.319   -1.408  1.00 47.89 ? 55  ALA A N   1 
ATOM   402 C  CA  . ALA A 1 55  ? 6.200   4.259   -1.032  1.00 46.66 ? 55  ALA A CA  1 
ATOM   403 C  C   . ALA A 1 55  ? 5.343   3.882   -2.244  1.00 43.97 ? 55  ALA A C   1 
ATOM   404 O  O   . ALA A 1 55  ? 5.130   4.694   -3.145  1.00 39.72 ? 55  ALA A O   1 
ATOM   405 C  CB  . ALA A 1 55  ? 5.316   4.726   0.108   1.00 46.69 ? 55  ALA A CB  1 
ATOM   406 N  N   . GLN A 1 56  ? 4.864   2.643   -2.262  1.00 42.97 ? 56  GLN A N   1 
ATOM   407 C  CA  . GLN A 1 56  ? 4.030   2.168   -3.354  1.00 45.08 ? 56  GLN A CA  1 
ATOM   408 C  C   . GLN A 1 56  ? 2.922   1.258   -2.832  1.00 42.90 ? 56  GLN A C   1 
ATOM   409 O  O   . GLN A 1 56  ? 3.128   0.509   -1.884  1.00 43.72 ? 56  GLN A O   1 
ATOM   410 C  CB  . GLN A 1 56  ? 4.879   1.415   -4.379  1.00 45.94 ? 56  GLN A CB  1 
ATOM   411 C  CG  . GLN A 1 56  ? 4.074   0.844   -5.537  1.00 49.24 ? 56  GLN A CG  1 
ATOM   412 C  CD  . GLN A 1 56  ? 4.877   -0.106  -6.405  1.00 50.54 ? 56  GLN A CD  1 
ATOM   413 O  OE1 . GLN A 1 56  ? 5.878   -0.681  -5.967  1.00 51.33 ? 56  GLN A OE1 1 
ATOM   414 N  NE2 . GLN A 1 56  ? 4.430   -0.288  -7.643  1.00 49.79 ? 56  GLN A NE2 1 
ATOM   415 N  N   . CYS A 1 57  ? 1.745   1.334   -3.447  1.00 40.96 ? 57  CYS A N   1 
ATOM   416 C  CA  . CYS A 1 57  ? 0.620   0.502   -3.043  1.00 43.61 ? 57  CYS A CA  1 
ATOM   417 C  C   . CYS A 1 57  ? 0.810   -0.912  -3.585  1.00 43.53 ? 57  CYS A C   1 
ATOM   418 O  O   . CYS A 1 57  ? 0.926   -1.096  -4.795  1.00 44.42 ? 57  CYS A O   1 
ATOM   419 C  CB  . CYS A 1 57  ? -0.686  1.088   -3.580  1.00 42.54 ? 57  CYS A CB  1 
ATOM   420 S  SG  . CYS A 1 57  ? -2.144  0.059   -3.304  1.00 42.14 ? 57  CYS A SG  1 
ATOM   421 N  N   . PHE A 1 58  ? 0.852   -1.909  -2.701  1.00 44.56 ? 58  PHE A N   1 
ATOM   422 C  CA  . PHE A 1 58  ? 1.040   -3.298  -3.144  1.00 47.36 ? 58  PHE A CA  1 
ATOM   423 C  C   . PHE A 1 58  ? -0.071  -3.667  -4.130  1.00 48.88 ? 58  PHE A C   1 
ATOM   424 O  O   . PHE A 1 58  ? 0.078   -4.597  -4.918  1.00 48.04 ? 58  PHE A O   1 
ATOM   425 C  CB  . PHE A 1 58  ? 1.007   -4.276  -1.948  1.00 45.75 ? 58  PHE A CB  1 
ATOM   426 C  CG  . PHE A 1 58  ? -0.392  -4.678  -1.525  1.00 42.90 ? 58  PHE A CG  1 
ATOM   427 C  CD1 . PHE A 1 58  ? -0.921  -5.906  -1.908  1.00 43.59 ? 58  PHE A CD1 1 
ATOM   428 C  CD2 . PHE A 1 58  ? -1.192  -3.799  -0.799  1.00 41.05 ? 58  PHE A CD2 1 
ATOM   429 C  CE1 . PHE A 1 58  ? -2.232  -6.253  -1.578  1.00 43.87 ? 58  PHE A CE1 1 
ATOM   430 C  CE2 . PHE A 1 58  ? -2.500  -4.131  -0.466  1.00 41.98 ? 58  PHE A CE2 1 
ATOM   431 C  CZ  . PHE A 1 58  ? -3.027  -5.361  -0.855  1.00 42.32 ? 58  PHE A CZ  1 
ATOM   432 N  N   . PHE A 1 59  ? -1.172  -2.920  -4.082  1.00 50.30 ? 59  PHE A N   1 
ATOM   433 C  CA  . PHE A 1 59  ? -2.312  -3.182  -4.946  1.00 51.95 ? 59  PHE A CA  1 
ATOM   434 C  C   . PHE A 1 59  ? -2.378  -2.355  -6.243  1.00 53.46 ? 59  PHE A C   1 
ATOM   435 O  O   . PHE A 1 59  ? -2.615  -2.905  -7.319  1.00 53.10 ? 59  PHE A O   1 
ATOM   436 C  CB  . PHE A 1 59  ? -3.613  -2.981  -4.163  1.00 53.86 ? 59  PHE A CB  1 
ATOM   437 C  CG  . PHE A 1 59  ? -4.759  -3.777  -4.705  1.00 56.73 ? 59  PHE A CG  1 
ATOM   438 C  CD1 . PHE A 1 59  ? -4.844  -5.148  -4.449  1.00 56.28 ? 59  PHE A CD1 1 
ATOM   439 C  CD2 . PHE A 1 59  ? -5.716  -3.181  -5.533  1.00 56.11 ? 59  PHE A CD2 1 
ATOM   440 C  CE1 . PHE A 1 59  ? -5.864  -5.917  -5.012  1.00 56.91 ? 59  PHE A CE1 1 
ATOM   441 C  CE2 . PHE A 1 59  ? -6.738  -3.934  -6.104  1.00 54.04 ? 59  PHE A CE2 1 
ATOM   442 C  CZ  . PHE A 1 59  ? -6.815  -5.311  -5.844  1.00 55.71 ? 59  PHE A CZ  1 
ATOM   443 N  N   . CYS A 1 60  ? -2.186  -1.041  -6.126  1.00 55.11 ? 60  CYS A N   1 
ATOM   444 C  CA  . CYS A 1 60  ? -2.229  -0.111  -7.265  1.00 54.05 ? 60  CYS A CA  1 
ATOM   445 C  C   . CYS A 1 60  ? -0.933  0.011   -8.003  1.00 52.39 ? 60  CYS A C   1 
ATOM   446 O  O   . CYS A 1 60  ? -0.908  0.353   -9.187  1.00 51.17 ? 60  CYS A O   1 
ATOM   447 C  CB  . CYS A 1 60  ? -2.589  1.282   -6.795  1.00 53.26 ? 60  CYS A CB  1 
ATOM   448 S  SG  . CYS A 1 60  ? -4.281  1.321   -6.437  1.00 60.00 ? 60  CYS A SG  1 
ATOM   449 N  N   . PHE A 1 61  ? 0.140   -0.234  -7.271  1.00 49.79 ? 61  PHE A N   1 
ATOM   450 C  CA  . PHE A 1 61  ? 1.470   -0.144  -7.802  1.00 48.53 ? 61  PHE A CA  1 
ATOM   451 C  C   . PHE A 1 61  ? 1.812   1.315   -8.045  1.00 46.57 ? 61  PHE A C   1 
ATOM   452 O  O   . PHE A 1 61  ? 2.866   1.636   -8.578  1.00 47.17 ? 61  PHE A O   1 
ATOM   453 C  CB  . PHE A 1 61  ? 1.558   -0.975  -9.077  1.00 47.16 ? 61  PHE A CB  1 
ATOM   454 C  CG  . PHE A 1 61  ? 1.219   -2.423  -8.868  1.00 47.33 ? 61  PHE A CG  1 
ATOM   455 C  CD1 . PHE A 1 61  ? 0.312   -3.071  -9.702  1.00 49.51 ? 61  PHE A CD1 1 
ATOM   456 C  CD2 . PHE A 1 61  ? 1.797   -3.136  -7.817  1.00 46.42 ? 61  PHE A CD2 1 
ATOM   457 C  CE1 . PHE A 1 61  ? -0.020  -4.422  -9.485  1.00 49.69 ? 61  PHE A CE1 1 
ATOM   458 C  CE2 . PHE A 1 61  ? 1.476   -4.479  -7.590  1.00 49.61 ? 61  PHE A CE2 1 
ATOM   459 C  CZ  . PHE A 1 61  ? 0.561   -5.124  -8.429  1.00 50.00 ? 61  PHE A CZ  1 
ATOM   460 N  N   . LYS A 1 62  ? 0.926   2.210   -7.635  1.00 44.94 ? 62  LYS A N   1 
ATOM   461 C  CA  . LYS A 1 62  ? 1.195   3.615   -7.844  1.00 46.09 ? 62  LYS A CA  1 
ATOM   462 C  C   . LYS A 1 62  ? 2.131   4.193   -6.801  1.00 44.80 ? 62  LYS A C   1 
ATOM   463 O  O   . LYS A 1 62  ? 1.887   4.113   -5.594  1.00 44.33 ? 62  LYS A O   1 
ATOM   464 C  CB  . LYS A 1 62  ? -0.110  4.402   -7.926  1.00 46.46 ? 62  LYS A CB  1 
ATOM   465 C  CG  . LYS A 1 62  ? -0.603  4.482   -9.356  1.00 52.90 ? 62  LYS A CG  1 
ATOM   466 C  CD  . LYS A 1 62  ? -2.098  4.702   -9.460  1.00 57.34 ? 62  LYS A CD  1 
ATOM   467 C  CE  . LYS A 1 62  ? -2.535  4.501   -10.909 1.00 56.40 ? 62  LYS A CE  1 
ATOM   468 N  NZ  . LYS A 1 62  ? -4.005  4.402   -11.094 1.00 57.71 ? 62  LYS A NZ  1 
ATOM   469 N  N   . GLU A 1 63  ? 3.223   4.769   -7.285  1.00 43.05 ? 63  GLU A N   1 
ATOM   470 C  CA  . GLU A 1 63  ? 4.231   5.353   -6.417  1.00 44.03 ? 63  GLU A CA  1 
ATOM   471 C  C   . GLU A 1 63  ? 3.921   6.772   -5.962  1.00 40.09 ? 63  GLU A C   1 
ATOM   472 O  O   . GLU A 1 63  ? 3.306   7.551   -6.673  1.00 36.38 ? 63  GLU A O   1 
ATOM   473 C  CB  . GLU A 1 63  ? 5.577   5.281   -7.121  1.00 48.71 ? 63  GLU A CB  1 
ATOM   474 C  CG  . GLU A 1 63  ? 5.844   3.871   -7.607  1.00 53.18 ? 63  GLU A CG  1 
ATOM   475 C  CD  . GLU A 1 63  ? 7.170   3.725   -8.303  1.00 58.20 ? 63  GLU A CD  1 
ATOM   476 O  OE1 . GLU A 1 63  ? 7.296   4.162   -9.470  1.00 60.00 ? 63  GLU A OE1 1 
ATOM   477 O  OE2 . GLU A 1 63  ? 8.095   3.173   -7.672  1.00 60.00 ? 63  GLU A OE2 1 
ATOM   478 N  N   . LEU A 1 64  ? 4.341   7.093   -4.747  1.00 40.25 ? 64  LEU A N   1 
ATOM   479 C  CA  . LEU A 1 64  ? 4.091   8.410   -4.195  1.00 40.17 ? 64  LEU A CA  1 
ATOM   480 C  C   . LEU A 1 64  ? 5.184   8.804   -3.228  1.00 36.64 ? 64  LEU A C   1 
ATOM   481 O  O   . LEU A 1 64  ? 5.649   8.001   -2.433  1.00 35.43 ? 64  LEU A O   1 
ATOM   482 C  CB  . LEU A 1 64  ? 2.728   8.440   -3.508  1.00 40.87 ? 64  LEU A CB  1 
ATOM   483 C  CG  . LEU A 1 64  ? 2.254   9.834   -3.122  1.00 43.93 ? 64  LEU A CG  1 
ATOM   484 C  CD1 . LEU A 1 64  ? 2.384   10.764  -4.315  1.00 47.42 ? 64  LEU A CD1 1 
ATOM   485 C  CD2 . LEU A 1 64  ? 0.817   9.768   -2.647  1.00 47.71 ? 64  LEU A CD2 1 
ATOM   486 N  N   . GLU A 1 65  ? 5.580   10.064  -3.307  1.00 36.80 ? 65  GLU A N   1 
ATOM   487 C  CA  . GLU A 1 65  ? 6.653   10.598  -2.493  1.00 40.66 ? 65  GLU A CA  1 
ATOM   488 C  C   . GLU A 1 65  ? 6.305   11.937  -1.871  1.00 38.99 ? 65  GLU A C   1 
ATOM   489 O  O   . GLU A 1 65  ? 5.277   12.545  -2.193  1.00 38.70 ? 65  GLU A O   1 
ATOM   490 C  CB  . GLU A 1 65  ? 7.911   10.741  -3.352  1.00 45.11 ? 65  GLU A CB  1 
ATOM   491 C  CG  . GLU A 1 65  ? 7.723   11.548  -4.644  1.00 52.87 ? 65  GLU A CG  1 
ATOM   492 C  CD  . GLU A 1 65  ? 6.643   10.982  -5.577  1.00 58.99 ? 65  GLU A CD  1 
ATOM   493 O  OE1 . GLU A 1 65  ? 5.451   11.338  -5.417  1.00 53.90 ? 65  GLU A OE1 1 
ATOM   494 O  OE2 . GLU A 1 65  ? 6.993   10.178  -6.472  1.00 60.00 ? 65  GLU A OE2 1 
ATOM   495 N  N   . GLY A 1 66  ? 7.170   12.378  -0.964  1.00 38.97 ? 66  GLY A N   1 
ATOM   496 C  CA  . GLY A 1 66  ? 6.981   13.646  -0.287  1.00 35.55 ? 66  GLY A CA  1 
ATOM   497 C  C   . GLY A 1 66  ? 6.073   13.575  0.925   1.00 34.07 ? 66  GLY A C   1 
ATOM   498 O  O   . GLY A 1 66  ? 5.139   14.378  1.048   1.00 33.63 ? 66  GLY A O   1 
ATOM   499 N  N   . TRP A 1 67  ? 6.345   12.636  1.833   1.00 31.77 ? 67  TRP A N   1 
ATOM   500 C  CA  . TRP A 1 67  ? 5.512   12.495  3.025   1.00 35.93 ? 67  TRP A CA  1 
ATOM   501 C  C   . TRP A 1 67  ? 5.914   13.400  4.196   1.00 39.02 ? 67  TRP A C   1 
ATOM   502 O  O   . TRP A 1 67  ? 7.061   13.859  4.276   1.00 38.54 ? 67  TRP A O   1 
ATOM   503 C  CB  . TRP A 1 67  ? 5.537   11.044  3.509   1.00 36.33 ? 67  TRP A CB  1 
ATOM   504 C  CG  . TRP A 1 67  ? 5.169   10.044  2.467   1.00 39.65 ? 67  TRP A CG  1 
ATOM   505 C  CD1 . TRP A 1 67  ? 6.020   9.406   1.596   1.00 39.76 ? 67  TRP A CD1 1 
ATOM   506 C  CD2 . TRP A 1 67  ? 3.851   9.607   2.139   1.00 38.70 ? 67  TRP A CD2 1 
ATOM   507 N  NE1 . TRP A 1 67  ? 5.298   8.600   0.748   1.00 40.66 ? 67  TRP A NE1 1 
ATOM   508 C  CE2 . TRP A 1 67  ? 3.964   8.706   1.059   1.00 40.72 ? 67  TRP A CE2 1 
ATOM   509 C  CE3 . TRP A 1 67  ? 2.581   9.902   2.647   1.00 37.05 ? 67  TRP A CE3 1 
ATOM   510 C  CZ2 . TRP A 1 67  ? 2.852   8.091   0.471   1.00 38.82 ? 67  TRP A CZ2 1 
ATOM   511 C  CZ3 . TRP A 1 67  ? 1.470   9.302   2.063   1.00 39.09 ? 67  TRP A CZ3 1 
ATOM   512 C  CH2 . TRP A 1 67  ? 1.616   8.402   0.980   1.00 42.02 ? 67  TRP A CH2 1 
ATOM   513 N  N   . GLU A 1 68  ? 4.959   13.671  5.087   1.00 42.47 ? 68  GLU A N   1 
ATOM   514 C  CA  . GLU A 1 68  ? 5.239   14.452  6.292   1.00 47.97 ? 68  GLU A CA  1 
ATOM   515 C  C   . GLU A 1 68  ? 4.509   13.881  7.522   1.00 50.05 ? 68  GLU A C   1 
ATOM   516 O  O   . GLU A 1 68  ? 3.318   13.539  7.467   1.00 52.45 ? 68  GLU A O   1 
ATOM   517 C  CB  . GLU A 1 68  ? 4.976   15.962  6.092   1.00 51.12 ? 68  GLU A CB  1 
ATOM   518 C  CG  . GLU A 1 68  ? 3.665   16.396  5.462   1.00 55.79 ? 68  GLU A CG  1 
ATOM   519 C  CD  . GLU A 1 68  ? 3.815   17.724  4.690   1.00 59.90 ? 68  GLU A CD  1 
ATOM   520 O  OE1 . GLU A 1 68  ? 4.445   17.711  3.604   1.00 60.00 ? 68  GLU A OE1 1 
ATOM   521 O  OE2 . GLU A 1 68  ? 3.318   18.776  5.166   1.00 60.00 ? 68  GLU A OE2 1 
ATOM   522 N  N   . PRO A 1 69  ? 5.231   13.781  8.655   1.00 50.00 ? 69  PRO A N   1 
ATOM   523 C  CA  . PRO A 1 69  ? 4.720   13.247  9.917   1.00 50.63 ? 69  PRO A CA  1 
ATOM   524 C  C   . PRO A 1 69  ? 3.210   13.314  10.061  1.00 50.51 ? 69  PRO A C   1 
ATOM   525 O  O   . PRO A 1 69  ? 2.562   12.322  10.418  1.00 49.61 ? 69  PRO A O   1 
ATOM   526 C  CB  . PRO A 1 69  ? 5.456   14.079  10.970  1.00 50.97 ? 69  PRO A CB  1 
ATOM   527 C  CG  . PRO A 1 69  ? 5.811   15.337  10.239  1.00 52.70 ? 69  PRO A CG  1 
ATOM   528 C  CD  . PRO A 1 69  ? 6.279   14.774  8.939   1.00 50.25 ? 69  PRO A CD  1 
ATOM   529 N  N   . ASP A 1 70  ? 2.635   14.462  9.753   1.00 50.20 ? 70  ASP A N   1 
ATOM   530 C  CA  . ASP A 1 70  ? 1.209   14.575  9.893   1.00 53.80 ? 70  ASP A CA  1 
ATOM   531 C  C   . ASP A 1 70  ? 0.449   14.470  8.593   1.00 51.60 ? 70  ASP A C   1 
ATOM   532 O  O   . ASP A 1 70  ? -0.272  15.370  8.189   1.00 53.92 ? 70  ASP A O   1 
ATOM   533 C  CB  . ASP A 1 70  ? 0.893   15.844  10.667  1.00 56.38 ? 70  ASP A CB  1 
ATOM   534 C  CG  . ASP A 1 70  ? 1.269   15.709  12.133  1.00 60.00 ? 70  ASP A CG  1 
ATOM   535 O  OD1 . ASP A 1 70  ? 1.149   16.697  12.891  1.00 60.00 ? 70  ASP A OD1 1 
ATOM   536 O  OD2 . ASP A 1 70  ? 1.693   14.590  12.523  1.00 59.19 ? 70  ASP A OD2 1 
ATOM   537 N  N   . ASP A 1 71  ? 0.631   13.328  7.950   1.00 48.89 ? 71  ASP A N   1 
ATOM   538 C  CA  . ASP A 1 71  ? -0.010  13.002  6.690   1.00 46.72 ? 71  ASP A CA  1 
ATOM   539 C  C   . ASP A 1 71  ? -0.809  11.737  6.923   1.00 45.50 ? 71  ASP A C   1 
ATOM   540 O  O   . ASP A 1 71  ? -0.293  10.767  7.466   1.00 46.11 ? 71  ASP A O   1 
ATOM   541 C  CB  . ASP A 1 71  ? 1.029   12.676  5.616   1.00 48.68 ? 71  ASP A CB  1 
ATOM   542 C  CG  . ASP A 1 71  ? 1.439   13.874  4.799   1.00 51.66 ? 71  ASP A CG  1 
ATOM   543 O  OD1 . ASP A 1 71  ? 0.791   14.933  4.924   1.00 50.70 ? 71  ASP A OD1 1 
ATOM   544 O  OD2 . ASP A 1 71  ? 2.412   13.751  4.020   1.00 49.27 ? 71  ASP A OD2 1 
ATOM   545 N  N   . ASN A 1 72  ? -2.060  11.741  6.500   1.00 43.42 ? 72  ASN A N   1 
ATOM   546 C  CA  . ASN A 1 72  ? -2.881  10.570  6.619   1.00 42.88 ? 72  ASN A CA  1 
ATOM   547 C  C   . ASN A 1 72  ? -2.714  9.796   5.299   1.00 40.19 ? 72  ASN A C   1 
ATOM   548 O  O   . ASN A 1 72  ? -3.330  10.135  4.288   1.00 38.51 ? 72  ASN A O   1 
ATOM   549 C  CB  . ASN A 1 72  ? -4.330  10.961  6.818   1.00 48.25 ? 72  ASN A CB  1 
ATOM   550 C  CG  . ASN A 1 72  ? -5.120  9.856   7.436   1.00 55.57 ? 72  ASN A CG  1 
ATOM   551 O  OD1 . ASN A 1 72  ? -5.062  8.712   6.983   1.00 58.14 ? 72  ASN A OD1 1 
ATOM   552 N  ND2 . ASN A 1 72  ? -5.863  10.177  8.482   1.00 60.00 ? 72  ASN A ND2 1 
ATOM   553 N  N   . PRO A 1 73  ? -1.894  8.730   5.307   1.00 39.30 ? 73  PRO A N   1 
ATOM   554 C  CA  . PRO A 1 73  ? -1.595  7.877   4.150   1.00 39.66 ? 73  PRO A CA  1 
ATOM   555 C  C   . PRO A 1 73  ? -2.775  7.483   3.275   1.00 39.56 ? 73  PRO A C   1 
ATOM   556 O  O   . PRO A 1 73  ? -2.631  7.313   2.062   1.00 40.37 ? 73  PRO A O   1 
ATOM   557 C  CB  . PRO A 1 73  ? -0.923  6.648   4.784   1.00 38.72 ? 73  PRO A CB  1 
ATOM   558 C  CG  . PRO A 1 73  ? -0.281  7.204   6.018   1.00 39.18 ? 73  PRO A CG  1 
ATOM   559 C  CD  . PRO A 1 73  ? -1.364  8.127   6.543   1.00 39.74 ? 73  PRO A CD  1 
ATOM   560 N  N   . ILE A 1 74  ? -3.937  7.325   3.894   1.00 37.00 ? 74  ILE A N   1 
ATOM   561 C  CA  . ILE A 1 74  ? -5.110  6.901   3.160   1.00 35.09 ? 74  ILE A CA  1 
ATOM   562 C  C   . ILE A 1 74  ? -5.662  7.975   2.237   1.00 36.69 ? 74  ILE A C   1 
ATOM   563 O  O   . ILE A 1 74  ? -6.066  7.692   1.111   1.00 36.28 ? 74  ILE A O   1 
ATOM   564 C  CB  . ILE A 1 74  ? -6.221  6.454   4.119   1.00 35.24 ? 74  ILE A CB  1 
ATOM   565 C  CG1 . ILE A 1 74  ? -7.367  5.859   3.308   1.00 31.81 ? 74  ILE A CG1 1 
ATOM   566 C  CG2 . ILE A 1 74  ? -6.694  7.624   4.967   1.00 36.29 ? 74  ILE A CG2 1 
ATOM   567 C  CD1 . ILE A 1 74  ? -6.907  4.677   2.465   1.00 26.21 ? 74  ILE A CD1 1 
ATOM   568 N  N   . GLU A 1 75  ? -5.671  9.208   2.719   1.00 39.61 ? 75  GLU A N   1 
ATOM   569 C  CA  . GLU A 1 75  ? -6.176  10.317  1.931   1.00 43.12 ? 75  GLU A CA  1 
ATOM   570 C  C   . GLU A 1 75  ? -5.266  10.613  0.758   1.00 42.40 ? 75  GLU A C   1 
ATOM   571 O  O   . GLU A 1 75  ? -5.742  10.870  -0.347  1.00 41.21 ? 75  GLU A O   1 
ATOM   572 C  CB  . GLU A 1 75  ? -6.307  11.544  2.805   1.00 45.54 ? 75  GLU A CB  1 
ATOM   573 C  CG  . GLU A 1 75  ? -6.968  11.213  4.108   1.00 54.20 ? 75  GLU A CG  1 
ATOM   574 C  CD  . GLU A 1 75  ? -7.738  12.375  4.669   1.00 59.33 ? 75  GLU A CD  1 
ATOM   575 O  OE1 . GLU A 1 75  ? -7.130  13.460  4.844   1.00 60.00 ? 75  GLU A OE1 1 
ATOM   576 O  OE2 . GLU A 1 75  ? -8.952  12.199  4.931   1.00 59.36 ? 75  GLU A OE2 1 
ATOM   577 N  N   . GLU A 1 76  ? -3.959  10.569  0.981   1.00 42.54 ? 76  GLU A N   1 
ATOM   578 C  CA  . GLU A 1 76  ? -3.064  10.834  -0.119  1.00 44.36 ? 76  GLU A CA  1 
ATOM   579 C  C   . GLU A 1 76  ? -3.232  9.704   -1.117  1.00 43.95 ? 76  GLU A C   1 
ATOM   580 O  O   . GLU A 1 76  ? -3.181  9.930   -2.334  1.00 41.96 ? 76  GLU A O   1 
ATOM   581 C  CB  . GLU A 1 76  ? -1.607  10.910  0.331   1.00 48.84 ? 76  GLU A CB  1 
ATOM   582 C  CG  . GLU A 1 76  ? -0.770  11.863  -0.544  1.00 51.93 ? 76  GLU A CG  1 
ATOM   583 C  CD  . GLU A 1 76  ? -1.092  13.325  -0.278  1.00 52.24 ? 76  GLU A CD  1 
ATOM   584 O  OE1 . GLU A 1 76  ? -0.847  13.781  0.854   1.00 54.16 ? 76  GLU A OE1 1 
ATOM   585 O  OE2 . GLU A 1 76  ? -1.592  14.024  -1.187  1.00 52.93 ? 76  GLU A OE2 1 
ATOM   586 N  N   . HIS A 1 77  ? -3.439  8.490   -0.598  1.00 43.23 ? 77  HIS A N   1 
ATOM   587 C  CA  . HIS A 1 77  ? -3.618  7.319   -1.447  1.00 41.86 ? 77  HIS A CA  1 
ATOM   588 C  C   . HIS A 1 77  ? -4.934  7.499   -2.202  1.00 40.53 ? 77  HIS A C   1 
ATOM   589 O  O   . HIS A 1 77  ? -5.013  7.336   -3.425  1.00 38.42 ? 77  HIS A O   1 
ATOM   590 C  CB  . HIS A 1 77  ? -3.676  6.049   -0.602  1.00 42.36 ? 77  HIS A CB  1 
ATOM   591 C  CG  . HIS A 1 77  ? -3.758  4.790   -1.411  1.00 45.84 ? 77  HIS A CG  1 
ATOM   592 N  ND1 . HIS A 1 77  ? -3.929  3.550   -0.838  1.00 45.25 ? 77  HIS A ND1 1 
ATOM   593 C  CD2 . HIS A 1 77  ? -3.673  4.576   -2.746  1.00 45.77 ? 77  HIS A CD2 1 
ATOM   594 C  CE1 . HIS A 1 77  ? -3.945  2.627   -1.784  1.00 47.46 ? 77  HIS A CE1 1 
ATOM   595 N  NE2 . HIS A 1 77  ? -3.791  3.223   -2.951  1.00 46.51 ? 77  HIS A NE2 1 
ATOM   596 N  N   . ARG A 1 78  ? -5.967  7.838   -1.450  1.00 39.09 ? 78  ARG A N   1 
ATOM   597 C  CA  . ARG A 1 78  ? -7.273  8.067   -2.020  1.00 40.52 ? 78  ARG A CA  1 
ATOM   598 C  C   . ARG A 1 78  ? -7.186  9.139   -3.103  1.00 39.09 ? 78  ARG A C   1 
ATOM   599 O  O   . ARG A 1 78  ? -7.747  8.987   -4.189  1.00 40.31 ? 78  ARG A O   1 
ATOM   600 C  CB  . ARG A 1 78  ? -8.229  8.535   -0.935  1.00 44.50 ? 78  ARG A CB  1 
ATOM   601 C  CG  . ARG A 1 78  ? -9.673  8.473   -1.343  1.00 49.24 ? 78  ARG A CG  1 
ATOM   602 C  CD  . ARG A 1 78  ? -10.322 7.265   -0.711  1.00 55.49 ? 78  ARG A CD  1 
ATOM   603 N  NE  . ARG A 1 78  ? -10.164 7.309   0.741   1.00 57.65 ? 78  ARG A NE  1 
ATOM   604 C  CZ  . ARG A 1 78  ? -10.703 6.434   1.579   1.00 58.56 ? 78  ARG A CZ  1 
ATOM   605 N  NH1 . ARG A 1 78  ? -11.440 5.431   1.114   1.00 60.00 ? 78  ARG A NH1 1 
ATOM   606 N  NH2 . ARG A 1 78  ? -10.514 6.572   2.884   1.00 58.86 ? 78  ARG A NH2 1 
ATOM   607 N  N   . LYS A 1 79  ? -6.483  10.227  -2.808  1.00 37.61 ? 79  LYS A N   1 
ATOM   608 C  CA  . LYS A 1 79  ? -6.359  11.314  -3.768  1.00 36.63 ? 79  LYS A CA  1 
ATOM   609 C  C   . LYS A 1 79  ? -5.621  10.957  -5.042  1.00 36.45 ? 79  LYS A C   1 
ATOM   610 O  O   . LYS A 1 79  ? -6.167  11.089  -6.116  1.00 37.92 ? 79  LYS A O   1 
ATOM   611 C  CB  . LYS A 1 79  ? -5.674  12.527  -3.138  1.00 39.40 ? 79  LYS A CB  1 
ATOM   612 C  CG  . LYS A 1 79  ? -5.325  13.616  -4.146  1.00 43.01 ? 79  LYS A CG  1 
ATOM   613 C  CD  . LYS A 1 79  ? -4.376  14.655  -3.557  1.00 42.56 ? 79  LYS A CD  1 
ATOM   614 C  CE  . LYS A 1 79  ? -5.068  15.991  -3.386  1.00 45.25 ? 79  LYS A CE  1 
ATOM   615 N  NZ  . LYS A 1 79  ? -5.594  16.463  -4.696  1.00 44.65 ? 79  LYS A NZ  1 
ATOM   616 N  N   . HIS A 1 80  ? -4.387  10.493  -4.930  1.00 38.75 ? 80  HIS A N   1 
ATOM   617 C  CA  . HIS A 1 80  ? -3.604  10.184  -6.115  1.00 40.55 ? 80  HIS A CA  1 
ATOM   618 C  C   . HIS A 1 80  ? -3.810  8.826   -6.754  1.00 42.65 ? 80  HIS A C   1 
ATOM   619 O  O   . HIS A 1 80  ? -2.971  8.381   -7.535  1.00 43.77 ? 80  HIS A O   1 
ATOM   620 C  CB  . HIS A 1 80  ? -2.123  10.401  -5.801  1.00 42.68 ? 80  HIS A CB  1 
ATOM   621 C  CG  . HIS A 1 80  ? -1.824  11.795  -5.359  1.00 41.26 ? 80  HIS A CG  1 
ATOM   622 N  ND1 . HIS A 1 80  ? -2.013  12.885  -6.183  1.00 41.84 ? 80  HIS A ND1 1 
ATOM   623 C  CD2 . HIS A 1 80  ? -1.481  12.292  -4.149  1.00 41.39 ? 80  HIS A CD2 1 
ATOM   624 C  CE1 . HIS A 1 80  ? -1.808  13.994  -5.495  1.00 43.36 ? 80  HIS A CE1 1 
ATOM   625 N  NE2 . HIS A 1 80  ? -1.486  13.661  -4.258  1.00 45.02 ? 80  HIS A NE2 1 
ATOM   626 N  N   . SER A 1 81  ? -4.921  8.170   -6.434  1.00 42.84 ? 81  SER A N   1 
ATOM   627 C  CA  . SER A 1 81  ? -5.234  6.854   -6.994  1.00 43.51 ? 81  SER A CA  1 
ATOM   628 C  C   . SER A 1 81  ? -6.666  6.481   -6.621  1.00 45.09 ? 81  SER A C   1 
ATOM   629 O  O   . SER A 1 81  ? -6.920  5.385   -6.150  1.00 42.96 ? 81  SER A O   1 
ATOM   630 C  CB  . SER A 1 81  ? -4.269  5.795   -6.447  1.00 41.27 ? 81  SER A CB  1 
ATOM   631 O  OG  . SER A 1 81  ? -4.363  4.587   -7.185  1.00 35.81 ? 81  SER A OG  1 
ATOM   632 N  N   . PRO A 1 82  ? -7.627  7.382   -6.887  1.00 46.58 ? 82  PRO A N   1 
ATOM   633 C  CA  . PRO A 1 82  ? -9.050  7.199   -6.582  1.00 47.53 ? 82  PRO A CA  1 
ATOM   634 C  C   . PRO A 1 82  ? -9.666  5.863   -6.973  1.00 48.92 ? 82  PRO A C   1 
ATOM   635 O  O   . PRO A 1 82  ? -10.653 5.433   -6.375  1.00 48.98 ? 82  PRO A O   1 
ATOM   636 C  CB  . PRO A 1 82  ? -9.704  8.354   -7.330  1.00 46.39 ? 82  PRO A CB  1 
ATOM   637 C  CG  . PRO A 1 82  ? -8.856  8.450   -8.546  1.00 42.77 ? 82  PRO A CG  1 
ATOM   638 C  CD  . PRO A 1 82  ? -7.475  8.406   -7.941  1.00 45.93 ? 82  PRO A CD  1 
ATOM   639 N  N   . GLY A 1 83  ? -9.095  5.214   -7.977  1.00 48.95 ? 83  GLY A N   1 
ATOM   640 C  CA  . GLY A 1 83  ? -9.655  3.950   -8.415  1.00 49.30 ? 83  GLY A CA  1 
ATOM   641 C  C   . GLY A 1 83  ? -8.971  2.685   -7.944  1.00 49.87 ? 83  GLY A C   1 
ATOM   642 O  O   . GLY A 1 83  ? -8.953  1.705   -8.679  1.00 50.30 ? 83  GLY A O   1 
ATOM   643 N  N   . CYS A 1 84  ? -8.406  2.701   -6.738  1.00 49.33 ? 84  CYS A N   1 
ATOM   644 C  CA  . CYS A 1 84  ? -7.729  1.523   -6.181  1.00 47.43 ? 84  CYS A CA  1 
ATOM   645 C  C   . CYS A 1 84  ? -8.798  0.629   -5.552  1.00 49.45 ? 84  CYS A C   1 
ATOM   646 O  O   . CYS A 1 84  ? -9.462  1.035   -4.594  1.00 49.43 ? 84  CYS A O   1 
ATOM   647 C  CB  . CYS A 1 84  ? -6.707  1.938   -5.107  1.00 43.87 ? 84  CYS A CB  1 
ATOM   648 S  SG  . CYS A 1 84  ? -5.668  0.574   -4.442  1.00 40.01 ? 84  CYS A SG  1 
ATOM   649 N  N   . ALA A 1 85  ? -8.968  -0.575  -6.091  1.00 48.69 ? 85  ALA A N   1 
ATOM   650 C  CA  . ALA A 1 85  ? -9.978  -1.489  -5.558  1.00 49.79 ? 85  ALA A CA  1 
ATOM   651 C  C   . ALA A 1 85  ? -9.702  -1.795  -4.086  1.00 49.65 ? 85  ALA A C   1 
ATOM   652 O  O   . ALA A 1 85  ? -10.629 -1.961  -3.284  1.00 49.09 ? 85  ALA A O   1 
ATOM   653 C  CB  . ALA A 1 85  ? -10.025 -2.781  -6.387  1.00 48.09 ? 85  ALA A CB  1 
ATOM   654 N  N   . PHE A 1 86  ? -8.420  -1.842  -3.734  1.00 49.13 ? 86  PHE A N   1 
ATOM   655 C  CA  . PHE A 1 86  ? -8.028  -2.105  -2.361  1.00 49.00 ? 86  PHE A CA  1 
ATOM   656 C  C   . PHE A 1 86  ? -8.693  -1.115  -1.423  1.00 48.87 ? 86  PHE A C   1 
ATOM   657 O  O   . PHE A 1 86  ? -9.064  -1.457  -0.303  1.00 48.38 ? 86  PHE A O   1 
ATOM   658 C  CB  . PHE A 1 86  ? -6.521  -1.980  -2.199  1.00 47.75 ? 86  PHE A CB  1 
ATOM   659 C  CG  . PHE A 1 86  ? -6.074  -2.012  -0.769  1.00 51.48 ? 86  PHE A CG  1 
ATOM   660 C  CD1 . PHE A 1 86  ? -6.069  -3.203  -0.052  1.00 51.19 ? 86  PHE A CD1 1 
ATOM   661 C  CD2 . PHE A 1 86  ? -5.691  -0.842  -0.124  1.00 52.90 ? 86  PHE A CD2 1 
ATOM   662 C  CE1 . PHE A 1 86  ? -5.688  -3.226  1.285   1.00 52.47 ? 86  PHE A CE1 1 
ATOM   663 C  CE2 . PHE A 1 86  ? -5.309  -0.854  1.215   1.00 51.61 ? 86  PHE A CE2 1 
ATOM   664 C  CZ  . PHE A 1 86  ? -5.308  -2.048  1.920   1.00 51.70 ? 86  PHE A CZ  1 
ATOM   665 N  N   . LEU A 1 87  ? -8.835  0.118   -1.887  1.00 49.45 ? 87  LEU A N   1 
ATOM   666 C  CA  . LEU A 1 87  ? -9.431  1.177   -1.085  1.00 52.72 ? 87  LEU A CA  1 
ATOM   667 C  C   . LEU A 1 87  ? -10.935 1.084   -0.906  1.00 53.66 ? 87  LEU A C   1 
ATOM   668 O  O   . LEU A 1 87  ? -11.481 1.673   0.016   1.00 54.00 ? 87  LEU A O   1 
ATOM   669 C  CB  . LEU A 1 87  ? -9.085  2.546   -1.678  1.00 54.07 ? 87  LEU A CB  1 
ATOM   670 C  CG  . LEU A 1 87  ? -7.604  2.933   -1.697  1.00 56.18 ? 87  LEU A CG  1 
ATOM   671 C  CD1 . LEU A 1 87  ? -7.423  4.285   -2.375  1.00 55.96 ? 87  LEU A CD1 1 
ATOM   672 C  CD2 . LEU A 1 87  ? -7.083  2.987   -0.286  1.00 55.62 ? 87  LEU A CD2 1 
ATOM   673 N  N   . THR A 1 88  ? -11.619 0.354   -1.771  1.00 55.41 ? 88  THR A N   1 
ATOM   674 C  CA  . THR A 1 88  ? -13.065 0.265   -1.631  1.00 57.75 ? 88  THR A CA  1 
ATOM   675 C  C   . THR A 1 88  ? -13.463 -0.569  -0.419  1.00 59.56 ? 88  THR A C   1 
ATOM   676 O  O   . THR A 1 88  ? -14.311 -0.155  0.371   1.00 60.00 ? 88  THR A O   1 
ATOM   677 C  CB  . THR A 1 88  ? -13.708 -0.350  -2.874  1.00 57.24 ? 88  THR A CB  1 
ATOM   678 O  OG1 . THR A 1 88  ? -13.518 -1.772  -2.854  1.00 60.00 ? 88  THR A OG1 1 
ATOM   679 C  CG2 . THR A 1 88  ? -13.070 0.226   -4.124  1.00 54.27 ? 88  THR A CG2 1 
ATOM   680 N  N   . VAL A 1 89  ? -12.842 -1.738  -0.280  1.00 59.18 ? 89  VAL A N   1 
ATOM   681 C  CA  . VAL A 1 89  ? -13.115 -2.656  0.824   1.00 59.11 ? 89  VAL A CA  1 
ATOM   682 C  C   . VAL A 1 89  ? -12.924 -2.023  2.203   1.00 59.23 ? 89  VAL A C   1 
ATOM   683 O  O   . VAL A 1 89  ? -11.834 -2.080  2.770   1.00 59.56 ? 89  VAL A O   1 
ATOM   684 C  CB  . VAL A 1 89  ? -12.205 -3.918  0.730   1.00 60.00 ? 89  VAL A CB  1 
ATOM   685 C  CG1 . VAL A 1 89  ? -12.517 -4.705  -0.527  1.00 58.54 ? 89  VAL A CG1 1 
ATOM   686 C  CG2 . VAL A 1 89  ? -10.747 -3.509  0.707   1.00 60.00 ? 89  VAL A CG2 1 
ATOM   687 N  N   . LYS A 1 90  ? -13.983 -1.419  2.741   1.00 60.00 ? 90  LYS A N   1 
ATOM   688 C  CA  . LYS A 1 90  ? -13.916 -0.796  4.067   1.00 60.00 ? 90  LYS A CA  1 
ATOM   689 C  C   . LYS A 1 90  ? -13.917 -1.921  5.080   1.00 59.66 ? 90  LYS A C   1 
ATOM   690 O  O   . LYS A 1 90  ? -14.762 -1.984  5.975   1.00 58.92 ? 90  LYS A O   1 
ATOM   691 C  CB  . LYS A 1 90  ? -15.127 0.108   4.316   1.00 60.00 ? 90  LYS A CB  1 
ATOM   692 C  CG  . LYS A 1 90  ? -15.193 1.350   3.450   1.00 60.00 ? 90  LYS A CG  1 
ATOM   693 C  CD  . LYS A 1 90  ? -16.238 2.303   4.007   1.00 60.00 ? 90  LYS A CD  1 
ATOM   694 C  CE  . LYS A 1 90  ? -16.221 3.636   3.281   1.00 60.00 ? 90  LYS A CE  1 
ATOM   695 N  NZ  . LYS A 1 90  ? -17.134 4.628   3.920   1.00 60.00 ? 90  LYS A NZ  1 
ATOM   696 N  N   . LYS A 1 91  ? -12.943 -2.805  4.934   1.00 59.50 ? 91  LYS A N   1 
ATOM   697 C  CA  . LYS A 1 91  ? -12.847 -3.969  5.783   1.00 59.79 ? 91  LYS A CA  1 
ATOM   698 C  C   . LYS A 1 91  ? -11.470 -4.585  5.582   1.00 60.00 ? 91  LYS A C   1 
ATOM   699 O  O   . LYS A 1 91  ? -11.044 -4.786  4.442   1.00 60.00 ? 91  LYS A O   1 
ATOM   700 C  CB  . LYS A 1 91  ? -13.953 -4.930  5.355   1.00 59.62 ? 91  LYS A CB  1 
ATOM   701 C  CG  . LYS A 1 91  ? -13.874 -6.328  5.884   1.00 60.00 ? 91  LYS A CG  1 
ATOM   702 C  CD  . LYS A 1 91  ? -15.088 -7.124  5.429   1.00 60.00 ? 91  LYS A CD  1 
ATOM   703 C  CE  . LYS A 1 91  ? -16.377 -6.511  5.960   1.00 60.00 ? 91  LYS A CE  1 
ATOM   704 N  NZ  . LYS A 1 91  ? -17.562 -7.323  5.589   1.00 60.00 ? 91  LYS A NZ  1 
ATOM   705 N  N   . GLN A 1 92  ? -10.772 -4.867  6.680   1.00 58.23 ? 92  GLN A N   1 
ATOM   706 C  CA  . GLN A 1 92  ? -9.444  -5.464  6.593   1.00 58.51 ? 92  GLN A CA  1 
ATOM   707 C  C   . GLN A 1 92  ? -9.480  -6.833  5.920   1.00 57.80 ? 92  GLN A C   1 
ATOM   708 O  O   . GLN A 1 92  ? -10.323 -7.676  6.225   1.00 56.11 ? 92  GLN A O   1 
ATOM   709 C  CB  . GLN A 1 92  ? -8.789  -5.566  7.980   1.00 58.63 ? 92  GLN A CB  1 
ATOM   710 C  CG  . GLN A 1 92  ? -9.710  -5.977  9.113   1.00 60.00 ? 92  GLN A CG  1 
ATOM   711 C  CD  . GLN A 1 92  ? -10.404 -4.792  9.773   1.00 60.00 ? 92  GLN A CD  1 
ATOM   712 O  OE1 . GLN A 1 92  ? -11.171 -4.064  9.133   1.00 60.00 ? 92  GLN A OE1 1 
ATOM   713 N  NE2 . GLN A 1 92  ? -10.136 -4.595  11.063  1.00 60.00 ? 92  GLN A NE2 1 
ATOM   714 N  N   . MET A 1 93  ? -8.546  -7.027  4.994   1.00 57.07 ? 93  MET A N   1 
ATOM   715 C  CA  . MET A 1 93  ? -8.414  -8.251  4.216   1.00 57.12 ? 93  MET A CA  1 
ATOM   716 C  C   . MET A 1 93  ? -8.793  -9.516  4.980   1.00 57.25 ? 93  MET A C   1 
ATOM   717 O  O   . MET A 1 93  ? -9.410  -10.427 4.420   1.00 56.64 ? 93  MET A O   1 
ATOM   718 C  CB  . MET A 1 93  ? -6.980  -8.371  3.686   1.00 56.99 ? 93  MET A CB  1 
ATOM   719 C  CG  . MET A 1 93  ? -6.437  -7.105  3.011   1.00 59.69 ? 93  MET A CG  1 
ATOM   720 S  SD  . MET A 1 93  ? -7.377  -6.501  1.564   1.00 60.00 ? 93  MET A SD  1 
ATOM   721 C  CE  . MET A 1 93  ? -8.563  -5.360  2.364   1.00 60.00 ? 93  MET A CE  1 
ATOM   722 N  N   . GLU A 1 94  ? -8.429  -9.564  6.255   1.00 57.63 ? 94  GLU A N   1 
ATOM   723 C  CA  . GLU A 1 94  ? -8.719  -10.712 7.103   1.00 59.96 ? 94  GLU A CA  1 
ATOM   724 C  C   . GLU A 1 94  ? -10.197 -10.983 7.237   1.00 60.00 ? 94  GLU A C   1 
ATOM   725 O  O   . GLU A 1 94  ? -10.603 -12.065 7.661   1.00 60.00 ? 94  GLU A O   1 
ATOM   726 C  CB  . GLU A 1 94  ? -8.147  -10.495 8.499   1.00 60.00 ? 94  GLU A CB  1 
ATOM   727 C  CG  . GLU A 1 94  ? -6.658  -10.572 8.533   1.00 60.00 ? 94  GLU A CG  1 
ATOM   728 C  CD  . GLU A 1 94  ? -6.159  -11.815 7.836   1.00 60.00 ? 94  GLU A CD  1 
ATOM   729 O  OE1 . GLU A 1 94  ? -6.622  -12.921 8.204   1.00 60.00 ? 94  GLU A OE1 1 
ATOM   730 O  OE2 . GLU A 1 94  ? -5.311  -11.685 6.927   1.00 60.00 ? 94  GLU A OE2 1 
ATOM   731 N  N   . GLU A 1 95  ? -11.000 -9.987  6.887   1.00 59.33 ? 95  GLU A N   1 
ATOM   732 C  CA  . GLU A 1 95  ? -12.443 -10.105 6.992   1.00 59.38 ? 95  GLU A CA  1 
ATOM   733 C  C   . GLU A 1 95  ? -13.108 -10.360 5.642   1.00 58.54 ? 95  GLU A C   1 
ATOM   734 O  O   . GLU A 1 95  ? -14.331 -10.512 5.568   1.00 57.64 ? 95  GLU A O   1 
ATOM   735 C  CB  . GLU A 1 95  ? -13.010 -8.835  7.621   1.00 60.00 ? 95  GLU A CB  1 
ATOM   736 C  CG  . GLU A 1 95  ? -12.560 -8.602  9.054   1.00 60.00 ? 95  GLU A CG  1 
ATOM   737 C  CD  . GLU A 1 95  ? -12.657 -7.140  9.477   1.00 60.00 ? 95  GLU A CD  1 
ATOM   738 O  OE1 . GLU A 1 95  ? -12.515 -6.858  10.690  1.00 60.00 ? 95  GLU A OE1 1 
ATOM   739 O  OE2 . GLU A 1 95  ? -12.862 -6.269  8.599   1.00 60.00 ? 95  GLU A OE2 1 
ATOM   740 N  N   . LEU A 1 96  ? -12.309 -10.411 4.578   1.00 55.41 ? 96  LEU A N   1 
ATOM   741 C  CA  . LEU A 1 96  ? -12.851 -10.648 3.249   1.00 53.97 ? 96  LEU A CA  1 
ATOM   742 C  C   . LEU A 1 96  ? -13.037 -12.131 2.993   1.00 53.02 ? 96  LEU A C   1 
ATOM   743 O  O   . LEU A 1 96  ? -12.171 -12.939 3.331   1.00 53.82 ? 96  LEU A O   1 
ATOM   744 C  CB  . LEU A 1 96  ? -11.913 -10.084 2.180   1.00 55.03 ? 96  LEU A CB  1 
ATOM   745 C  CG  . LEU A 1 96  ? -11.641 -8.583  2.235   1.00 58.77 ? 96  LEU A CG  1 
ATOM   746 C  CD1 . LEU A 1 96  ? -10.554 -8.247  1.239   1.00 58.16 ? 96  LEU A CD1 1 
ATOM   747 C  CD2 . LEU A 1 96  ? -12.915 -7.800  1.943   1.00 56.62 ? 96  LEU A CD2 1 
ATOM   748 N  N   . THR A 1 97  ? -14.162 -12.491 2.393   1.00 50.66 ? 97  THR A N   1 
ATOM   749 C  CA  . THR A 1 97  ? -14.402 -13.884 2.074   1.00 49.03 ? 97  THR A CA  1 
ATOM   750 C  C   . THR A 1 97  ? -13.380 -14.283 1.034   1.00 47.27 ? 97  THR A C   1 
ATOM   751 O  O   . THR A 1 97  ? -12.693 -13.438 0.475   1.00 44.92 ? 97  THR A O   1 
ATOM   752 C  CB  . THR A 1 97  ? -15.799 -14.114 1.475   1.00 48.92 ? 97  THR A CB  1 
ATOM   753 O  OG1 . THR A 1 97  ? -15.897 -15.464 1.014   1.00 49.76 ? 97  THR A OG1 1 
ATOM   754 C  CG2 . THR A 1 97  ? -16.031 -13.211 0.303   1.00 46.40 ? 97  THR A CG2 1 
ATOM   755 N  N   . VAL A 1 98  ? -13.282 -15.577 0.775   1.00 47.65 ? 98  VAL A N   1 
ATOM   756 C  CA  . VAL A 1 98  ? -12.351 -16.066 -0.220  1.00 48.23 ? 98  VAL A CA  1 
ATOM   757 C  C   . VAL A 1 98  ? -12.975 -15.700 -1.544  1.00 49.33 ? 98  VAL A C   1 
ATOM   758 O  O   . VAL A 1 98  ? -12.321 -15.687 -2.580  1.00 50.93 ? 98  VAL A O   1 
ATOM   759 C  CB  . VAL A 1 98  ? -12.195 -17.583 -0.115  1.00 48.37 ? 98  VAL A CB  1 
ATOM   760 C  CG1 . VAL A 1 98  ? -11.045 -18.069 -1.009  1.00 48.62 ? 98  VAL A CG1 1 
ATOM   761 C  CG2 . VAL A 1 98  ? -11.933 -17.946 1.330   1.00 50.09 ? 98  VAL A CG2 1 
ATOM   762 N  N   . SER A 1 99  ? -14.262 -15.394 -1.493  1.00 50.91 ? 99  SER A N   1 
ATOM   763 C  CA  . SER A 1 99  ? -14.994 -15.002 -2.682  1.00 51.12 ? 99  SER A CA  1 
ATOM   764 C  C   . SER A 1 99  ? -14.446 -13.625 -3.079  1.00 51.22 ? 99  SER A C   1 
ATOM   765 O  O   . SER A 1 99  ? -13.905 -13.440 -4.172  1.00 49.51 ? 99  SER A O   1 
ATOM   766 C  CB  . SER A 1 99  ? -16.490 -14.915 -2.359  1.00 51.95 ? 99  SER A CB  1 
ATOM   767 O  OG  . SER A 1 99  ? -17.286 -15.147 -3.507  1.00 51.42 ? 99  SER A OG  1 
ATOM   768 N  N   . GLU A 1 100 ? -14.563 -12.670 -2.163  1.00 51.86 ? 100 GLU A N   1 
ATOM   769 C  CA  . GLU A 1 100 ? -14.092 -11.311 -2.396  1.00 48.93 ? 100 GLU A CA  1 
ATOM   770 C  C   . GLU A 1 100 ? -12.585 -11.238 -2.636  1.00 46.52 ? 100 GLU A C   1 
ATOM   771 O  O   . GLU A 1 100 ? -12.130 -10.432 -3.440  1.00 47.06 ? 100 GLU A O   1 
ATOM   772 C  CB  . GLU A 1 100 ? -14.481 -10.429 -1.210  1.00 50.03 ? 100 GLU A CB  1 
ATOM   773 C  CG  . GLU A 1 100 ? -15.988 -10.430 -0.929  1.00 50.60 ? 100 GLU A CG  1 
ATOM   774 C  CD  . GLU A 1 100 ? -16.327 -10.141 0.529   1.00 50.73 ? 100 GLU A CD  1 
ATOM   775 O  OE1 . GLU A 1 100 ? -15.458 -10.377 1.393   1.00 52.50 ? 100 GLU A OE1 1 
ATOM   776 O  OE2 . GLU A 1 100 ? -17.463 -9.701  0.818   1.00 47.47 ? 100 GLU A OE2 1 
ATOM   777 N  N   . PHE A 1 101 ? -11.810 -12.077 -1.952  1.00 42.90 ? 101 PHE A N   1 
ATOM   778 C  CA  . PHE A 1 101 ? -10.361 -12.058 -2.136  1.00 42.24 ? 101 PHE A CA  1 
ATOM   779 C  C   . PHE A 1 101 ? -9.958  -12.482 -3.538  1.00 42.69 ? 101 PHE A C   1 
ATOM   780 O  O   . PHE A 1 101 ? -9.015  -11.942 -4.109  1.00 44.86 ? 101 PHE A O   1 
ATOM   781 C  CB  . PHE A 1 101 ? -9.638  -12.959 -1.103  1.00 39.57 ? 101 PHE A CB  1 
ATOM   782 C  CG  . PHE A 1 101 ? -8.210  -13.298 -1.489  1.00 39.26 ? 101 PHE A CG  1 
ATOM   783 C  CD1 . PHE A 1 101 ? -7.912  -14.490 -2.155  1.00 39.54 ? 101 PHE A CD1 1 
ATOM   784 C  CD2 . PHE A 1 101 ? -7.178  -12.376 -1.281  1.00 39.40 ? 101 PHE A CD2 1 
ATOM   785 C  CE1 . PHE A 1 101 ? -6.619  -14.760 -2.616  1.00 38.57 ? 101 PHE A CE1 1 
ATOM   786 C  CE2 . PHE A 1 101 ? -5.870  -12.634 -1.739  1.00 39.63 ? 101 PHE A CE2 1 
ATOM   787 C  CZ  . PHE A 1 101 ? -5.596  -13.830 -2.410  1.00 40.62 ? 101 PHE A CZ  1 
ATOM   788 N  N   . LEU A 1 102 ? -10.656 -13.466 -4.086  1.00 43.63 ? 102 LEU A N   1 
ATOM   789 C  CA  . LEU A 1 102 ? -10.341 -13.941 -5.426  1.00 44.24 ? 102 LEU A CA  1 
ATOM   790 C  C   . LEU A 1 102 ? -10.840 -12.935 -6.458  1.00 44.05 ? 102 LEU A C   1 
ATOM   791 O  O   . LEU A 1 102 ? -10.265 -12.789 -7.532  1.00 40.20 ? 102 LEU A O   1 
ATOM   792 C  CB  . LEU A 1 102 ? -10.972 -15.309 -5.646  1.00 44.54 ? 102 LEU A CB  1 
ATOM   793 C  CG  . LEU A 1 102 ? -10.360 -16.331 -4.701  1.00 44.71 ? 102 LEU A CG  1 
ATOM   794 C  CD1 . LEU A 1 102 ? -11.229 -17.574 -4.676  1.00 49.50 ? 102 LEU A CD1 1 
ATOM   795 C  CD2 . LEU A 1 102 ? -8.936  -16.638 -5.141  1.00 43.21 ? 102 LEU A CD2 1 
ATOM   796 N  N   . LYS A 1 103 ? -11.928 -12.257 -6.124  1.00 46.08 ? 103 LYS A N   1 
ATOM   797 C  CA  . LYS A 1 103 ? -12.466 -11.221 -6.986  1.00 49.47 ? 103 LYS A CA  1 
ATOM   798 C  C   . LYS A 1 103 ? -11.335 -10.195 -7.049  1.00 51.61 ? 103 LYS A C   1 
ATOM   799 O  O   . LYS A 1 103 ? -10.698 -10.007 -8.091  1.00 52.84 ? 103 LYS A O   1 
ATOM   800 C  CB  . LYS A 1 103 ? -13.702 -10.611 -6.326  1.00 50.40 ? 103 LYS A CB  1 
ATOM   801 C  CG  . LYS A 1 103 ? -14.035 -9.192  -6.741  1.00 53.10 ? 103 LYS A CG  1 
ATOM   802 C  CD  . LYS A 1 103 ? -14.911 -9.149  -7.973  1.00 55.02 ? 103 LYS A CD  1 
ATOM   803 C  CE  . LYS A 1 103 ? -15.493 -7.751  -8.185  1.00 55.11 ? 103 LYS A CE  1 
ATOM   804 N  NZ  . LYS A 1 103 ? -16.478 -7.727  -9.303  1.00 58.46 ? 103 LYS A NZ  1 
ATOM   805 N  N   . LEU A 1 104 ? -11.084 -9.566  -5.899  1.00 50.58 ? 104 LEU A N   1 
ATOM   806 C  CA  . LEU A 1 104 ? -10.039 -8.570  -5.738  1.00 49.27 ? 104 LEU A CA  1 
ATOM   807 C  C   . LEU A 1 104 ? -8.718  -8.916  -6.383  1.00 49.85 ? 104 LEU A C   1 
ATOM   808 O  O   . LEU A 1 104 ? -8.083  -8.061  -7.001  1.00 51.19 ? 104 LEU A O   1 
ATOM   809 C  CB  . LEU A 1 104 ? -9.757  -8.326  -4.264  1.00 50.30 ? 104 LEU A CB  1 
ATOM   810 C  CG  . LEU A 1 104 ? -10.622 -7.388  -3.427  1.00 48.50 ? 104 LEU A CG  1 
ATOM   811 C  CD1 . LEU A 1 104 ? -10.127 -7.468  -2.001  1.00 46.72 ? 104 LEU A CD1 1 
ATOM   812 C  CD2 . LEU A 1 104 ? -10.539 -5.945  -3.945  1.00 47.14 ? 104 LEU A CD2 1 
ATOM   813 N  N   . ASP A 1 105 ? -8.277  -10.157 -6.241  1.00 49.77 ? 105 ASP A N   1 
ATOM   814 C  CA  . ASP A 1 105 ? -6.981  -10.484 -6.804  1.00 51.81 ? 105 ASP A CA  1 
ATOM   815 C  C   . ASP A 1 105 ? -6.956  -10.604 -8.305  1.00 51.01 ? 105 ASP A C   1 
ATOM   816 O  O   . ASP A 1 105 ? -5.880  -10.719 -8.898  1.00 50.85 ? 105 ASP A O   1 
ATOM   817 C  CB  . ASP A 1 105 ? -6.399  -11.747 -6.194  1.00 53.33 ? 105 ASP A CB  1 
ATOM   818 C  CG  . ASP A 1 105 ? -4.926  -11.884 -6.495  1.00 55.35 ? 105 ASP A CG  1 
ATOM   819 O  OD1 . ASP A 1 105 ? -4.504  -12.980 -6.903  1.00 54.51 ? 105 ASP A OD1 1 
ATOM   820 O  OD2 . ASP A 1 105 ? -4.185  -10.886 -6.328  1.00 58.58 ? 105 ASP A OD2 1 
ATOM   821 N  N   . ARG A 1 106 ? -8.128  -10.596 -8.929  1.00 52.33 ? 106 ARG A N   1 
ATOM   822 C  CA  . ARG A 1 106 ? -8.161  -10.652 -10.386 1.00 53.26 ? 106 ARG A CA  1 
ATOM   823 C  C   . ARG A 1 106 ? -7.766  -9.241  -10.838 1.00 51.45 ? 106 ARG A C   1 
ATOM   824 O  O   . ARG A 1 106 ? -7.008  -9.061  -11.788 1.00 49.86 ? 106 ARG A O   1 
ATOM   825 C  CB  . ARG A 1 106 ? -9.562  -10.980 -10.914 1.00 54.49 ? 106 ARG A CB  1 
ATOM   826 C  CG  . ARG A 1 106 ? -9.584  -11.194 -12.426 1.00 56.19 ? 106 ARG A CG  1 
ATOM   827 C  CD  . ARG A 1 106 ? -11.000 -11.220 -13.019 1.00 58.35 ? 106 ARG A CD  1 
ATOM   828 N  NE  . ARG A 1 106 ? -11.830 -12.271 -12.441 1.00 59.35 ? 106 ARG A NE  1 
ATOM   829 C  CZ  . ARG A 1 106 ? -12.669 -12.081 -11.431 1.00 57.81 ? 106 ARG A CZ  1 
ATOM   830 N  NH1 . ARG A 1 106 ? -12.791 -10.878 -10.900 1.00 60.00 ? 106 ARG A NH1 1 
ATOM   831 N  NH2 . ARG A 1 106 ? -13.368 -13.091 -10.935 1.00 58.01 ? 106 ARG A NH2 1 
ATOM   832 N  N   . GLN A 1 107 ? -8.269  -8.240  -10.124 1.00 49.25 ? 107 GLN A N   1 
ATOM   833 C  CA  . GLN A 1 107 ? -7.967  -6.865  -10.473 1.00 49.46 ? 107 GLN A CA  1 
ATOM   834 C  C   . GLN A 1 107 ? -6.484  -6.583  -10.271 1.00 50.63 ? 107 GLN A C   1 
ATOM   835 O  O   . GLN A 1 107 ? -5.808  -6.079  -11.167 1.00 49.74 ? 107 GLN A O   1 
ATOM   836 C  CB  . GLN A 1 107 ? -8.813  -5.908  -9.638  1.00 48.05 ? 107 GLN A CB  1 
ATOM   837 C  CG  . GLN A 1 107 ? -8.791  -4.495  -10.167 1.00 50.73 ? 107 GLN A CG  1 
ATOM   838 C  CD  . GLN A 1 107 ? -10.181 -3.935  -10.487 1.00 55.25 ? 107 GLN A CD  1 
ATOM   839 O  OE1 . GLN A 1 107 ? -10.308 -2.766  -10.859 1.00 56.84 ? 107 GLN A OE1 1 
ATOM   840 N  NE2 . GLN A 1 107 ? -11.221 -4.760  -10.341 1.00 54.56 ? 107 GLN A NE2 1 
ATOM   841 N  N   . ARG A 1 108 ? -5.972  -6.940  -9.098  1.00 52.25 ? 108 ARG A N   1 
ATOM   842 C  CA  . ARG A 1 108 ? -4.568  -6.714  -8.793  1.00 52.09 ? 108 ARG A CA  1 
ATOM   843 C  C   . ARG A 1 108 ? -3.677  -7.176  -9.946  1.00 52.89 ? 108 ARG A C   1 
ATOM   844 O  O   . ARG A 1 108 ? -2.900  -6.396  -10.485 1.00 52.65 ? 108 ARG A O   1 
ATOM   845 C  CB  . ARG A 1 108 ? -4.169  -7.445  -7.509  1.00 53.16 ? 108 ARG A CB  1 
ATOM   846 C  CG  . ARG A 1 108 ? -2.944  -6.845  -6.838  1.00 54.27 ? 108 ARG A CG  1 
ATOM   847 C  CD  . ARG A 1 108 ? -2.271  -7.803  -5.865  1.00 53.90 ? 108 ARG A CD  1 
ATOM   848 N  NE  . ARG A 1 108 ? -1.146  -7.176  -5.171  1.00 52.46 ? 108 ARG A NE  1 
ATOM   849 C  CZ  . ARG A 1 108 ? 0.084   -7.675  -5.137  1.00 51.94 ? 108 ARG A CZ  1 
ATOM   850 N  NH1 . ARG A 1 108 ? 0.353   -8.809  -5.758  1.00 50.81 ? 108 ARG A NH1 1 
ATOM   851 N  NH2 . ARG A 1 108 ? 1.047   -7.037  -4.487  1.00 52.76 ? 108 ARG A NH2 1 
ATOM   852 N  N   . ALA A 1 109 ? -3.788  -8.443  -10.332 1.00 54.94 ? 109 ALA A N   1 
ATOM   853 C  CA  . ALA A 1 109 ? -2.967  -8.965  -11.424 1.00 56.26 ? 109 ALA A CA  1 
ATOM   854 C  C   . ALA A 1 109 ? -3.176  -8.168  -12.725 1.00 55.62 ? 109 ALA A C   1 
ATOM   855 O  O   . ALA A 1 109 ? -2.246  -7.957  -13.504 1.00 56.87 ? 109 ALA A O   1 
ATOM   856 C  CB  . ALA A 1 109 ? -3.277  -10.454 -11.644 1.00 54.05 ? 109 ALA A CB  1 
ATOM   857 N  N   . LYS A 1 110 ? -4.404  -7.722  -12.945 1.00 55.96 ? 110 LYS A N   1 
ATOM   858 C  CA  . LYS A 1 110 ? -4.732  -6.951  -14.135 1.00 57.63 ? 110 LYS A CA  1 
ATOM   859 C  C   . LYS A 1 110 ? -4.029  -5.600  -14.056 1.00 57.86 ? 110 LYS A C   1 
ATOM   860 O  O   . LYS A 1 110 ? -3.630  -5.028  -15.071 1.00 57.68 ? 110 LYS A O   1 
ATOM   861 C  CB  . LYS A 1 110 ? -6.243  -6.758  -14.222 1.00 58.24 ? 110 LYS A CB  1 
ATOM   862 C  CG  . LYS A 1 110 ? -6.723  -6.179  -15.532 1.00 59.38 ? 110 LYS A CG  1 
ATOM   863 C  CD  . LYS A 1 110 ? -8.215  -6.443  -15.705 1.00 60.00 ? 110 LYS A CD  1 
ATOM   864 C  CE  . LYS A 1 110 ? -8.507  -7.943  -15.698 1.00 60.00 ? 110 LYS A CE  1 
ATOM   865 N  NZ  . LYS A 1 110 ? -9.962  -8.227  -15.723 1.00 58.25 ? 110 LYS A NZ  1 
ATOM   866 N  N   . ASN A 1 111 ? -3.886  -5.085  -12.840 1.00 57.59 ? 111 ASN A N   1 
ATOM   867 C  CA  . ASN A 1 111 ? -3.208  -3.820  -12.643 1.00 55.41 ? 111 ASN A CA  1 
ATOM   868 C  C   . ASN A 1 111 ? -1.724  -4.049  -12.889 1.00 54.41 ? 111 ASN A C   1 
ATOM   869 O  O   . ASN A 1 111 ? -1.078  -3.271  -13.592 1.00 54.90 ? 111 ASN A O   1 
ATOM   870 C  CB  . ASN A 1 111 ? -3.440  -3.299  -11.222 1.00 55.68 ? 111 ASN A CB  1 
ATOM   871 C  CG  . ASN A 1 111 ? -4.900  -2.985  -10.952 1.00 58.65 ? 111 ASN A CG  1 
ATOM   872 O  OD1 . ASN A 1 111 ? -5.717  -2.945  -11.876 1.00 60.00 ? 111 ASN A OD1 1 
ATOM   873 N  ND2 . ASN A 1 111 ? -5.238  -2.749  -9.687  1.00 59.49 ? 111 ASN A ND2 1 
ATOM   874 N  N   . LYS A 1 112 ? -1.185  -5.124  -12.323 1.00 52.73 ? 112 LYS A N   1 
ATOM   875 C  CA  . LYS A 1 112 ? 0.224   -5.420  -12.510 1.00 54.51 ? 112 LYS A CA  1 
ATOM   876 C  C   . LYS A 1 112 ? 0.598   -5.289  -13.982 1.00 56.37 ? 112 LYS A C   1 
ATOM   877 O  O   . LYS A 1 112 ? 1.513   -4.544  -14.326 1.00 54.22 ? 112 LYS A O   1 
ATOM   878 C  CB  . LYS A 1 112 ? 0.548   -6.829  -12.025 1.00 54.16 ? 112 LYS A CB  1 
ATOM   879 C  CG  . LYS A 1 112 ? 1.984   -7.232  -12.273 1.00 55.00 ? 112 LYS A CG  1 
ATOM   880 C  CD  . LYS A 1 112 ? 2.250   -8.625  -11.759 1.00 58.03 ? 112 LYS A CD  1 
ATOM   881 C  CE  . LYS A 1 112 ? 2.016   -8.695  -10.261 1.00 59.83 ? 112 LYS A CE  1 
ATOM   882 N  NZ  . LYS A 1 112 ? 2.176   -10.073 -9.726  1.00 60.00 ? 112 LYS A NZ  1 
ATOM   883 N  N   . ILE A 1 113 ? -0.127  -6.002  -14.845 1.00 58.75 ? 113 ILE A N   1 
ATOM   884 C  CA  . ILE A 1 113 ? 0.136   -5.969  -16.282 1.00 59.61 ? 113 ILE A CA  1 
ATOM   885 C  C   . ILE A 1 113 ? 0.046   -4.548  -16.832 1.00 60.00 ? 113 ILE A C   1 
ATOM   886 O  O   . ILE A 1 113 ? 0.894   -4.121  -17.617 1.00 59.74 ? 113 ILE A O   1 
ATOM   887 C  CB  . ILE A 1 113 ? -0.839  -6.886  -17.068 1.00 59.37 ? 113 ILE A CB  1 
ATOM   888 C  CG1 . ILE A 1 113 ? -2.277  -6.405  -16.893 1.00 60.00 ? 113 ILE A CG1 1 
ATOM   889 C  CG2 . ILE A 1 113 ? -0.709  -8.323  -16.582 1.00 60.00 ? 113 ILE A CG2 1 
ATOM   890 C  CD1 . ILE A 1 113 ? -3.307  -7.214  -17.681 1.00 60.00 ? 113 ILE A CD1 1 
ATOM   891 N  N   . ALA A 1 114 ? -0.977  -3.814  -16.410 1.00 59.81 ? 114 ALA A N   1 
ATOM   892 C  CA  . ALA A 1 114 ? -1.167  -2.442  -16.858 1.00 59.18 ? 114 ALA A CA  1 
ATOM   893 C  C   . ALA A 1 114 ? -0.003  -1.569  -16.401 1.00 59.83 ? 114 ALA A C   1 
ATOM   894 O  O   . ALA A 1 114 ? 0.147   -0.432  -16.852 1.00 60.00 ? 114 ALA A O   1 
ATOM   895 C  CB  . ALA A 1 114 ? -2.475  -1.898  -16.315 1.00 55.65 ? 114 ALA A CB  1 
ATOM   896 N  N   . LYS A 1 115 ? 0.819   -2.104  -15.503 1.00 59.48 ? 115 LYS A N   1 
ATOM   897 C  CA  . LYS A 1 115 ? 1.968   -1.372  -14.991 1.00 59.86 ? 115 LYS A CA  1 
ATOM   898 C  C   . LYS A 1 115 ? 3.174   -1.623  -15.888 1.00 60.00 ? 115 LYS A C   1 
ATOM   899 O  O   . LYS A 1 115 ? 4.058   -0.781  -16.001 1.00 60.00 ? 115 LYS A O   1 
ATOM   900 C  CB  . LYS A 1 115 ? 2.275   -1.807  -13.555 1.00 60.00 ? 115 LYS A CB  1 
ATOM   901 C  CG  . LYS A 1 115 ? 3.189   -0.866  -12.767 1.00 59.88 ? 115 LYS A CG  1 
ATOM   902 C  CD  . LYS A 1 115 ? 2.551   0.518   -12.603 1.00 60.00 ? 115 LYS A CD  1 
ATOM   903 C  CE  . LYS A 1 115 ? 3.303   1.397   -11.601 1.00 60.00 ? 115 LYS A CE  1 
ATOM   904 N  NZ  . LYS A 1 115 ? 4.763   1.502   -11.886 1.00 58.21 ? 115 LYS A NZ  1 
ATOM   905 N  N   . GLU A 1 116 ? 3.229   -2.795  -16.512 1.00 59.37 ? 116 GLU A N   1 
ATOM   906 C  CA  . GLU A 1 116 ? 4.331   -3.083  -17.417 1.00 59.97 ? 116 GLU A CA  1 
ATOM   907 C  C   . GLU A 1 116 ? 3.924   -2.461  -18.745 1.00 60.00 ? 116 GLU A C   1 
ATOM   908 O  O   . GLU A 1 116 ? 4.766   -2.119  -19.575 1.00 60.00 ? 116 GLU A O   1 
ATOM   909 C  CB  . GLU A 1 116 ? 4.549   -4.588  -17.572 1.00 59.36 ? 116 GLU A CB  1 
ATOM   910 C  CG  . GLU A 1 116 ? 4.984   -5.265  -16.287 1.00 60.00 ? 116 GLU A CG  1 
ATOM   911 C  CD  . GLU A 1 116 ? 3.810   -5.587  -15.399 1.00 60.00 ? 116 GLU A CD  1 
ATOM   912 O  OE1 . GLU A 1 116 ? 3.979   -5.668  -14.161 1.00 60.00 ? 116 GLU A OE1 1 
ATOM   913 O  OE2 . GLU A 1 116 ? 2.712   -5.771  -15.959 1.00 60.00 ? 116 GLU A OE2 1 
ATOM   914 N  N   . THR A 1 117 ? 2.613   -2.321  -18.929 1.00 60.00 ? 117 THR A N   1 
ATOM   915 C  CA  . THR A 1 117 ? 2.075   -1.695  -20.124 1.00 60.00 ? 117 THR A CA  1 
ATOM   916 C  C   . THR A 1 117 ? 2.704   -0.310  -20.052 1.00 60.00 ? 117 THR A C   1 
ATOM   917 O  O   . THR A 1 117 ? 2.892   0.369   -21.066 1.00 60.00 ? 117 THR A O   1 
ATOM   918 C  CB  . THR A 1 117 ? 0.540   -1.542  -20.036 1.00 60.00 ? 117 THR A CB  1 
ATOM   919 O  OG1 . THR A 1 117 ? -0.063  -2.824  -19.813 1.00 60.00 ? 117 THR A OG1 1 
ATOM   920 C  CG2 . THR A 1 117 ? -0.007  -0.943  -21.316 1.00 60.00 ? 117 THR A CG2 1 
ATOM   921 N  N   . ASN A 1 118 ? 3.033   0.067   -18.815 1.00 60.00 ? 118 ASN A N   1 
ATOM   922 C  CA  . ASN A 1 118 ? 3.653   1.339   -18.471 1.00 59.37 ? 118 ASN A CA  1 
ATOM   923 C  C   . ASN A 1 118 ? 2.618   2.445   -18.556 1.00 59.50 ? 118 ASN A C   1 
ATOM   924 O  O   . ASN A 1 118 ? 1.499   2.135   -19.023 1.00 59.06 ? 118 ASN A O   1 
ATOM   925 C  CB  . ASN A 1 118 ? 4.835   1.629   -19.402 1.00 59.02 ? 118 ASN A CB  1 
ATOM   926 C  CG  . ASN A 1 118 ? 5.803   0.467   -19.486 1.00 60.00 ? 118 ASN A CG  1 
ATOM   927 O  OD1 . ASN A 1 118 ? 6.198   -0.099  -18.464 1.00 60.00 ? 118 ASN A OD1 1 
ATOM   928 N  ND2 . ASN A 1 118 ? 6.195   0.103   -20.708 1.00 60.00 ? 118 ASN A ND2 1 
HETATM 929 ZN ZN  . ZN  B 2 .   ? -0.505  14.637  -3.049  0.50 44.79 ? 501 ZN  A ZN  1 
HETATM 930 ZN ZN  . ZN  C 2 .   ? -3.622  1.561   -4.233  1.00 40.99 ? 502 ZN  A ZN  1 
# 
